data_4M55
#
_entry.id   4M55
#
_cell.length_a   83.171
_cell.length_b   85.145
_cell.length_c   292.549
_cell.angle_alpha   90.00
_cell.angle_beta   90.00
_cell.angle_gamma   90.00
#
_symmetry.space_group_name_H-M   'P 21 21 21'
#
loop_
_entity.id
_entity.type
_entity.pdbx_description
1 polymer 'UDP-glucuronic acid decarboxylase 1'
2 non-polymer NICOTINAMIDE-ADENINE-DINUCLEOTIDE
3 non-polymer 'PYROPHOSPHATE 2-'
4 non-polymer 'SULFATE ION'
5 non-polymer "URIDINE-5'-DIPHOSPHATE"
#
_entity_poly.entity_id   1
_entity_poly.type   'polypeptide(L)'
_entity_poly.pdbx_seq_one_letter_code
;EKDRKRILITGGAGFVGSHLTDKLMMDGHEVTVVDNFFTGRKRNVEHWIGHENFELINHDVVEPLYIEVDQIYHLASPAS
PPNYMYNPIKTLKTNTIGTLNMLGLAKRVGARLLLASTSEVYGDPEVHPQSEDYWGHVNPIGPRACYDEGKHVAETMCYA
YMKQEGVEVRVARIFNTFGPRMHMNDGRVVSNFILQALQGEPLTVYGSGSQTRAFQYVSDLVNGLVALMNSNVSSPVNLG
NPEEHTILEFAQLIKNLVGSGSEIQFLSEAQDDPQKRKPDIKKAKLMLGWEPVVPLEEGLNKAIHYFRKELEYQANNQYI
PKPKPARIKKGRTRHS
;
_entity_poly.pdbx_strand_id   A,B,C,D,E,F
#
# COMPACT_ATOMS: atom_id res chain seq x y z
N ARG A 4 -33.87 -11.49 13.88
CA ARG A 4 -32.98 -10.49 14.45
C ARG A 4 -31.65 -10.39 13.69
N LYS A 5 -31.18 -9.16 13.46
CA LYS A 5 -30.06 -8.91 12.55
C LYS A 5 -28.83 -8.33 13.24
N ARG A 6 -27.69 -8.40 12.56
CA ARG A 6 -26.45 -7.76 13.04
C ARG A 6 -26.33 -6.34 12.53
N ILE A 7 -26.41 -5.38 13.44
CA ILE A 7 -26.44 -3.98 13.05
C ILE A 7 -25.21 -3.23 13.52
N LEU A 8 -24.65 -2.45 12.61
CA LEU A 8 -23.52 -1.54 12.87
C LEU A 8 -24.00 -0.09 12.89
N ILE A 9 -23.68 0.66 13.93
CA ILE A 9 -24.07 2.07 14.05
C ILE A 9 -22.86 2.99 14.16
N THR A 10 -22.57 3.73 13.09
CA THR A 10 -21.48 4.71 13.18
C THR A 10 -21.92 5.97 13.91
N GLY A 11 -21.13 6.38 14.88
CA GLY A 11 -21.52 7.50 15.72
C GLY A 11 -22.60 7.21 16.76
N GLY A 12 -22.76 5.92 17.07
CA GLY A 12 -23.78 5.46 18.00
C GLY A 12 -23.51 5.83 19.44
N ALA A 13 -22.42 6.54 19.70
CA ALA A 13 -22.11 6.96 21.06
C ALA A 13 -22.47 8.44 21.23
N GLY A 14 -23.23 8.96 20.26
CA GLY A 14 -23.67 10.35 20.29
C GLY A 14 -25.12 10.50 20.68
N PHE A 15 -25.65 11.70 20.52
CA PHE A 15 -27.03 12.02 20.82
C PHE A 15 -28.00 11.07 20.13
N VAL A 16 -28.11 11.16 18.82
CA VAL A 16 -29.09 10.34 18.12
C VAL A 16 -28.68 8.87 18.11
N GLY A 17 -27.40 8.61 17.88
CA GLY A 17 -26.89 7.25 17.79
C GLY A 17 -27.10 6.40 19.03
N SER A 18 -26.98 6.99 20.21
CA SER A 18 -27.11 6.22 21.44
C SER A 18 -28.57 5.83 21.71
N HIS A 19 -29.48 6.73 21.39
CA HIS A 19 -30.90 6.43 21.51
C HIS A 19 -31.31 5.35 20.50
N LEU A 20 -30.75 5.41 19.30
CA LEU A 20 -30.97 4.35 18.32
C LEU A 20 -30.41 3.04 18.86
N THR A 21 -29.23 3.12 19.47
CA THR A 21 -28.56 1.97 20.05
C THR A 21 -29.43 1.30 21.09
N ASP A 22 -30.08 2.10 21.93
CA ASP A 22 -30.98 1.57 22.97
C ASP A 22 -32.06 0.71 22.32
N LYS A 23 -32.78 1.28 21.36
CA LYS A 23 -33.90 0.58 20.74
C LYS A 23 -33.48 -0.71 20.05
N LEU A 24 -32.37 -0.66 19.31
CA LEU A 24 -31.93 -1.84 18.58
C LEU A 24 -31.43 -2.94 19.52
N MET A 25 -30.95 -2.55 20.71
CA MET A 25 -30.52 -3.54 21.70
C MET A 25 -31.75 -4.18 22.36
N MET A 26 -32.77 -3.36 22.59
CA MET A 26 -34.03 -3.82 23.15
C MET A 26 -34.73 -4.83 22.25
N ASP A 27 -34.53 -4.71 20.95
CA ASP A 27 -35.13 -5.61 19.97
C ASP A 27 -34.29 -6.86 19.78
N GLY A 28 -33.19 -6.95 20.51
CA GLY A 28 -32.41 -8.17 20.58
C GLY A 28 -31.40 -8.36 19.47
N HIS A 29 -30.98 -7.25 18.85
CA HIS A 29 -30.03 -7.30 17.74
C HIS A 29 -28.57 -7.29 18.20
N GLU A 30 -27.67 -7.71 17.31
CA GLU A 30 -26.24 -7.61 17.60
C GLU A 30 -25.75 -6.24 17.14
N VAL A 31 -25.81 -5.27 18.05
CA VAL A 31 -25.44 -3.89 17.73
C VAL A 31 -23.94 -3.68 17.90
N THR A 32 -23.31 -3.20 16.83
CA THR A 32 -21.90 -2.83 16.88
C THR A 32 -21.82 -1.31 16.77
N VAL A 33 -21.23 -0.66 17.77
CA VAL A 33 -21.09 0.78 17.74
C VAL A 33 -19.65 1.18 17.42
N VAL A 34 -19.51 2.01 16.38
CA VAL A 34 -18.21 2.55 16.03
C VAL A 34 -18.22 4.06 16.27
N ASP A 35 -17.30 4.51 17.10
CA ASP A 35 -17.24 5.91 17.41
C ASP A 35 -15.82 6.24 17.79
N ASN A 36 -15.41 7.47 17.45
CA ASN A 36 -14.06 7.93 17.81
C ASN A 36 -14.08 8.96 18.94
N PHE A 37 -15.27 9.20 19.50
CA PHE A 37 -15.49 10.07 20.64
C PHE A 37 -15.06 11.49 20.40
N PHE A 38 -15.20 11.94 19.16
CA PHE A 38 -14.84 13.32 18.88
C PHE A 38 -15.88 14.23 19.52
N THR A 39 -17.15 13.91 19.34
CA THR A 39 -18.24 14.66 19.95
C THR A 39 -19.14 13.73 20.74
N GLY A 40 -18.90 12.43 20.62
CA GLY A 40 -19.64 11.45 21.37
C GLY A 40 -18.96 11.15 22.69
N ARG A 41 -19.69 10.52 23.59
CA ARG A 41 -19.18 10.19 24.93
C ARG A 41 -19.51 8.75 25.23
N LYS A 42 -18.57 8.08 25.90
CA LYS A 42 -18.71 6.69 26.21
C LYS A 42 -19.93 6.48 27.08
N ARG A 43 -20.27 7.51 27.86
CA ARG A 43 -21.35 7.42 28.84
C ARG A 43 -22.72 7.18 28.23
N ASN A 44 -22.91 7.57 26.97
CA ASN A 44 -24.20 7.48 26.33
C ASN A 44 -24.57 6.04 26.01
N VAL A 45 -23.60 5.15 26.13
CA VAL A 45 -23.79 3.74 25.82
C VAL A 45 -23.15 2.77 26.84
N GLU A 46 -22.63 3.30 27.94
CA GLU A 46 -21.84 2.49 28.87
C GLU A 46 -22.67 1.42 29.58
N HIS A 47 -23.99 1.61 29.62
CA HIS A 47 -24.89 0.66 30.27
C HIS A 47 -24.94 -0.64 29.49
N TRP A 48 -24.59 -0.57 28.21
CA TRP A 48 -24.59 -1.75 27.34
C TRP A 48 -23.24 -2.46 27.25
N ILE A 49 -22.19 -1.84 27.77
CA ILE A 49 -20.87 -2.47 27.76
C ILE A 49 -20.85 -3.69 28.68
N GLY A 50 -20.59 -4.85 28.11
CA GLY A 50 -20.62 -6.09 28.86
C GLY A 50 -21.71 -7.00 28.36
N HIS A 51 -22.76 -6.42 27.80
CA HIS A 51 -23.87 -7.19 27.27
C HIS A 51 -23.38 -8.02 26.08
N GLU A 52 -23.89 -9.25 25.98
CA GLU A 52 -23.42 -10.23 25.00
C GLU A 52 -23.65 -9.83 23.54
N ASN A 53 -24.73 -9.07 23.28
CA ASN A 53 -25.05 -8.64 21.92
C ASN A 53 -24.58 -7.22 21.58
N PHE A 54 -23.79 -6.64 22.46
CA PHE A 54 -23.27 -5.29 22.24
C PHE A 54 -21.74 -5.23 22.19
N GLU A 55 -21.21 -4.35 21.34
CA GLU A 55 -19.78 -4.13 21.30
C GLU A 55 -19.46 -2.66 20.96
N LEU A 56 -18.55 -2.07 21.71
CA LEU A 56 -18.14 -0.69 21.45
C LEU A 56 -16.73 -0.66 20.91
N ILE A 57 -16.57 -0.10 19.72
CA ILE A 57 -15.25 -0.04 19.11
C ILE A 57 -14.80 1.40 18.96
N ASN A 58 -13.70 1.75 19.61
CA ASN A 58 -13.08 3.06 19.41
C ASN A 58 -12.38 3.11 18.05
N HIS A 59 -13.13 3.54 17.03
CA HIS A 59 -12.66 3.55 15.65
C HIS A 59 -13.03 4.84 14.91
N ASP A 60 -12.20 5.23 13.94
CA ASP A 60 -12.46 6.38 13.09
C ASP A 60 -12.94 5.92 11.68
N VAL A 61 -14.11 6.38 11.27
CA VAL A 61 -14.71 5.94 10.00
C VAL A 61 -13.93 6.43 8.79
N VAL A 62 -12.98 7.31 9.02
CA VAL A 62 -12.05 7.72 7.97
C VAL A 62 -11.11 6.56 7.67
N GLU A 63 -10.84 5.75 8.69
CA GLU A 63 -10.04 4.53 8.53
C GLU A 63 -10.92 3.34 8.15
N PRO A 64 -10.43 2.52 7.21
CA PRO A 64 -11.12 1.30 6.73
C PRO A 64 -11.53 0.39 7.88
N LEU A 65 -12.74 -0.15 7.76
CA LEU A 65 -13.30 -1.01 8.79
C LEU A 65 -13.82 -2.28 8.16
N TYR A 66 -13.44 -3.43 8.71
CA TYR A 66 -13.84 -4.71 8.14
C TYR A 66 -14.58 -5.59 9.14
N ILE A 67 -15.90 -5.54 9.07
CA ILE A 67 -16.75 -6.36 9.90
C ILE A 67 -17.95 -6.90 9.12
N GLU A 68 -18.46 -8.05 9.56
CA GLU A 68 -19.60 -8.66 8.94
C GLU A 68 -20.87 -8.22 9.62
N VAL A 69 -21.67 -7.39 8.96
CA VAL A 69 -22.91 -6.91 9.54
C VAL A 69 -24.04 -7.04 8.52
N ASP A 70 -25.28 -6.87 8.98
CA ASP A 70 -26.46 -6.95 8.12
C ASP A 70 -26.96 -5.55 7.76
N GLN A 71 -27.01 -4.65 8.74
CA GLN A 71 -27.41 -3.26 8.50
C GLN A 71 -26.37 -2.27 8.99
N ILE A 72 -26.33 -1.09 8.37
CA ILE A 72 -25.42 -0.02 8.76
C ILE A 72 -26.15 1.31 8.86
N TYR A 73 -26.28 1.84 10.08
CA TYR A 73 -26.80 3.19 10.30
C TYR A 73 -25.59 4.12 10.36
N HIS A 74 -25.39 4.90 9.31
CA HIS A 74 -24.26 5.82 9.20
C HIS A 74 -24.58 7.20 9.76
N LEU A 75 -24.30 7.40 11.05
CA LEU A 75 -24.64 8.62 11.75
C LEU A 75 -23.39 9.41 12.19
N ALA A 76 -22.20 8.96 11.78
CA ALA A 76 -20.94 9.61 12.15
C ALA A 76 -20.69 10.89 11.37
N SER A 77 -20.96 12.04 12.00
CA SER A 77 -20.64 13.36 11.48
C SER A 77 -20.86 14.36 12.61
N PRO A 78 -19.81 15.08 12.99
CA PRO A 78 -19.87 16.02 14.12
C PRO A 78 -20.86 17.18 13.94
N TYR A 86 -16.16 24.07 13.42
CA TYR A 86 -15.12 23.99 14.45
C TYR A 86 -13.82 23.44 13.85
N ASN A 87 -13.89 22.23 13.33
CA ASN A 87 -12.79 21.62 12.58
C ASN A 87 -13.30 21.16 11.22
N PRO A 88 -13.32 22.07 10.26
CA PRO A 88 -13.91 21.87 8.92
C PRO A 88 -13.24 20.76 8.12
N ILE A 89 -11.91 20.64 8.21
CA ILE A 89 -11.20 19.60 7.48
C ILE A 89 -11.58 18.21 7.98
N LYS A 90 -11.64 18.04 9.29
CA LYS A 90 -11.95 16.73 9.86
C LYS A 90 -13.37 16.35 9.54
N THR A 91 -14.23 17.36 9.46
CA THR A 91 -15.62 17.12 9.13
C THR A 91 -15.80 16.67 7.70
N LEU A 92 -15.14 17.39 6.77
CA LEU A 92 -15.20 17.10 5.35
C LEU A 92 -14.64 15.70 5.07
N LYS A 93 -13.53 15.36 5.73
CA LYS A 93 -12.94 14.04 5.55
C LYS A 93 -13.84 12.96 6.08
N THR A 94 -14.48 13.23 7.21
CA THR A 94 -15.41 12.26 7.78
C THR A 94 -16.63 12.05 6.89
N ASN A 95 -17.16 13.14 6.36
CA ASN A 95 -18.37 13.08 5.57
C ASN A 95 -18.15 12.44 4.22
N THR A 96 -16.92 12.52 3.72
CA THR A 96 -16.62 11.96 2.40
C THR A 96 -15.91 10.62 2.49
N ILE A 97 -14.69 10.63 3.02
CA ILE A 97 -13.91 9.40 3.17
C ILE A 97 -14.62 8.40 4.07
N GLY A 98 -15.26 8.90 5.13
CA GLY A 98 -15.99 8.04 6.02
C GLY A 98 -17.16 7.36 5.33
N THR A 99 -17.94 8.12 4.58
CA THR A 99 -19.11 7.59 3.90
C THR A 99 -18.72 6.64 2.80
N LEU A 100 -17.63 6.95 2.11
CA LEU A 100 -17.15 6.06 1.07
C LEU A 100 -16.80 4.71 1.65
N ASN A 101 -16.16 4.73 2.81
CA ASN A 101 -15.78 3.51 3.50
C ASN A 101 -16.98 2.68 3.91
N MET A 102 -18.01 3.32 4.46
CA MET A 102 -19.19 2.58 4.89
C MET A 102 -19.92 2.02 3.66
N LEU A 103 -19.87 2.74 2.55
CA LEU A 103 -20.47 2.22 1.34
C LEU A 103 -19.63 1.03 0.81
N GLY A 104 -18.32 1.14 0.95
CA GLY A 104 -17.42 0.06 0.59
C GLY A 104 -17.66 -1.17 1.45
N LEU A 105 -17.91 -0.94 2.73
CA LEU A 105 -18.18 -2.02 3.67
C LEU A 105 -19.52 -2.69 3.37
N ALA A 106 -20.55 -1.88 3.13
CA ALA A 106 -21.88 -2.40 2.78
C ALA A 106 -21.81 -3.18 1.48
N LYS A 107 -20.96 -2.75 0.57
CA LYS A 107 -20.78 -3.45 -0.69
C LYS A 107 -20.10 -4.81 -0.47
N ARG A 108 -19.10 -4.81 0.40
CA ARG A 108 -18.30 -6.00 0.64
C ARG A 108 -19.06 -7.10 1.40
N VAL A 109 -19.89 -6.73 2.36
CA VAL A 109 -20.60 -7.69 3.19
C VAL A 109 -22.10 -7.76 2.91
N GLY A 110 -22.55 -7.05 1.88
CA GLY A 110 -23.96 -7.08 1.49
C GLY A 110 -24.92 -6.62 2.55
N ALA A 111 -24.71 -5.40 3.02
CA ALA A 111 -25.49 -4.80 4.09
C ALA A 111 -26.24 -3.56 3.58
N ARG A 112 -27.37 -3.24 4.20
CA ARG A 112 -28.14 -2.05 3.82
C ARG A 112 -27.64 -0.82 4.58
N LEU A 113 -27.44 0.29 3.88
CA LEU A 113 -26.93 1.51 4.51
C LEU A 113 -27.96 2.66 4.54
N LEU A 114 -28.21 3.22 5.73
CA LEU A 114 -29.02 4.42 5.85
C LEU A 114 -28.10 5.56 6.15
N LEU A 115 -28.17 6.58 5.32
CA LEU A 115 -27.40 7.78 5.54
C LEU A 115 -28.27 8.75 6.33
N ALA A 116 -27.73 9.23 7.45
CA ALA A 116 -28.38 10.25 8.24
C ALA A 116 -27.97 11.60 7.67
N SER A 117 -28.71 12.09 6.68
CA SER A 117 -28.40 13.39 6.10
C SER A 117 -29.08 14.49 6.92
N THR A 118 -29.12 15.70 6.38
CA THR A 118 -29.57 16.84 7.14
C THR A 118 -30.54 17.70 6.34
N SER A 119 -31.32 18.50 7.05
CA SER A 119 -32.24 19.42 6.39
C SER A 119 -31.49 20.60 5.76
N GLU A 120 -30.20 20.71 6.08
CA GLU A 120 -29.37 21.80 5.60
C GLU A 120 -29.05 21.67 4.11
N VAL A 121 -29.48 20.58 3.50
CA VAL A 121 -29.26 20.38 2.07
C VAL A 121 -30.30 21.14 1.23
N TYR A 122 -31.18 21.87 1.90
CA TYR A 122 -32.20 22.68 1.22
C TYR A 122 -31.80 24.15 1.08
N GLY A 150 -20.44 18.57 3.01
CA GLY A 150 -20.28 17.23 2.52
C GLY A 150 -21.54 16.38 2.61
N LYS A 151 -22.57 16.85 3.30
CA LYS A 151 -23.77 16.04 3.42
C LYS A 151 -24.51 15.86 2.10
N HIS A 152 -24.47 16.87 1.23
CA HIS A 152 -25.11 16.81 -0.08
C HIS A 152 -24.43 15.74 -0.93
N VAL A 153 -23.10 15.76 -0.95
CA VAL A 153 -22.36 14.78 -1.74
C VAL A 153 -22.42 13.39 -1.09
N ALA A 154 -22.70 13.33 0.22
CA ALA A 154 -22.89 12.03 0.86
C ALA A 154 -24.11 11.34 0.28
N GLU A 155 -25.18 12.10 0.10
CA GLU A 155 -26.37 11.54 -0.52
C GLU A 155 -26.03 10.98 -1.88
N THR A 156 -25.31 11.77 -2.68
CA THR A 156 -24.93 11.34 -4.03
C THR A 156 -24.07 10.07 -4.04
N MET A 157 -23.11 9.99 -3.12
CA MET A 157 -22.23 8.83 -3.05
C MET A 157 -23.04 7.57 -2.81
N CYS A 158 -24.04 7.69 -1.94
CA CYS A 158 -24.92 6.58 -1.67
C CYS A 158 -25.64 6.17 -2.96
N TYR A 159 -26.12 7.14 -3.71
CA TYR A 159 -26.86 6.83 -4.94
C TYR A 159 -25.93 6.37 -6.03
N ALA A 160 -24.67 6.79 -5.97
CA ALA A 160 -23.67 6.29 -6.89
C ALA A 160 -23.46 4.80 -6.68
N TYR A 161 -23.43 4.39 -5.42
CA TYR A 161 -23.23 2.98 -5.14
C TYR A 161 -24.50 2.19 -5.46
N MET A 162 -25.68 2.76 -5.22
CA MET A 162 -26.93 2.10 -5.60
C MET A 162 -27.06 1.90 -7.12
N LYS A 163 -26.91 2.98 -7.86
CA LYS A 163 -27.03 2.95 -9.30
C LYS A 163 -26.01 2.00 -9.91
N GLN A 164 -24.79 2.02 -9.38
CA GLN A 164 -23.70 1.28 -10.01
C GLN A 164 -23.42 -0.10 -9.40
N GLU A 165 -23.45 -0.20 -8.08
CA GLU A 165 -23.08 -1.42 -7.38
C GLU A 165 -24.29 -2.09 -6.70
N GLY A 166 -25.48 -1.56 -6.95
CA GLY A 166 -26.70 -2.16 -6.45
C GLY A 166 -26.79 -2.25 -4.94
N VAL A 167 -26.12 -1.33 -4.26
CA VAL A 167 -26.15 -1.30 -2.80
C VAL A 167 -27.45 -0.69 -2.30
N GLU A 168 -28.15 -1.43 -1.46
CA GLU A 168 -29.39 -0.94 -0.89
C GLU A 168 -29.12 0.26 0.03
N VAL A 169 -29.61 1.44 -0.35
CA VAL A 169 -29.38 2.63 0.46
C VAL A 169 -30.66 3.32 0.94
N ARG A 170 -30.56 4.00 2.07
CA ARG A 170 -31.66 4.80 2.61
C ARG A 170 -31.15 6.18 2.96
N VAL A 171 -31.93 7.20 2.66
CA VAL A 171 -31.48 8.56 2.95
C VAL A 171 -32.53 9.33 3.74
N ALA A 172 -32.20 9.61 5.00
CA ALA A 172 -33.09 10.37 5.85
C ALA A 172 -32.59 11.79 5.95
N ARG A 173 -33.47 12.75 5.65
CA ARG A 173 -33.17 14.16 5.83
C ARG A 173 -33.71 14.63 7.18
N ILE A 174 -32.81 14.65 8.16
CA ILE A 174 -33.14 14.92 9.54
C ILE A 174 -33.23 16.41 9.84
N PHE A 175 -34.34 16.82 10.46
CA PHE A 175 -34.54 18.21 10.85
C PHE A 175 -34.21 18.37 12.34
N ASN A 176 -34.37 19.58 12.87
CA ASN A 176 -34.02 19.87 14.27
C ASN A 176 -34.55 18.84 15.26
N THR A 177 -33.64 18.25 16.03
CA THR A 177 -34.00 17.23 17.02
C THR A 177 -33.44 17.52 18.42
N PHE A 178 -34.27 17.32 19.46
CA PHE A 178 -33.88 17.58 20.84
C PHE A 178 -34.16 16.40 21.76
N GLY A 179 -33.58 16.43 22.95
CA GLY A 179 -33.76 15.35 23.92
C GLY A 179 -32.57 15.11 24.81
N PRO A 180 -32.66 14.09 25.68
CA PRO A 180 -31.52 13.76 26.55
C PRO A 180 -30.26 13.38 25.75
N ARG A 181 -29.07 13.64 26.32
CA ARG A 181 -27.77 13.35 25.71
C ARG A 181 -27.43 14.29 24.54
N MET A 182 -28.24 15.33 24.36
CA MET A 182 -28.01 16.28 23.29
C MET A 182 -26.90 17.23 23.74
N HIS A 183 -26.27 17.87 22.77
CA HIS A 183 -25.26 18.88 23.03
C HIS A 183 -25.93 20.12 23.56
N MET A 184 -25.58 20.51 24.79
CA MET A 184 -26.24 21.62 25.47
C MET A 184 -25.83 23.00 24.94
N ASN A 185 -24.58 23.10 24.49
CA ASN A 185 -24.03 24.35 23.99
C ASN A 185 -23.92 24.39 22.47
N ASP A 186 -24.96 23.95 21.78
CA ASP A 186 -24.99 23.98 20.32
C ASP A 186 -25.56 25.33 19.84
N GLY A 187 -25.74 26.25 20.78
CA GLY A 187 -26.17 27.60 20.47
C GLY A 187 -27.58 27.70 19.92
N ARG A 188 -28.26 26.55 19.83
CA ARG A 188 -29.61 26.51 19.29
C ARG A 188 -30.62 27.06 20.28
N VAL A 189 -31.73 27.59 19.76
CA VAL A 189 -32.66 28.34 20.57
C VAL A 189 -33.31 27.52 21.71
N VAL A 190 -33.58 26.24 21.48
CA VAL A 190 -34.23 25.44 22.53
C VAL A 190 -33.26 25.11 23.66
N SER A 191 -32.01 24.79 23.33
CA SER A 191 -31.01 24.50 24.34
C SER A 191 -30.70 25.71 25.21
N ASN A 192 -30.60 26.90 24.61
CA ASN A 192 -30.28 28.11 25.35
C ASN A 192 -31.32 28.48 26.40
N PHE A 193 -32.58 28.31 26.04
CA PHE A 193 -33.67 28.66 26.94
C PHE A 193 -33.67 27.74 28.15
N ILE A 194 -33.41 26.46 27.92
CA ILE A 194 -33.34 25.52 29.02
C ILE A 194 -32.18 25.83 29.94
N LEU A 195 -31.01 26.09 29.35
CA LEU A 195 -29.82 26.43 30.11
C LEU A 195 -30.05 27.67 30.95
N GLN A 196 -30.44 28.76 30.28
CA GLN A 196 -30.69 30.00 30.98
C GLN A 196 -31.73 29.84 32.06
N ALA A 197 -32.76 29.04 31.82
CA ALA A 197 -33.81 28.85 32.82
C ALA A 197 -33.29 28.11 34.03
N LEU A 198 -32.45 27.10 33.79
CA LEU A 198 -31.93 26.28 34.87
C LEU A 198 -30.96 27.04 35.79
N GLN A 199 -30.29 28.05 35.24
CA GLN A 199 -29.30 28.82 36.01
C GLN A 199 -29.88 30.14 36.53
N GLY A 200 -31.18 30.33 36.34
CA GLY A 200 -31.86 31.53 36.79
C GLY A 200 -31.55 32.78 35.98
N GLU A 201 -30.85 32.61 34.87
CA GLU A 201 -30.51 33.71 33.98
C GLU A 201 -31.74 34.13 33.19
N PRO A 202 -31.78 35.40 32.75
CA PRO A 202 -32.90 35.87 31.94
C PRO A 202 -32.95 35.18 30.56
N LEU A 203 -34.16 34.89 30.08
CA LEU A 203 -34.31 34.27 28.77
C LEU A 203 -34.27 35.32 27.67
N THR A 204 -33.13 35.37 26.97
CA THR A 204 -32.91 36.33 25.89
C THR A 204 -33.57 35.89 24.58
N VAL A 205 -34.42 36.76 24.02
CA VAL A 205 -35.11 36.44 22.78
C VAL A 205 -34.73 37.36 21.61
N GLN A 211 -40.77 34.57 14.77
CA GLN A 211 -40.27 33.46 13.98
C GLN A 211 -40.56 32.11 14.62
N THR A 212 -40.78 31.10 13.78
CA THR A 212 -41.18 29.78 14.24
C THR A 212 -40.05 28.74 14.16
N ARG A 213 -40.07 27.79 15.09
CA ARG A 213 -39.10 26.71 15.14
C ARG A 213 -39.79 25.36 15.26
N ALA A 214 -39.31 24.41 14.48
CA ALA A 214 -39.86 23.06 14.51
C ALA A 214 -38.85 22.10 15.13
N PHE A 215 -39.28 21.40 16.18
CA PHE A 215 -38.42 20.48 16.93
C PHE A 215 -39.11 19.15 17.17
N GLN A 216 -38.37 18.07 16.99
CA GLN A 216 -38.88 16.72 17.25
C GLN A 216 -38.12 16.06 18.40
N TYR A 217 -38.81 15.24 19.19
CA TYR A 217 -38.15 14.50 20.25
C TYR A 217 -37.31 13.37 19.64
N VAL A 218 -36.24 12.99 20.33
CA VAL A 218 -35.26 12.10 19.74
C VAL A 218 -35.80 10.69 19.42
N SER A 219 -36.75 10.22 20.24
CA SER A 219 -37.31 8.88 20.06
C SER A 219 -38.20 8.83 18.80
N ASP A 220 -38.76 9.98 18.44
CA ASP A 220 -39.52 10.09 17.20
C ASP A 220 -38.63 9.89 16.01
N LEU A 221 -37.51 10.60 16.01
CA LEU A 221 -36.52 10.44 14.98
C LEU A 221 -36.05 9.00 14.93
N VAL A 222 -35.78 8.42 16.09
CA VAL A 222 -35.27 7.04 16.14
C VAL A 222 -36.29 6.07 15.53
N ASN A 223 -37.56 6.25 15.84
CA ASN A 223 -38.59 5.45 15.21
C ASN A 223 -38.57 5.65 13.69
N GLY A 224 -38.40 6.91 13.27
CA GLY A 224 -38.34 7.27 11.87
C GLY A 224 -37.19 6.64 11.14
N LEU A 225 -36.02 6.59 11.78
CA LEU A 225 -34.84 6.01 11.13
C LEU A 225 -35.06 4.51 10.91
N VAL A 226 -35.53 3.84 11.96
CA VAL A 226 -35.80 2.41 11.91
C VAL A 226 -36.90 2.10 10.91
N ALA A 227 -37.91 2.97 10.86
CA ALA A 227 -38.98 2.85 9.88
C ALA A 227 -38.41 2.94 8.48
N LEU A 228 -37.60 3.96 8.24
CA LEU A 228 -37.03 4.17 6.93
C LEU A 228 -36.06 3.05 6.57
N MET A 229 -35.29 2.60 7.56
CA MET A 229 -34.25 1.62 7.30
C MET A 229 -34.85 0.35 6.73
N ASN A 230 -35.95 -0.10 7.32
CA ASN A 230 -36.58 -1.36 6.95
C ASN A 230 -37.70 -1.22 5.94
N SER A 231 -37.87 0.00 5.43
CA SER A 231 -38.83 0.23 4.38
C SER A 231 -38.20 -0.10 3.04
N ASN A 232 -38.91 0.21 1.96
CA ASN A 232 -38.38 0.02 0.60
C ASN A 232 -38.23 1.35 -0.11
N VAL A 233 -38.31 2.43 0.65
CA VAL A 233 -38.12 3.78 0.11
C VAL A 233 -36.65 4.18 0.07
N SER A 234 -36.08 4.20 -1.14
CA SER A 234 -34.68 4.53 -1.30
C SER A 234 -34.43 5.99 -1.68
N SER A 235 -35.50 6.71 -2.01
CA SER A 235 -35.40 8.14 -2.25
C SER A 235 -35.38 8.87 -0.89
N PRO A 236 -34.85 10.10 -0.86
CA PRO A 236 -34.69 10.85 0.40
C PRO A 236 -36.01 11.10 1.10
N VAL A 237 -35.99 11.03 2.42
CA VAL A 237 -37.20 11.24 3.21
C VAL A 237 -37.01 12.21 4.37
N ASN A 238 -37.86 13.24 4.40
CA ASN A 238 -37.85 14.19 5.51
C ASN A 238 -38.32 13.58 6.83
N LEU A 239 -37.46 13.65 7.84
CA LEU A 239 -37.83 13.25 9.17
C LEU A 239 -37.70 14.43 10.10
N GLY A 240 -38.79 15.13 10.32
CA GLY A 240 -38.78 16.29 11.18
C GLY A 240 -40.17 16.47 11.75
N ASN A 241 -40.33 17.45 12.64
CA ASN A 241 -41.64 17.67 13.20
C ASN A 241 -42.27 18.93 12.60
N PRO A 242 -43.34 18.77 11.79
CA PRO A 242 -43.92 19.92 11.11
C PRO A 242 -44.65 20.87 12.06
N GLU A 243 -45.00 20.37 13.23
CA GLU A 243 -45.65 21.17 14.25
C GLU A 243 -44.70 22.26 14.75
N GLU A 244 -44.98 23.49 14.37
CA GLU A 244 -44.13 24.61 14.75
C GLU A 244 -44.66 25.41 15.94
N HIS A 245 -43.74 26.12 16.59
CA HIS A 245 -44.10 27.05 17.64
C HIS A 245 -43.18 28.25 17.56
N THR A 246 -43.67 29.42 17.97
CA THR A 246 -42.87 30.64 17.93
C THR A 246 -41.75 30.58 18.95
N ILE A 247 -40.72 31.38 18.73
CA ILE A 247 -39.60 31.48 19.66
C ILE A 247 -40.09 31.80 21.07
N LEU A 248 -40.99 32.80 21.17
CA LEU A 248 -41.52 33.22 22.47
C LEU A 248 -42.33 32.13 23.15
N GLU A 249 -42.98 31.31 22.34
CA GLU A 249 -43.84 30.25 22.85
C GLU A 249 -43.02 29.21 23.58
N PHE A 250 -41.84 28.92 23.02
CA PHE A 250 -40.92 27.96 23.64
C PHE A 250 -40.36 28.54 24.93
N ALA A 251 -40.04 29.84 24.91
CA ALA A 251 -39.51 30.52 26.09
C ALA A 251 -40.49 30.39 27.25
N GLN A 252 -41.77 30.63 26.95
CA GLN A 252 -42.80 30.59 27.96
C GLN A 252 -43.13 29.18 28.45
N LEU A 253 -43.07 28.21 27.55
CA LEU A 253 -43.35 26.82 27.90
C LEU A 253 -42.25 26.19 28.76
N ILE A 254 -41.00 26.36 28.33
CA ILE A 254 -39.85 25.83 29.05
C ILE A 254 -39.71 26.43 30.45
N LYS A 255 -39.94 27.74 30.57
CA LYS A 255 -39.91 28.44 31.85
C LYS A 255 -40.85 27.80 32.86
N ASN A 256 -42.06 27.48 32.43
CA ASN A 256 -43.04 26.86 33.31
C ASN A 256 -42.64 25.44 33.70
N LEU A 257 -42.13 24.68 32.73
CA LEU A 257 -41.77 23.28 32.93
C LEU A 257 -40.55 23.10 33.83
N VAL A 258 -39.70 24.13 33.90
CA VAL A 258 -38.50 24.11 34.75
C VAL A 258 -38.82 24.54 36.20
N GLY A 259 -39.64 25.58 36.33
CA GLY A 259 -39.96 26.11 37.65
C GLY A 259 -38.94 27.17 38.03
N SER A 260 -38.62 28.05 37.09
CA SER A 260 -37.64 29.11 37.33
C SER A 260 -38.28 30.49 37.29
N GLY A 261 -37.64 31.44 37.96
CA GLY A 261 -38.12 32.81 37.95
C GLY A 261 -37.38 33.67 36.95
N SER A 262 -37.03 33.08 35.81
CA SER A 262 -36.26 33.78 34.78
C SER A 262 -37.06 34.85 34.03
N GLU A 263 -36.38 35.93 33.68
CA GLU A 263 -37.02 37.05 32.99
C GLU A 263 -36.86 36.91 31.49
N ILE A 264 -37.85 37.39 30.75
CA ILE A 264 -37.77 37.40 29.29
C ILE A 264 -37.41 38.80 28.81
N GLN A 265 -36.28 38.91 28.12
CA GLN A 265 -35.79 40.20 27.64
C GLN A 265 -35.67 40.27 26.11
N PHE A 266 -35.63 41.48 25.57
CA PHE A 266 -35.55 41.70 24.13
C PHE A 266 -34.39 42.59 23.75
N ARG A 277 -37.24 27.02 8.04
CA ARG A 277 -37.57 26.01 7.03
C ARG A 277 -38.47 24.90 7.62
N LYS A 278 -39.78 25.00 7.40
CA LYS A 278 -40.74 24.02 7.94
C LYS A 278 -40.76 22.68 7.20
N PRO A 279 -40.50 21.57 7.93
CA PRO A 279 -40.42 20.23 7.33
C PRO A 279 -41.77 19.71 6.83
N ASP A 280 -41.81 19.36 5.56
CA ASP A 280 -43.00 18.75 4.96
C ASP A 280 -42.83 17.24 4.91
N ILE A 281 -43.63 16.55 5.72
CA ILE A 281 -43.47 15.11 5.89
C ILE A 281 -44.61 14.29 5.30
N LYS A 282 -45.31 14.85 4.31
CA LYS A 282 -46.45 14.12 3.71
C LYS A 282 -45.95 12.86 3.02
N LYS A 283 -44.69 12.85 2.63
CA LYS A 283 -44.12 11.64 2.05
C LYS A 283 -43.92 10.57 3.13
N ALA A 284 -43.39 10.95 4.28
CA ALA A 284 -43.18 10.02 5.37
C ALA A 284 -44.50 9.50 5.90
N LYS A 285 -45.50 10.36 5.94
CA LYS A 285 -46.84 9.99 6.41
C LYS A 285 -47.43 8.87 5.54
N LEU A 286 -47.16 8.95 4.25
CA LEU A 286 -47.74 8.05 3.25
C LEU A 286 -46.89 6.81 2.99
N MET A 287 -45.59 7.00 2.86
CA MET A 287 -44.74 5.86 2.54
C MET A 287 -44.39 5.06 3.78
N LEU A 288 -44.25 5.73 4.92
CA LEU A 288 -43.83 5.03 6.13
C LEU A 288 -44.94 4.84 7.17
N GLY A 289 -45.99 5.66 7.11
CA GLY A 289 -46.96 5.65 8.17
C GLY A 289 -46.25 6.17 9.40
N TRP A 290 -45.40 7.17 9.22
CA TRP A 290 -44.63 7.69 10.34
C TRP A 290 -45.02 9.13 10.59
N GLU A 291 -45.09 9.49 11.87
CA GLU A 291 -45.26 10.86 12.34
C GLU A 291 -44.87 10.93 13.81
N PRO A 292 -44.40 12.11 14.27
CA PRO A 292 -44.08 12.30 15.69
C PRO A 292 -45.31 12.10 16.60
N VAL A 293 -45.17 11.19 17.58
CA VAL A 293 -46.25 10.85 18.49
C VAL A 293 -45.94 11.27 19.91
N VAL A 294 -44.70 11.70 20.15
CA VAL A 294 -44.32 12.14 21.49
C VAL A 294 -44.65 13.62 21.64
N PRO A 295 -45.60 13.95 22.55
CA PRO A 295 -46.00 15.33 22.79
C PRO A 295 -44.83 16.23 23.17
N LEU A 296 -44.97 17.52 22.91
CA LEU A 296 -43.91 18.49 23.19
C LEU A 296 -43.58 18.53 24.68
N GLU A 297 -44.62 18.46 25.51
CA GLU A 297 -44.46 18.50 26.95
C GLU A 297 -43.67 17.33 27.52
N GLU A 298 -43.99 16.12 27.08
CA GLU A 298 -43.30 14.92 27.57
C GLU A 298 -41.82 14.92 27.20
N GLY A 299 -41.52 15.33 25.96
CA GLY A 299 -40.17 15.37 25.45
C GLY A 299 -39.32 16.45 26.10
N LEU A 300 -39.89 17.63 26.27
CA LEU A 300 -39.18 18.74 26.90
C LEU A 300 -38.83 18.39 28.33
N ASN A 301 -39.76 17.75 29.05
CA ASN A 301 -39.51 17.35 30.43
C ASN A 301 -38.31 16.41 30.55
N LYS A 302 -38.21 15.41 29.67
CA LYS A 302 -37.09 14.46 29.74
C LYS A 302 -35.80 15.16 29.46
N ALA A 303 -35.84 16.12 28.53
CA ALA A 303 -34.66 16.91 28.16
C ALA A 303 -34.28 17.87 29.28
N ILE A 304 -35.26 18.52 29.90
CA ILE A 304 -34.99 19.42 31.00
C ILE A 304 -34.32 18.64 32.12
N HIS A 305 -34.79 17.42 32.34
CA HIS A 305 -34.22 16.55 33.36
C HIS A 305 -32.72 16.28 33.12
N TYR A 306 -32.38 15.93 31.87
CA TYR A 306 -31.00 15.66 31.50
C TYR A 306 -30.09 16.88 31.70
N PHE A 307 -30.55 18.04 31.23
CA PHE A 307 -29.81 19.28 31.39
C PHE A 307 -29.61 19.57 32.87
N ARG A 308 -30.67 19.36 33.66
CA ARG A 308 -30.65 19.61 35.09
C ARG A 308 -29.65 18.68 35.76
N LYS A 309 -29.63 17.43 35.32
CA LYS A 309 -28.71 16.44 35.85
C LYS A 309 -27.26 16.81 35.55
N GLU A 310 -27.02 17.36 34.36
CA GLU A 310 -25.68 17.72 33.93
C GLU A 310 -25.13 18.96 34.67
N LEU A 311 -25.98 19.97 34.83
CA LEU A 311 -25.58 21.23 35.45
C LEU A 311 -25.24 21.06 36.94
N GLU A 312 -25.92 20.13 37.61
CA GLU A 312 -25.66 19.83 39.01
C GLU A 312 -24.34 19.09 39.19
N TYR A 313 -23.98 18.30 38.20
CA TYR A 313 -22.73 17.56 38.21
C TYR A 313 -21.50 18.47 38.04
N GLN A 314 -21.72 19.68 37.50
CA GLN A 314 -20.63 20.63 37.32
C GLN A 314 -20.48 21.61 38.51
N ALA A 315 -20.85 21.15 39.70
CA ALA A 315 -20.78 21.97 40.90
C ALA A 315 -20.04 21.23 42.01
N ARG B 4 11.34 31.22 -12.24
CA ARG B 4 10.74 30.05 -12.89
C ARG B 4 10.47 28.93 -11.89
N LYS B 5 9.30 28.30 -12.01
CA LYS B 5 8.77 27.46 -10.96
C LYS B 5 8.61 25.96 -11.30
N ARG B 6 8.53 25.13 -10.25
CA ARG B 6 8.22 23.73 -10.41
C ARG B 6 6.71 23.56 -10.30
N ILE B 7 6.08 23.22 -11.41
CA ILE B 7 4.63 23.17 -11.44
C ILE B 7 4.16 21.75 -11.68
N LEU B 8 3.16 21.32 -10.91
CA LEU B 8 2.48 20.04 -11.11
C LEU B 8 1.10 20.20 -11.76
N ILE B 9 0.80 19.43 -12.80
CA ILE B 9 -0.55 19.50 -13.35
C ILE B 9 -1.28 18.16 -13.36
N THR B 10 -2.21 17.96 -12.44
CA THR B 10 -3.01 16.74 -12.41
C THR B 10 -4.00 16.88 -13.51
N GLY B 11 -4.22 15.81 -14.22
CA GLY B 11 -5.13 15.85 -15.35
C GLY B 11 -4.53 16.61 -16.51
N GLY B 12 -3.22 16.80 -16.46
CA GLY B 12 -2.49 17.54 -17.46
C GLY B 12 -2.36 16.86 -18.82
N ALA B 13 -2.91 15.67 -19.00
CA ALA B 13 -2.83 15.01 -20.27
C ALA B 13 -4.17 15.10 -21.00
N GLY B 14 -5.02 16.00 -20.51
CA GLY B 14 -6.34 16.12 -21.09
C GLY B 14 -6.43 17.33 -21.96
N PHE B 15 -7.65 17.68 -22.36
CA PHE B 15 -7.94 18.87 -23.14
C PHE B 15 -7.32 20.13 -22.54
N VAL B 16 -7.82 20.55 -21.38
CA VAL B 16 -7.33 21.80 -20.84
C VAL B 16 -5.92 21.67 -20.29
N GLY B 17 -5.66 20.60 -19.57
CA GLY B 17 -4.35 20.41 -18.95
C GLY B 17 -3.17 20.38 -19.90
N SER B 18 -3.36 19.82 -21.09
CA SER B 18 -2.26 19.71 -22.04
C SER B 18 -1.94 21.06 -22.66
N HIS B 19 -2.98 21.85 -22.94
CA HIS B 19 -2.79 23.21 -23.44
C HIS B 19 -2.15 24.09 -22.38
N LEU B 20 -2.55 23.89 -21.13
CA LEU B 20 -1.90 24.54 -20.02
C LEU B 20 -0.45 24.09 -19.95
N THR B 21 -0.20 22.81 -20.16
CA THR B 21 1.15 22.26 -20.14
C THR B 21 2.06 22.88 -21.21
N ASP B 22 1.51 23.06 -22.40
CA ASP B 22 2.25 23.69 -23.48
C ASP B 22 2.73 25.05 -22.99
N LYS B 23 1.79 25.86 -22.49
CA LYS B 23 2.10 27.22 -22.10
C LYS B 23 3.14 27.26 -20.99
N LEU B 24 2.98 26.44 -19.96
CA LEU B 24 3.95 26.48 -18.88
C LEU B 24 5.33 25.98 -19.28
N MET B 25 5.39 25.11 -20.29
CA MET B 25 6.67 24.61 -20.74
C MET B 25 7.41 25.66 -21.54
N MET B 26 6.66 26.36 -22.40
CA MET B 26 7.20 27.44 -23.23
C MET B 26 7.73 28.57 -22.35
N ASP B 27 7.16 28.75 -21.17
CA ASP B 27 7.59 29.81 -20.26
C ASP B 27 8.80 29.40 -19.44
N GLY B 28 9.26 28.17 -19.64
CA GLY B 28 10.48 27.66 -19.03
C GLY B 28 10.32 27.07 -17.65
N HIS B 29 9.14 26.58 -17.32
CA HIS B 29 8.95 25.99 -16.01
C HIS B 29 9.22 24.49 -15.98
N GLU B 30 9.47 23.95 -14.79
CA GLU B 30 9.60 22.52 -14.64
C GLU B 30 8.24 21.90 -14.40
N VAL B 31 7.57 21.57 -15.48
CA VAL B 31 6.23 21.02 -15.43
C VAL B 31 6.24 19.52 -15.25
N THR B 32 5.53 19.05 -14.23
CA THR B 32 5.24 17.64 -14.02
C THR B 32 3.78 17.34 -14.26
N VAL B 33 3.50 16.41 -15.19
CA VAL B 33 2.11 16.00 -15.42
C VAL B 33 1.78 14.67 -14.78
N VAL B 34 0.76 14.68 -13.92
CA VAL B 34 0.20 13.48 -13.29
C VAL B 34 -1.20 13.20 -13.80
N ASP B 35 -1.35 12.01 -14.40
CA ASP B 35 -2.56 11.61 -15.08
C ASP B 35 -2.67 10.08 -15.09
N ASN B 36 -3.90 9.56 -15.09
CA ASN B 36 -4.17 8.13 -15.08
C ASN B 36 -4.75 7.66 -16.45
N PHE B 37 -4.84 8.61 -17.37
CA PHE B 37 -5.27 8.43 -18.74
C PHE B 37 -6.66 7.85 -18.81
N PHE B 38 -7.51 8.19 -17.85
CA PHE B 38 -8.88 7.70 -17.83
C PHE B 38 -9.66 8.40 -18.96
N THR B 39 -9.45 9.70 -19.13
CA THR B 39 -10.02 10.42 -20.27
C THR B 39 -8.97 11.20 -21.00
N GLY B 40 -7.77 11.25 -20.44
CA GLY B 40 -6.67 11.92 -21.09
C GLY B 40 -5.93 10.98 -22.00
N ARG B 41 -5.11 11.56 -22.86
CA ARG B 41 -4.37 10.83 -23.87
C ARG B 41 -2.93 11.26 -23.82
N LYS B 42 -2.03 10.31 -23.90
CA LYS B 42 -0.59 10.56 -23.89
C LYS B 42 -0.17 11.47 -25.08
N ARG B 43 -0.89 11.40 -26.21
CA ARG B 43 -0.57 12.16 -27.42
C ARG B 43 -0.67 13.67 -27.15
N ASN B 44 -1.47 14.02 -26.16
CA ASN B 44 -1.72 15.41 -25.86
C ASN B 44 -0.47 16.07 -25.28
N VAL B 45 0.46 15.26 -24.82
CA VAL B 45 1.66 15.82 -24.19
C VAL B 45 2.93 15.14 -24.60
N GLU B 46 2.85 14.24 -25.57
CA GLU B 46 3.99 13.39 -25.91
C GLU B 46 5.14 14.21 -26.49
N HIS B 47 4.84 15.41 -26.98
CA HIS B 47 5.87 16.27 -27.55
C HIS B 47 6.88 16.78 -26.52
N TRP B 48 6.49 16.75 -25.24
CA TRP B 48 7.36 17.24 -24.16
C TRP B 48 8.14 16.10 -23.53
N ILE B 49 7.80 14.88 -23.88
CA ILE B 49 8.47 13.71 -23.33
C ILE B 49 9.92 13.62 -23.85
N GLY B 50 10.85 13.72 -22.91
CA GLY B 50 12.28 13.73 -23.23
C GLY B 50 12.92 15.04 -22.84
N HIS B 51 12.12 16.10 -22.83
CA HIS B 51 12.59 17.41 -22.43
C HIS B 51 12.97 17.43 -20.96
N GLU B 52 14.07 18.12 -20.64
CA GLU B 52 14.64 18.08 -19.29
C GLU B 52 13.71 18.61 -18.19
N ASN B 53 12.83 19.53 -18.56
CA ASN B 53 11.93 20.12 -17.58
C ASN B 53 10.56 19.47 -17.56
N PHE B 54 10.38 18.36 -18.26
CA PHE B 54 9.08 17.71 -18.26
C PHE B 54 9.14 16.28 -17.70
N GLU B 55 8.07 15.89 -17.00
CA GLU B 55 7.95 14.55 -16.49
C GLU B 55 6.48 14.16 -16.55
N LEU B 56 6.23 12.99 -17.09
CA LEU B 56 4.87 12.44 -17.20
C LEU B 56 4.75 11.26 -16.28
N ILE B 57 3.79 11.33 -15.36
CA ILE B 57 3.58 10.24 -14.40
C ILE B 57 2.20 9.64 -14.56
N ASN B 58 2.19 8.33 -14.81
CA ASN B 58 0.95 7.56 -14.80
C ASN B 58 0.55 7.37 -13.35
N HIS B 59 -0.24 8.29 -12.79
CA HIS B 59 -0.63 8.23 -11.37
C HIS B 59 -2.11 8.53 -11.21
N ASP B 60 -2.76 7.93 -10.19
CA ASP B 60 -4.16 8.25 -9.87
C ASP B 60 -4.19 9.14 -8.64
N VAL B 61 -4.87 10.29 -8.74
CA VAL B 61 -4.81 11.24 -7.62
C VAL B 61 -5.52 10.71 -6.35
N VAL B 62 -6.30 9.64 -6.49
CA VAL B 62 -6.88 8.92 -5.37
C VAL B 62 -5.79 8.26 -4.53
N GLU B 63 -4.68 7.91 -5.16
CA GLU B 63 -3.55 7.42 -4.38
C GLU B 63 -2.66 8.59 -3.99
N PRO B 64 -2.18 8.59 -2.75
CA PRO B 64 -1.28 9.65 -2.26
C PRO B 64 -0.08 9.90 -3.16
N LEU B 65 0.28 11.17 -3.33
CA LEU B 65 1.43 11.53 -4.16
C LEU B 65 2.39 12.45 -3.41
N TYR B 66 3.67 12.14 -3.44
CA TYR B 66 4.66 12.93 -2.71
C TYR B 66 5.76 13.46 -3.62
N ILE B 67 5.59 14.69 -4.09
CA ILE B 67 6.56 15.33 -4.99
C ILE B 67 6.77 16.80 -4.57
N GLU B 68 7.95 17.35 -4.77
CA GLU B 68 8.20 18.74 -4.34
C GLU B 68 7.95 19.74 -5.44
N VAL B 69 6.87 20.50 -5.31
CA VAL B 69 6.48 21.48 -6.31
C VAL B 69 6.14 22.83 -5.66
N ASP B 70 6.00 23.86 -6.48
CA ASP B 70 5.66 25.17 -5.99
C ASP B 70 4.19 25.48 -6.20
N GLN B 71 3.70 25.16 -7.38
CA GLN B 71 2.31 25.42 -7.70
C GLN B 71 1.66 24.09 -8.10
N ILE B 72 0.34 23.97 -7.89
CA ILE B 72 -0.44 22.78 -8.29
C ILE B 72 -1.70 23.17 -9.02
N TYR B 73 -1.79 22.83 -10.31
CA TYR B 73 -3.02 22.99 -11.05
C TYR B 73 -3.82 21.70 -11.00
N HIS B 74 -4.88 21.67 -10.22
CA HIS B 74 -5.67 20.46 -10.03
C HIS B 74 -6.79 20.40 -11.06
N LEU B 75 -6.54 19.75 -12.18
CA LEU B 75 -7.52 19.67 -13.27
C LEU B 75 -8.07 18.22 -13.42
N ALA B 76 -7.68 17.35 -12.49
CA ALA B 76 -8.01 15.91 -12.51
C ALA B 76 -9.47 15.61 -12.22
N SER B 77 -10.24 15.40 -13.26
CA SER B 77 -11.64 15.05 -13.15
C SER B 77 -12.16 14.56 -14.48
N PRO B 78 -12.62 13.30 -14.52
CA PRO B 78 -13.15 12.72 -15.75
C PRO B 78 -14.41 13.45 -16.21
N ALA B 79 -14.78 13.31 -17.47
CA ALA B 79 -15.96 13.99 -17.99
C ALA B 79 -17.13 13.02 -18.18
N SER B 80 -18.31 13.58 -18.39
CA SER B 80 -19.53 12.78 -18.54
C SER B 80 -20.14 12.90 -19.94
N PRO B 81 -20.22 11.77 -20.68
CA PRO B 81 -20.76 11.73 -22.04
C PRO B 81 -22.21 12.19 -22.12
N TYR B 86 -20.73 8.43 -16.32
CA TYR B 86 -20.28 7.13 -16.83
C TYR B 86 -19.95 6.17 -15.71
N ASN B 87 -18.96 6.56 -14.91
CA ASN B 87 -18.59 5.82 -13.71
C ASN B 87 -18.63 6.75 -12.52
N PRO B 88 -19.83 6.91 -11.93
CA PRO B 88 -20.03 7.91 -10.87
C PRO B 88 -19.15 7.69 -9.64
N ILE B 89 -18.88 6.44 -9.26
CA ILE B 89 -18.08 6.21 -8.05
C ILE B 89 -16.66 6.72 -8.24
N LYS B 90 -16.08 6.46 -9.41
CA LYS B 90 -14.71 6.88 -9.68
C LYS B 90 -14.64 8.41 -9.85
N THR B 91 -15.73 8.99 -10.34
CA THR B 91 -15.77 10.45 -10.51
C THR B 91 -15.79 11.10 -9.14
N LEU B 92 -16.70 10.63 -8.29
CA LEU B 92 -16.86 11.13 -6.93
C LEU B 92 -15.63 10.90 -6.09
N LYS B 93 -15.00 9.73 -6.23
CA LYS B 93 -13.79 9.45 -5.47
C LYS B 93 -12.66 10.36 -5.95
N THR B 94 -12.58 10.61 -7.27
CA THR B 94 -11.54 11.48 -7.80
C THR B 94 -11.70 12.91 -7.33
N ASN B 95 -12.93 13.40 -7.34
CA ASN B 95 -13.20 14.79 -6.95
C ASN B 95 -13.02 15.07 -5.44
N THR B 96 -13.22 14.05 -4.62
CA THR B 96 -13.13 14.22 -3.19
C THR B 96 -11.78 13.72 -2.63
N ILE B 97 -11.51 12.43 -2.73
CA ILE B 97 -10.24 11.87 -2.27
C ILE B 97 -9.08 12.45 -3.08
N GLY B 98 -9.33 12.68 -4.37
CA GLY B 98 -8.32 13.27 -5.22
C GLY B 98 -7.96 14.68 -4.76
N THR B 99 -8.96 15.50 -4.46
CA THR B 99 -8.69 16.87 -4.02
C THR B 99 -8.01 16.88 -2.65
N LEU B 100 -8.50 16.04 -1.75
CA LEU B 100 -7.92 15.93 -0.41
C LEU B 100 -6.46 15.52 -0.47
N ASN B 101 -6.14 14.61 -1.40
CA ASN B 101 -4.75 14.18 -1.58
C ASN B 101 -3.89 15.34 -2.05
N MET B 102 -4.40 16.11 -3.01
CA MET B 102 -3.63 17.25 -3.48
C MET B 102 -3.58 18.38 -2.45
N LEU B 103 -4.62 18.54 -1.63
CA LEU B 103 -4.57 19.59 -0.63
C LEU B 103 -3.55 19.20 0.42
N GLY B 104 -3.51 17.92 0.75
CA GLY B 104 -2.51 17.41 1.67
C GLY B 104 -1.09 17.60 1.17
N LEU B 105 -0.90 17.40 -0.14
CA LEU B 105 0.41 17.59 -0.73
C LEU B 105 0.79 19.07 -0.66
N ALA B 106 -0.15 19.92 -1.06
CA ALA B 106 0.08 21.36 -1.08
C ALA B 106 0.41 21.87 0.32
N LYS B 107 -0.25 21.33 1.33
CA LYS B 107 0.06 21.69 2.70
C LYS B 107 1.45 21.18 3.09
N ARG B 108 1.80 19.98 2.64
CA ARG B 108 3.03 19.32 3.10
C ARG B 108 4.29 19.98 2.54
N VAL B 109 4.21 20.44 1.28
CA VAL B 109 5.36 21.01 0.59
C VAL B 109 5.28 22.54 0.40
N GLY B 110 4.27 23.17 1.00
CA GLY B 110 4.08 24.61 0.88
C GLY B 110 3.83 25.04 -0.55
N ALA B 111 2.78 24.49 -1.16
CA ALA B 111 2.46 24.77 -2.54
C ALA B 111 1.09 25.40 -2.74
N ARG B 112 0.99 26.25 -3.77
CA ARG B 112 -0.26 26.88 -4.10
C ARG B 112 -1.10 26.05 -5.02
N LEU B 113 -2.36 25.84 -4.66
CA LEU B 113 -3.24 24.99 -5.46
C LEU B 113 -4.37 25.75 -6.15
N LEU B 114 -4.48 25.59 -7.45
CA LEU B 114 -5.60 26.13 -8.20
C LEU B 114 -6.55 25.00 -8.49
N LEU B 115 -7.79 25.12 -8.03
CA LEU B 115 -8.79 24.12 -8.35
C LEU B 115 -9.55 24.53 -9.60
N ALA B 116 -9.62 23.61 -10.56
CA ALA B 116 -10.42 23.80 -11.75
C ALA B 116 -11.87 23.38 -11.48
N SER B 117 -12.66 24.32 -10.97
CA SER B 117 -14.05 24.02 -10.70
C SER B 117 -14.83 24.28 -11.98
N THR B 118 -16.15 24.28 -11.88
CA THR B 118 -17.00 24.33 -13.06
C THR B 118 -18.18 25.29 -12.91
N SER B 119 -18.72 25.73 -14.03
CA SER B 119 -19.88 26.62 -14.00
C SER B 119 -21.13 25.86 -13.60
N GLU B 120 -21.04 24.53 -13.56
CA GLU B 120 -22.21 23.69 -13.28
C GLU B 120 -22.63 23.75 -11.84
N VAL B 121 -21.83 24.39 -11.01
CA VAL B 121 -22.19 24.57 -9.59
C VAL B 121 -23.21 25.69 -9.37
N TYR B 122 -23.75 26.27 -10.44
CA TYR B 122 -24.75 27.32 -10.27
C TYR B 122 -26.18 26.76 -10.39
N GLU B 149 -20.80 14.86 -9.98
CA GLU B 149 -20.83 15.85 -8.92
C GLU B 149 -19.56 15.73 -8.03
N GLY B 150 -19.41 16.66 -7.08
CA GLY B 150 -18.27 16.69 -6.18
C GLY B 150 -17.46 17.96 -6.36
N LYS B 151 -17.76 18.70 -7.42
CA LYS B 151 -17.04 19.92 -7.66
C LYS B 151 -17.35 20.97 -6.58
N HIS B 152 -18.58 20.96 -6.09
CA HIS B 152 -18.97 21.90 -5.05
C HIS B 152 -18.18 21.61 -3.79
N VAL B 153 -18.19 20.35 -3.34
CA VAL B 153 -17.48 20.00 -2.11
C VAL B 153 -15.97 20.10 -2.34
N ALA B 154 -15.56 20.08 -3.61
CA ALA B 154 -14.15 20.27 -3.92
C ALA B 154 -13.73 21.69 -3.54
N GLU B 155 -14.54 22.69 -3.91
CA GLU B 155 -14.29 24.09 -3.53
C GLU B 155 -14.21 24.28 -2.02
N THR B 156 -15.20 23.74 -1.31
CA THR B 156 -15.25 23.81 0.14
C THR B 156 -13.99 23.24 0.83
N MET B 157 -13.49 22.11 0.35
CA MET B 157 -12.25 21.55 0.89
C MET B 157 -11.04 22.50 0.75
N CYS B 158 -10.92 23.16 -0.41
CA CYS B 158 -9.83 24.13 -0.62
C CYS B 158 -9.86 25.25 0.42
N TYR B 159 -11.07 25.74 0.69
CA TYR B 159 -11.22 26.83 1.64
C TYR B 159 -11.07 26.35 3.05
N ALA B 160 -11.41 25.09 3.28
CA ALA B 160 -11.21 24.49 4.60
C ALA B 160 -9.74 24.43 4.91
N TYR B 161 -8.93 24.12 3.88
CA TYR B 161 -7.49 24.04 4.07
C TYR B 161 -6.87 25.41 4.19
N MET B 162 -7.41 26.37 3.44
CA MET B 162 -6.95 27.76 3.56
C MET B 162 -7.21 28.31 4.94
N LYS B 163 -8.46 28.24 5.38
CA LYS B 163 -8.85 28.70 6.70
C LYS B 163 -8.06 28.01 7.81
N GLN B 164 -7.91 26.70 7.70
CA GLN B 164 -7.36 25.92 8.81
C GLN B 164 -5.87 25.59 8.68
N GLU B 165 -5.39 25.26 7.49
CA GLU B 165 -3.98 24.88 7.38
C GLU B 165 -3.16 25.95 6.63
N GLY B 166 -3.81 27.08 6.32
CA GLY B 166 -3.14 28.20 5.70
C GLY B 166 -2.61 27.96 4.29
N VAL B 167 -3.25 27.04 3.59
CA VAL B 167 -2.87 26.68 2.24
C VAL B 167 -3.38 27.69 1.23
N GLU B 168 -2.47 28.23 0.43
CA GLU B 168 -2.84 29.15 -0.64
C GLU B 168 -3.64 28.44 -1.71
N VAL B 169 -4.89 28.85 -1.87
CA VAL B 169 -5.78 28.23 -2.84
C VAL B 169 -6.33 29.22 -3.86
N ARG B 170 -6.66 28.72 -5.02
CA ARG B 170 -7.26 29.49 -6.07
C ARG B 170 -8.39 28.65 -6.63
N VAL B 171 -9.50 29.25 -6.97
CA VAL B 171 -10.64 28.51 -7.50
C VAL B 171 -11.21 29.13 -8.79
N ALA B 172 -11.06 28.42 -9.89
CA ALA B 172 -11.59 28.90 -11.15
C ALA B 172 -12.89 28.17 -11.46
N ARG B 173 -13.94 28.92 -11.73
CA ARG B 173 -15.19 28.34 -12.19
C ARG B 173 -15.23 28.44 -13.70
N ILE B 174 -14.86 27.35 -14.36
CA ILE B 174 -14.71 27.25 -15.80
C ILE B 174 -16.02 26.98 -16.54
N PHE B 175 -16.27 27.75 -17.59
CA PHE B 175 -17.46 27.58 -18.40
C PHE B 175 -17.08 26.83 -19.65
N ASN B 176 -18.03 26.58 -20.54
CA ASN B 176 -17.77 25.82 -21.77
C ASN B 176 -16.52 26.27 -22.57
N THR B 177 -15.62 25.33 -22.80
CA THR B 177 -14.39 25.58 -23.53
C THR B 177 -14.30 24.64 -24.73
N PHE B 178 -13.83 25.16 -25.87
CA PHE B 178 -13.68 24.37 -27.09
C PHE B 178 -12.28 24.60 -27.66
N GLY B 179 -11.88 23.76 -28.60
CA GLY B 179 -10.57 23.86 -29.21
C GLY B 179 -9.93 22.52 -29.48
N PRO B 180 -8.70 22.54 -30.02
CA PRO B 180 -8.01 21.28 -30.28
C PRO B 180 -7.83 20.41 -29.02
N ARG B 181 -7.82 19.11 -29.20
CA ARG B 181 -7.67 18.10 -28.16
C ARG B 181 -8.93 17.95 -27.29
N MET B 182 -10.02 18.58 -27.68
CA MET B 182 -11.26 18.49 -26.92
C MET B 182 -11.95 17.19 -27.28
N HIS B 183 -12.77 16.68 -26.35
CA HIS B 183 -13.54 15.47 -26.55
C HIS B 183 -14.65 15.70 -27.55
N MET B 184 -14.61 15.01 -28.67
CA MET B 184 -15.53 15.27 -29.76
C MET B 184 -16.96 14.80 -29.47
N ASN B 185 -17.10 13.75 -28.68
CA ASN B 185 -18.42 13.20 -28.39
C ASN B 185 -18.90 13.55 -26.98
N ASP B 186 -18.71 14.81 -26.60
CA ASP B 186 -19.14 15.31 -25.30
C ASP B 186 -20.60 15.80 -25.33
N GLY B 187 -21.30 15.48 -26.42
CA GLY B 187 -22.71 15.78 -26.57
C GLY B 187 -22.99 17.25 -26.69
N ARG B 188 -21.90 18.01 -26.66
CA ARG B 188 -21.97 19.46 -26.67
C ARG B 188 -22.38 19.95 -28.05
N VAL B 189 -23.06 21.08 -28.08
CA VAL B 189 -23.70 21.58 -29.30
C VAL B 189 -22.69 21.96 -30.37
N VAL B 190 -21.56 22.52 -29.95
CA VAL B 190 -20.50 22.95 -30.86
C VAL B 190 -19.75 21.75 -31.42
N SER B 191 -19.52 20.75 -30.58
CA SER B 191 -18.86 19.54 -31.07
C SER B 191 -19.73 18.84 -32.11
N ASN B 192 -21.03 18.78 -31.87
CA ASN B 192 -21.94 18.10 -32.78
C ASN B 192 -21.99 18.77 -34.14
N PHE B 193 -21.99 20.09 -34.16
CA PHE B 193 -22.08 20.83 -35.41
C PHE B 193 -20.83 20.66 -36.28
N ILE B 194 -19.66 20.64 -35.64
CA ILE B 194 -18.40 20.42 -36.33
C ILE B 194 -18.35 19.01 -36.93
N LEU B 195 -18.76 18.02 -36.12
CA LEU B 195 -18.81 16.62 -36.54
C LEU B 195 -19.74 16.41 -37.72
N GLN B 196 -21.00 16.78 -37.56
CA GLN B 196 -22.00 16.62 -38.61
C GLN B 196 -21.63 17.38 -39.89
N ALA B 197 -20.99 18.54 -39.74
CA ALA B 197 -20.60 19.30 -40.92
C ALA B 197 -19.46 18.59 -41.65
N LEU B 198 -18.51 18.06 -40.89
CA LEU B 198 -17.34 17.43 -41.50
C LEU B 198 -17.66 16.15 -42.27
N GLN B 199 -18.73 15.49 -41.87
CA GLN B 199 -19.13 14.23 -42.47
C GLN B 199 -20.23 14.42 -43.50
N GLY B 200 -20.55 15.68 -43.79
CA GLY B 200 -21.57 16.01 -44.78
C GLY B 200 -22.97 15.71 -44.29
N GLU B 201 -23.08 15.37 -43.01
CA GLU B 201 -24.35 15.06 -42.38
C GLU B 201 -25.13 16.33 -42.10
N PRO B 202 -26.47 16.20 -42.02
CA PRO B 202 -27.29 17.38 -41.73
C PRO B 202 -27.03 17.90 -40.31
N LEU B 203 -26.99 19.23 -40.16
CA LEU B 203 -26.79 19.85 -38.86
C LEU B 203 -28.12 19.92 -38.11
N THR B 204 -28.28 19.06 -37.12
CA THR B 204 -29.52 18.96 -36.36
C THR B 204 -29.59 20.10 -35.35
N VAL B 205 -30.70 20.84 -35.40
CA VAL B 205 -30.96 21.94 -34.48
C VAL B 205 -32.26 21.69 -33.67
N TYR B 206 -32.13 21.50 -32.36
CA TYR B 206 -33.29 21.29 -31.49
C TYR B 206 -34.06 22.59 -31.33
N GLY B 207 -35.39 22.53 -31.41
CA GLY B 207 -36.21 23.73 -31.31
C GLY B 207 -36.06 24.66 -32.50
N SER B 208 -36.15 25.97 -32.23
CA SER B 208 -35.98 26.99 -33.27
C SER B 208 -34.54 27.48 -33.31
N GLY B 209 -33.75 27.07 -32.33
CA GLY B 209 -32.35 27.43 -32.28
C GLY B 209 -32.15 28.85 -31.78
N SER B 210 -33.07 29.31 -30.95
CA SER B 210 -33.01 30.65 -30.42
C SER B 210 -32.19 30.69 -29.13
N GLN B 211 -31.92 29.52 -28.55
CA GLN B 211 -31.13 29.46 -27.33
C GLN B 211 -29.70 29.90 -27.61
N THR B 212 -29.07 30.51 -26.61
CA THR B 212 -27.74 31.08 -26.80
C THR B 212 -26.70 30.24 -26.11
N ARG B 213 -25.51 30.19 -26.72
CA ARG B 213 -24.41 29.44 -26.14
C ARG B 213 -23.15 30.30 -26.13
N ALA B 214 -22.44 30.27 -25.01
CA ALA B 214 -21.22 31.00 -24.87
C ALA B 214 -20.03 30.04 -24.81
N PHE B 215 -19.08 30.21 -25.73
CA PHE B 215 -17.95 29.29 -25.82
C PHE B 215 -16.61 30.04 -25.87
N GLN B 216 -15.63 29.57 -25.11
CA GLN B 216 -14.32 30.17 -25.14
C GLN B 216 -13.27 29.22 -25.73
N TYR B 217 -12.30 29.77 -26.46
CA TYR B 217 -11.21 29.00 -26.98
C TYR B 217 -10.28 28.65 -25.82
N VAL B 218 -9.63 27.49 -25.90
CA VAL B 218 -8.91 26.96 -24.74
C VAL B 218 -7.73 27.83 -24.32
N SER B 219 -7.09 28.50 -25.28
CA SER B 219 -5.90 29.29 -24.98
C SER B 219 -6.28 30.51 -24.15
N ASP B 220 -7.53 30.95 -24.29
CA ASP B 220 -8.13 31.99 -23.46
C ASP B 220 -8.25 31.53 -22.01
N LEU B 221 -8.90 30.37 -21.84
CA LEU B 221 -9.06 29.75 -20.53
C LEU B 221 -7.74 29.48 -19.89
N VAL B 222 -6.80 28.98 -20.68
CA VAL B 222 -5.49 28.69 -20.18
C VAL B 222 -4.87 29.99 -19.67
N ASN B 223 -5.06 31.08 -20.42
CA ASN B 223 -4.56 32.37 -19.97
C ASN B 223 -5.17 32.81 -18.65
N GLY B 224 -6.48 32.60 -18.48
CA GLY B 224 -7.18 32.93 -17.24
C GLY B 224 -6.64 32.15 -16.06
N LEU B 225 -6.38 30.89 -16.30
CA LEU B 225 -5.90 29.99 -15.27
C LEU B 225 -4.50 30.38 -14.78
N VAL B 226 -3.60 30.72 -15.70
CA VAL B 226 -2.26 31.10 -15.25
C VAL B 226 -2.34 32.41 -14.46
N ALA B 227 -3.20 33.31 -14.93
CA ALA B 227 -3.36 34.61 -14.30
C ALA B 227 -3.82 34.42 -12.88
N LEU B 228 -4.87 33.62 -12.72
CA LEU B 228 -5.52 33.41 -11.46
C LEU B 228 -4.56 32.75 -10.49
N MET B 229 -3.73 31.84 -10.99
CA MET B 229 -2.80 31.14 -10.13
C MET B 229 -1.84 32.12 -9.48
N ASN B 230 -1.32 33.05 -10.26
CA ASN B 230 -0.27 33.94 -9.77
C ASN B 230 -0.81 35.24 -9.24
N SER B 231 -2.13 35.35 -9.19
CA SER B 231 -2.76 36.50 -8.58
C SER B 231 -2.81 36.30 -7.09
N ASN B 232 -3.51 37.20 -6.40
CA ASN B 232 -3.77 37.04 -4.97
C ASN B 232 -5.27 36.94 -4.64
N VAL B 233 -6.09 36.70 -5.66
CA VAL B 233 -7.51 36.44 -5.53
C VAL B 233 -7.76 34.98 -5.18
N SER B 234 -8.14 34.72 -3.93
CA SER B 234 -8.39 33.34 -3.50
C SER B 234 -9.89 33.03 -3.57
N SER B 235 -10.71 34.02 -3.88
CA SER B 235 -12.14 33.79 -4.08
C SER B 235 -12.41 33.22 -5.47
N PRO B 236 -13.56 32.54 -5.65
CA PRO B 236 -13.86 31.94 -6.94
C PRO B 236 -13.95 32.99 -8.03
N VAL B 237 -13.44 32.63 -9.21
CA VAL B 237 -13.45 33.52 -10.36
C VAL B 237 -14.00 32.76 -11.56
N ASN B 238 -15.05 33.29 -12.17
CA ASN B 238 -15.59 32.74 -13.40
C ASN B 238 -14.63 32.96 -14.57
N LEU B 239 -14.32 31.90 -15.30
CA LEU B 239 -13.55 32.03 -16.55
C LEU B 239 -14.45 31.54 -17.67
N GLY B 240 -15.03 32.45 -18.44
CA GLY B 240 -15.88 32.07 -19.53
C GLY B 240 -15.91 33.18 -20.56
N ASN B 241 -16.58 32.95 -21.68
CA ASN B 241 -16.67 33.96 -22.71
C ASN B 241 -18.06 34.51 -22.70
N PRO B 242 -18.19 35.78 -22.31
CA PRO B 242 -19.52 36.36 -22.19
C PRO B 242 -20.19 36.56 -23.53
N GLU B 243 -19.40 36.59 -24.60
CA GLU B 243 -19.95 36.76 -25.93
C GLU B 243 -20.81 35.55 -26.32
N GLU B 244 -22.12 35.74 -26.35
CA GLU B 244 -23.04 34.68 -26.70
C GLU B 244 -23.46 34.72 -28.17
N HIS B 245 -23.94 33.58 -28.66
CA HIS B 245 -24.49 33.47 -30.01
C HIS B 245 -25.64 32.48 -30.01
N THR B 246 -26.59 32.65 -30.92
CA THR B 246 -27.69 31.69 -30.99
C THR B 246 -27.18 30.36 -31.55
N ILE B 247 -27.90 29.29 -31.24
CA ILE B 247 -27.60 27.96 -31.78
C ILE B 247 -27.52 28.01 -33.30
N LEU B 248 -28.49 28.68 -33.91
CA LEU B 248 -28.53 28.79 -35.36
C LEU B 248 -27.31 29.54 -35.86
N GLU B 249 -26.79 30.45 -35.05
CA GLU B 249 -25.63 31.24 -35.46
C GLU B 249 -24.36 30.36 -35.53
N PHE B 250 -24.20 29.47 -34.55
CA PHE B 250 -23.08 28.54 -34.51
C PHE B 250 -23.18 27.54 -35.66
N ALA B 251 -24.40 27.09 -35.93
CA ALA B 251 -24.62 26.15 -37.00
C ALA B 251 -24.15 26.74 -38.32
N GLN B 252 -24.61 27.94 -38.62
CA GLN B 252 -24.31 28.53 -39.90
C GLN B 252 -22.86 28.95 -40.04
N LEU B 253 -22.25 29.36 -38.94
CA LEU B 253 -20.87 29.79 -39.01
C LEU B 253 -19.96 28.58 -39.27
N ILE B 254 -20.17 27.52 -38.52
CA ILE B 254 -19.38 26.31 -38.69
C ILE B 254 -19.56 25.72 -40.08
N LYS B 255 -20.80 25.74 -40.55
CA LYS B 255 -21.09 25.27 -41.89
C LYS B 255 -20.20 25.95 -42.91
N ASN B 256 -20.12 27.28 -42.85
CA ASN B 256 -19.29 28.04 -43.80
C ASN B 256 -17.80 27.78 -43.63
N LEU B 257 -17.33 27.71 -42.38
CA LEU B 257 -15.91 27.53 -42.12
C LEU B 257 -15.40 26.16 -42.53
N VAL B 258 -16.29 25.18 -42.56
CA VAL B 258 -15.92 23.83 -42.95
C VAL B 258 -15.90 23.70 -44.47
N GLY B 259 -16.90 24.27 -45.13
CA GLY B 259 -17.02 24.16 -46.57
C GLY B 259 -17.81 22.92 -46.93
N SER B 260 -18.92 22.71 -46.22
CA SER B 260 -19.77 21.56 -46.48
C SER B 260 -21.13 21.98 -47.03
N GLY B 261 -21.79 21.06 -47.73
CA GLY B 261 -23.12 21.31 -48.24
C GLY B 261 -24.15 20.72 -47.30
N SER B 262 -23.86 20.80 -46.01
CA SER B 262 -24.72 20.22 -44.99
C SER B 262 -26.03 20.99 -44.85
N GLU B 263 -27.10 20.27 -44.54
CA GLU B 263 -28.44 20.85 -44.38
C GLU B 263 -28.75 21.20 -42.91
N ILE B 264 -29.56 22.22 -42.70
CA ILE B 264 -29.99 22.55 -41.36
C ILE B 264 -31.42 22.04 -41.14
N GLN B 265 -31.59 21.19 -40.13
CA GLN B 265 -32.88 20.57 -39.84
C GLN B 265 -33.39 20.96 -38.44
N PHE B 266 -34.70 20.81 -38.21
CA PHE B 266 -35.33 21.26 -36.98
C PHE B 266 -36.14 20.19 -36.27
N ARG B 277 -26.82 29.46 -18.73
CA ARG B 277 -26.06 30.25 -17.76
C ARG B 277 -24.93 31.06 -18.39
N LYS B 278 -25.18 32.36 -18.65
CA LYS B 278 -24.20 33.26 -19.28
C LYS B 278 -23.10 33.70 -18.33
N PRO B 279 -21.83 33.47 -18.70
CA PRO B 279 -20.73 33.79 -17.79
C PRO B 279 -20.59 35.28 -17.54
N ASP B 280 -20.60 35.70 -16.27
CA ASP B 280 -20.32 37.09 -15.94
C ASP B 280 -18.89 37.18 -15.43
N ILE B 281 -18.03 37.78 -16.25
CA ILE B 281 -16.61 37.72 -15.98
C ILE B 281 -16.02 39.06 -15.61
N LYS B 282 -16.84 39.97 -15.08
CA LYS B 282 -16.30 41.27 -14.72
C LYS B 282 -15.34 41.14 -13.56
N LYS B 283 -15.49 40.11 -12.74
CA LYS B 283 -14.52 39.94 -11.67
C LYS B 283 -13.13 39.58 -12.20
N ALA B 284 -13.07 38.71 -13.20
CA ALA B 284 -11.78 38.36 -13.82
C ALA B 284 -11.19 39.53 -14.55
N LYS B 285 -12.05 40.29 -15.24
CA LYS B 285 -11.61 41.45 -15.98
C LYS B 285 -10.95 42.45 -15.06
N LEU B 286 -11.46 42.57 -13.84
CA LEU B 286 -10.99 43.61 -12.93
C LEU B 286 -9.82 43.17 -12.04
N MET B 287 -9.89 41.96 -11.50
CA MET B 287 -8.86 41.48 -10.58
C MET B 287 -7.63 40.93 -11.29
N LEU B 288 -7.86 40.38 -12.47
CA LEU B 288 -6.85 39.70 -13.23
C LEU B 288 -6.41 40.44 -14.46
N GLY B 289 -7.25 41.35 -14.95
CA GLY B 289 -7.00 42.02 -16.23
C GLY B 289 -7.11 40.96 -17.31
N TRP B 290 -8.04 40.03 -17.13
CA TRP B 290 -8.20 38.94 -18.09
C TRP B 290 -9.53 39.01 -18.80
N GLU B 291 -9.49 38.67 -20.08
CA GLU B 291 -10.66 38.50 -20.92
C GLU B 291 -10.28 37.68 -22.12
N PRO B 292 -11.23 36.96 -22.71
CA PRO B 292 -11.05 36.21 -23.95
C PRO B 292 -10.66 37.12 -25.09
N VAL B 293 -9.52 36.86 -25.74
CA VAL B 293 -9.05 37.74 -26.81
C VAL B 293 -8.98 36.99 -28.14
N VAL B 294 -9.22 35.69 -28.13
CA VAL B 294 -9.16 34.91 -29.37
C VAL B 294 -10.50 34.93 -30.08
N PRO B 295 -10.56 35.58 -31.29
CA PRO B 295 -11.82 35.69 -32.03
C PRO B 295 -12.41 34.31 -32.32
N LEU B 296 -13.74 34.27 -32.46
CA LEU B 296 -14.45 33.02 -32.60
C LEU B 296 -13.96 32.27 -33.85
N GLU B 297 -13.79 33.00 -34.94
CA GLU B 297 -13.39 32.41 -36.19
C GLU B 297 -12.04 31.73 -36.07
N GLU B 298 -11.07 32.42 -35.47
CA GLU B 298 -9.76 31.81 -35.34
C GLU B 298 -9.86 30.55 -34.50
N GLY B 299 -10.64 30.62 -33.43
CA GLY B 299 -10.81 29.48 -32.54
C GLY B 299 -11.54 28.32 -33.19
N LEU B 300 -12.62 28.60 -33.93
CA LEU B 300 -13.35 27.54 -34.62
C LEU B 300 -12.54 26.87 -35.73
N ASN B 301 -11.78 27.65 -36.49
CA ASN B 301 -10.96 27.08 -37.55
C ASN B 301 -10.02 26.06 -36.94
N LYS B 302 -9.40 26.43 -35.82
CA LYS B 302 -8.45 25.54 -35.18
C LYS B 302 -9.12 24.28 -34.63
N ALA B 303 -10.33 24.43 -34.10
CA ALA B 303 -11.06 23.27 -33.60
C ALA B 303 -11.53 22.39 -34.74
N ILE B 304 -11.98 22.99 -35.84
CA ILE B 304 -12.40 22.28 -37.04
C ILE B 304 -11.25 21.49 -37.61
N HIS B 305 -10.06 22.07 -37.60
CA HIS B 305 -8.87 21.37 -38.05
C HIS B 305 -8.62 20.08 -37.25
N TYR B 306 -8.64 20.17 -35.92
CA TYR B 306 -8.41 19.02 -35.04
C TYR B 306 -9.41 17.93 -35.33
N PHE B 307 -10.70 18.29 -35.39
CA PHE B 307 -11.74 17.31 -35.69
C PHE B 307 -11.49 16.64 -37.05
N ARG B 308 -11.14 17.44 -38.05
CA ARG B 308 -10.94 16.90 -39.38
C ARG B 308 -9.74 15.94 -39.40
N LYS B 309 -8.66 16.33 -38.73
CA LYS B 309 -7.48 15.50 -38.69
C LYS B 309 -7.82 14.18 -37.99
N GLU B 310 -8.62 14.25 -36.93
CA GLU B 310 -8.99 13.06 -36.16
C GLU B 310 -9.94 12.16 -36.96
N LEU B 311 -10.92 12.75 -37.62
CA LEU B 311 -11.85 11.95 -38.39
C LEU B 311 -11.18 11.22 -39.55
N GLU B 312 -10.17 11.84 -40.15
CA GLU B 312 -9.50 11.19 -41.25
C GLU B 312 -8.68 10.00 -40.78
N TYR B 313 -8.13 10.08 -39.57
CA TYR B 313 -7.34 9.01 -38.98
C TYR B 313 -8.23 7.83 -38.59
N GLN B 314 -9.53 8.07 -38.45
CA GLN B 314 -10.45 7.00 -38.09
C GLN B 314 -11.09 6.40 -39.35
N ALA B 315 -10.39 6.49 -40.48
CA ALA B 315 -10.93 6.00 -41.74
C ALA B 315 -9.96 5.07 -42.47
N ARG C 4 -15.49 -21.31 -23.38
CA ARG C 4 -15.07 -19.90 -23.40
C ARG C 4 -14.49 -19.49 -22.05
N LYS C 5 -13.36 -18.78 -22.09
CA LYS C 5 -12.58 -18.56 -20.88
C LYS C 5 -12.42 -17.09 -20.51
N ARG C 6 -12.03 -16.87 -19.27
CA ARG C 6 -11.68 -15.53 -18.82
C ARG C 6 -10.20 -15.36 -19.07
N ILE C 7 -9.86 -14.46 -19.97
CA ILE C 7 -8.48 -14.32 -20.39
C ILE C 7 -7.92 -12.98 -19.95
N LEU C 8 -6.74 -13.00 -19.36
CA LEU C 8 -6.03 -11.78 -19.02
C LEU C 8 -4.87 -11.55 -20.01
N ILE C 9 -4.81 -10.34 -20.58
CA ILE C 9 -3.71 -9.97 -21.48
C ILE C 9 -2.96 -8.79 -20.93
N THR C 10 -1.77 -9.04 -20.39
CA THR C 10 -0.91 -7.96 -19.94
C THR C 10 -0.19 -7.37 -21.14
N GLY C 11 -0.09 -6.05 -21.16
CA GLY C 11 0.49 -5.30 -22.27
C GLY C 11 -0.44 -5.34 -23.46
N GLY C 12 -1.69 -5.69 -23.25
CA GLY C 12 -2.64 -5.84 -24.33
C GLY C 12 -3.03 -4.59 -25.07
N ALA C 13 -2.43 -3.47 -24.70
CA ALA C 13 -2.69 -2.20 -25.37
C ALA C 13 -1.52 -1.86 -26.27
N GLY C 14 -0.69 -2.86 -26.52
CA GLY C 14 0.49 -2.68 -27.35
C GLY C 14 0.25 -3.19 -28.76
N PHE C 15 1.33 -3.24 -29.53
CA PHE C 15 1.30 -3.78 -30.88
C PHE C 15 0.71 -5.19 -30.96
N VAL C 16 1.39 -6.16 -30.35
CA VAL C 16 0.96 -7.54 -30.48
C VAL C 16 -0.29 -7.74 -29.68
N GLY C 17 -0.31 -7.17 -28.48
CA GLY C 17 -1.40 -7.40 -27.54
C GLY C 17 -2.78 -7.01 -28.03
N SER C 18 -2.87 -5.91 -28.77
CA SER C 18 -4.18 -5.42 -29.19
C SER C 18 -4.76 -6.27 -30.31
N HIS C 19 -3.89 -6.75 -31.20
CA HIS C 19 -4.31 -7.67 -32.27
C HIS C 19 -4.77 -9.00 -31.67
N LEU C 20 -4.08 -9.44 -30.61
CA LEU C 20 -4.51 -10.62 -29.87
C LEU C 20 -5.87 -10.38 -29.23
N THR C 21 -6.00 -9.19 -28.62
CA THR C 21 -7.22 -8.77 -27.95
C THR C 21 -8.40 -8.77 -28.91
N ASP C 22 -8.20 -8.28 -30.13
CA ASP C 22 -9.23 -8.30 -31.15
C ASP C 22 -9.70 -9.73 -31.39
N LYS C 23 -8.74 -10.62 -31.65
CA LYS C 23 -9.04 -12.01 -31.97
C LYS C 23 -9.79 -12.72 -30.87
N LEU C 24 -9.31 -12.58 -29.64
CA LEU C 24 -9.97 -13.25 -28.52
C LEU C 24 -11.35 -12.65 -28.22
N MET C 25 -11.53 -11.36 -28.52
CA MET C 25 -12.84 -10.77 -28.31
C MET C 25 -13.81 -11.23 -29.38
N MET C 26 -13.32 -11.37 -30.61
CA MET C 26 -14.14 -11.92 -31.68
C MET C 26 -14.53 -13.36 -31.37
N ASP C 27 -13.67 -14.09 -30.65
CA ASP C 27 -13.94 -15.50 -30.36
C ASP C 27 -14.87 -15.66 -29.16
N GLY C 28 -15.28 -14.55 -28.56
CA GLY C 28 -16.27 -14.55 -27.51
C GLY C 28 -15.80 -14.81 -26.10
N HIS C 29 -14.51 -14.56 -25.83
CA HIS C 29 -13.93 -14.74 -24.51
C HIS C 29 -14.12 -13.51 -23.65
N GLU C 30 -13.91 -13.67 -22.34
CA GLU C 30 -13.90 -12.51 -21.43
C GLU C 30 -12.50 -11.96 -21.29
N VAL C 31 -12.16 -11.03 -22.16
CA VAL C 31 -10.81 -10.49 -22.20
C VAL C 31 -10.63 -9.31 -21.26
N THR C 32 -9.61 -9.42 -20.43
CA THR C 32 -9.16 -8.32 -19.60
C THR C 32 -7.77 -7.84 -20.06
N VAL C 33 -7.66 -6.56 -20.39
CA VAL C 33 -6.37 -5.97 -20.75
C VAL C 33 -5.83 -5.19 -19.56
N VAL C 34 -4.61 -5.50 -19.19
CA VAL C 34 -3.84 -4.82 -18.16
C VAL C 34 -2.67 -4.16 -18.86
N ASP C 35 -2.52 -2.85 -18.71
CA ASP C 35 -1.48 -2.09 -19.34
C ASP C 35 -1.25 -0.80 -18.56
N ASN C 36 -0.02 -0.30 -18.54
CA ASN C 36 0.27 0.96 -17.85
C ASN C 36 0.53 2.09 -18.87
N PHE C 37 0.37 1.74 -20.15
CA PHE C 37 0.49 2.64 -21.29
C PHE C 37 1.84 3.31 -21.42
N PHE C 38 2.87 2.60 -20.97
CA PHE C 38 4.22 3.12 -21.08
C PHE C 38 4.69 3.14 -22.52
N THR C 39 4.30 2.11 -23.28
CA THR C 39 4.55 2.08 -24.71
C THR C 39 3.26 1.68 -25.46
N GLY C 40 2.21 1.34 -24.72
CA GLY C 40 0.92 1.06 -25.33
C GLY C 40 0.01 2.29 -25.45
N ARG C 41 -1.05 2.15 -26.24
CA ARG C 41 -1.97 3.25 -26.44
C ARG C 41 -3.41 2.76 -26.33
N LYS C 42 -4.26 3.55 -25.69
CA LYS C 42 -5.64 3.18 -25.45
C LYS C 42 -6.39 2.99 -26.78
N ARG C 43 -5.97 3.70 -27.83
CA ARG C 43 -6.68 3.68 -29.12
C ARG C 43 -6.62 2.31 -29.75
N ASN C 44 -5.58 1.56 -29.41
CA ASN C 44 -5.37 0.24 -30.01
C ASN C 44 -6.42 -0.76 -29.54
N VAL C 45 -7.13 -0.39 -28.47
CA VAL C 45 -8.14 -1.28 -27.91
C VAL C 45 -9.46 -0.61 -27.58
N GLU C 46 -9.59 0.68 -27.87
CA GLU C 46 -10.74 1.43 -27.36
C GLU C 46 -12.07 0.99 -27.95
N HIS C 47 -12.03 0.29 -29.10
CA HIS C 47 -13.26 -0.15 -29.73
C HIS C 47 -13.99 -1.19 -28.89
N TRP C 48 -13.24 -1.83 -27.99
CA TRP C 48 -13.82 -2.85 -27.14
C TRP C 48 -14.27 -2.29 -25.82
N ILE C 49 -13.86 -1.06 -25.51
CA ILE C 49 -14.28 -0.44 -24.25
C ILE C 49 -15.78 -0.11 -24.28
N GLY C 50 -16.51 -0.73 -23.36
CA GLY C 50 -17.96 -0.60 -23.32
C GLY C 50 -18.61 -1.95 -23.56
N HIS C 51 -17.91 -2.81 -24.28
CA HIS C 51 -18.37 -4.16 -24.53
C HIS C 51 -18.43 -4.95 -23.23
N GLU C 52 -19.45 -5.79 -23.08
CA GLU C 52 -19.71 -6.50 -21.83
C GLU C 52 -18.63 -7.47 -21.38
N ASN C 53 -17.95 -8.08 -22.36
CA ASN C 53 -16.93 -9.08 -22.07
C ASN C 53 -15.50 -8.50 -22.07
N PHE C 54 -15.38 -7.18 -22.17
CA PHE C 54 -14.06 -6.51 -22.17
C PHE C 54 -13.89 -5.60 -20.97
N GLU C 55 -12.68 -5.59 -20.41
CA GLU C 55 -12.29 -4.68 -19.34
C GLU C 55 -10.80 -4.30 -19.46
N LEU C 56 -10.57 -3.00 -19.37
CA LEU C 56 -9.24 -2.40 -19.45
C LEU C 56 -8.83 -1.88 -18.10
N ILE C 57 -7.69 -2.34 -17.59
CA ILE C 57 -7.24 -1.86 -16.31
C ILE C 57 -5.88 -1.14 -16.47
N ASN C 58 -5.83 0.13 -16.09
CA ASN C 58 -4.56 0.82 -16.02
C ASN C 58 -3.81 0.32 -14.82
N HIS C 59 -2.99 -0.67 -15.05
CA HIS C 59 -2.22 -1.29 -13.99
C HIS C 59 -0.76 -1.55 -14.45
N ASP C 60 0.19 -1.48 -13.51
CA ASP C 60 1.58 -1.83 -13.78
C ASP C 60 1.91 -3.20 -13.18
N VAL C 61 2.36 -4.14 -14.03
CA VAL C 61 2.56 -5.53 -13.59
C VAL C 61 3.64 -5.69 -12.51
N VAL C 62 4.41 -4.64 -12.30
CA VAL C 62 5.41 -4.58 -11.24
C VAL C 62 4.70 -4.47 -9.88
N GLU C 63 3.48 -3.93 -9.91
CA GLU C 63 2.62 -3.95 -8.74
C GLU C 63 1.74 -5.22 -8.78
N PRO C 64 1.61 -5.91 -7.64
CA PRO C 64 0.79 -7.14 -7.54
C PRO C 64 -0.63 -6.95 -8.05
N LEU C 65 -1.15 -7.93 -8.76
CA LEU C 65 -2.48 -7.88 -9.37
C LEU C 65 -3.28 -9.11 -8.96
N TYR C 66 -4.51 -8.90 -8.55
CA TYR C 66 -5.36 -9.97 -8.05
C TYR C 66 -6.66 -9.98 -8.84
N ILE C 67 -6.72 -10.85 -9.82
CA ILE C 67 -7.87 -11.01 -10.67
C ILE C 67 -8.12 -12.49 -10.88
N GLU C 68 -9.37 -12.87 -11.09
CA GLU C 68 -9.69 -14.26 -11.31
C GLU C 68 -9.76 -14.58 -12.81
N VAL C 69 -8.74 -15.25 -13.34
CA VAL C 69 -8.69 -15.63 -14.76
C VAL C 69 -8.29 -17.07 -15.03
N ASP C 70 -8.51 -17.50 -16.27
CA ASP C 70 -8.17 -18.85 -16.70
C ASP C 70 -6.83 -18.90 -17.42
N GLN C 71 -6.62 -17.98 -18.34
CA GLN C 71 -5.36 -17.93 -19.08
C GLN C 71 -4.79 -16.53 -18.89
N ILE C 72 -3.47 -16.42 -18.96
CA ILE C 72 -2.77 -15.15 -18.84
C ILE C 72 -1.80 -15.04 -19.99
N TYR C 73 -2.04 -14.13 -20.93
CA TYR C 73 -1.01 -13.81 -21.97
C TYR C 73 -0.10 -12.69 -21.48
N HIS C 74 1.12 -13.06 -21.10
CA HIS C 74 2.06 -12.10 -20.54
C HIS C 74 2.91 -11.44 -21.65
N LEU C 75 2.38 -10.34 -22.17
CA LEU C 75 3.02 -9.56 -23.23
C LEU C 75 3.50 -8.21 -22.73
N ALA C 76 3.32 -7.95 -21.44
CA ALA C 76 3.67 -6.65 -20.89
C ALA C 76 5.17 -6.49 -20.82
N SER C 77 5.73 -5.81 -21.80
CA SER C 77 7.14 -5.48 -21.81
C SER C 77 7.37 -4.36 -22.83
N PRO C 78 7.93 -3.23 -22.38
CA PRO C 78 8.16 -2.04 -23.21
C PRO C 78 9.13 -2.28 -24.39
N ALA C 79 9.08 -1.41 -25.38
CA ALA C 79 9.93 -1.52 -26.58
C ALA C 79 10.99 -0.44 -26.57
N SER C 80 12.00 -0.57 -27.44
CA SER C 80 13.08 0.42 -27.52
C SER C 80 13.12 1.14 -28.87
N TYR C 86 15.99 3.18 -23.87
CA TYR C 86 15.57 4.51 -23.44
C TYR C 86 15.58 4.59 -21.91
N ASN C 87 14.75 3.75 -21.29
CA ASN C 87 14.75 3.56 -19.84
C ASN C 87 14.95 2.09 -19.53
N PRO C 88 16.22 1.68 -19.44
CA PRO C 88 16.57 0.27 -19.21
C PRO C 88 16.08 -0.30 -17.88
N ILE C 89 16.14 0.49 -16.81
CA ILE C 89 15.81 -0.02 -15.47
C ILE C 89 14.32 -0.45 -15.37
N LYS C 90 13.43 0.31 -15.98
CA LYS C 90 12.01 0.00 -15.97
C LYS C 90 11.68 -1.21 -16.84
N THR C 91 12.46 -1.42 -17.89
CA THR C 91 12.28 -2.58 -18.77
C THR C 91 12.67 -3.84 -18.01
N LEU C 92 13.81 -3.72 -17.33
CA LEU C 92 14.33 -4.81 -16.55
C LEU C 92 13.38 -5.20 -15.45
N LYS C 93 12.81 -4.22 -14.74
CA LYS C 93 11.91 -4.53 -13.64
C LYS C 93 10.60 -5.12 -14.13
N THR C 94 10.06 -4.61 -15.24
CA THR C 94 8.84 -5.19 -15.82
C THR C 94 9.05 -6.64 -16.24
N ASN C 95 10.20 -6.93 -16.83
CA ASN C 95 10.43 -8.28 -17.31
C ASN C 95 10.64 -9.28 -16.18
N THR C 96 11.17 -8.82 -15.06
CA THR C 96 11.43 -9.75 -13.97
C THR C 96 10.35 -9.74 -12.87
N ILE C 97 10.24 -8.62 -12.16
CA ILE C 97 9.23 -8.45 -11.13
C ILE C 97 7.82 -8.52 -11.73
N GLY C 98 7.68 -8.00 -12.93
CA GLY C 98 6.41 -8.06 -13.62
C GLY C 98 6.04 -9.48 -13.88
N THR C 99 6.99 -10.29 -14.32
CA THR C 99 6.70 -11.70 -14.59
C THR C 99 6.49 -12.55 -13.32
N LEU C 100 7.31 -12.29 -12.31
CA LEU C 100 7.17 -12.99 -11.04
C LEU C 100 5.76 -12.80 -10.49
N ASN C 101 5.24 -11.59 -10.64
CA ASN C 101 3.90 -11.27 -10.23
C ASN C 101 2.84 -12.01 -11.03
N MET C 102 2.98 -12.03 -12.35
CA MET C 102 1.95 -12.68 -13.17
C MET C 102 1.97 -14.20 -12.97
N LEU C 103 3.13 -14.73 -12.62
CA LEU C 103 3.22 -16.13 -12.28
C LEU C 103 2.61 -16.37 -10.89
N GLY C 104 2.86 -15.42 -10.00
CA GLY C 104 2.29 -15.43 -8.66
C GLY C 104 0.78 -15.39 -8.76
N LEU C 105 0.28 -14.67 -9.75
CA LEU C 105 -1.15 -14.59 -9.97
C LEU C 105 -1.66 -15.92 -10.43
N ALA C 106 -0.94 -16.48 -11.41
CA ALA C 106 -1.30 -17.76 -12.01
C ALA C 106 -1.32 -18.87 -10.99
N LYS C 107 -0.35 -18.85 -10.07
CA LYS C 107 -0.26 -19.84 -9.02
C LYS C 107 -1.45 -19.67 -8.06
N ARG C 108 -1.83 -18.44 -7.77
CA ARG C 108 -2.88 -18.21 -6.80
C ARG C 108 -4.24 -18.62 -7.37
N VAL C 109 -4.49 -18.35 -8.65
CA VAL C 109 -5.80 -18.60 -9.25
C VAL C 109 -5.87 -19.79 -10.21
N GLY C 110 -4.77 -20.52 -10.33
CA GLY C 110 -4.70 -21.66 -11.23
C GLY C 110 -4.91 -21.30 -12.70
N ALA C 111 -4.07 -20.42 -13.24
CA ALA C 111 -4.26 -20.01 -14.62
C ALA C 111 -3.08 -20.45 -15.50
N ARG C 112 -3.35 -20.71 -16.78
CA ARG C 112 -2.27 -21.05 -17.66
C ARG C 112 -1.57 -19.78 -18.18
N LEU C 113 -0.27 -19.71 -17.99
CA LEU C 113 0.45 -18.51 -18.39
C LEU C 113 1.33 -18.73 -19.63
N LEU C 114 1.12 -17.90 -20.65
CA LEU C 114 1.99 -17.85 -21.83
C LEU C 114 2.92 -16.66 -21.75
N LEU C 115 4.22 -16.93 -21.77
CA LEU C 115 5.19 -15.86 -21.80
C LEU C 115 5.61 -15.52 -23.23
N ALA C 116 5.52 -14.23 -23.58
CA ALA C 116 6.00 -13.76 -24.89
C ALA C 116 7.47 -13.42 -24.82
N SER C 117 8.31 -14.40 -25.07
CA SER C 117 9.74 -14.19 -25.12
C SER C 117 10.15 -13.78 -26.55
N THR C 118 11.46 -13.76 -26.77
CA THR C 118 11.98 -13.19 -28.00
C THR C 118 13.05 -14.07 -28.61
N SER C 119 13.28 -13.91 -29.90
CA SER C 119 14.34 -14.63 -30.59
C SER C 119 15.74 -14.17 -30.23
N GLU C 120 15.83 -13.06 -29.50
CA GLU C 120 17.13 -12.52 -29.13
C GLU C 120 17.84 -13.38 -28.04
N VAL C 121 17.14 -14.39 -27.52
CA VAL C 121 17.72 -15.31 -26.53
C VAL C 121 18.59 -16.39 -27.22
N TYR C 122 18.74 -16.24 -28.54
CA TYR C 122 19.61 -17.11 -29.33
C TYR C 122 20.93 -16.39 -29.51
N GLU C 149 16.06 -6.47 -22.44
CA GLU C 149 16.58 -7.74 -21.95
C GLU C 149 15.88 -8.14 -20.64
N GLY C 150 16.07 -9.38 -20.21
CA GLY C 150 15.42 -9.92 -19.04
C GLY C 150 14.51 -11.04 -19.51
N LYS C 151 14.34 -11.16 -20.83
CA LYS C 151 13.45 -12.17 -21.42
C LYS C 151 13.97 -13.61 -21.22
N HIS C 152 15.29 -13.77 -21.15
CA HIS C 152 15.86 -15.08 -20.92
C HIS C 152 15.46 -15.55 -19.53
N VAL C 153 15.70 -14.70 -18.53
CA VAL C 153 15.44 -15.08 -17.14
C VAL C 153 13.94 -15.13 -16.86
N ALA C 154 13.16 -14.48 -17.71
CA ALA C 154 11.70 -14.55 -17.62
C ALA C 154 11.24 -15.97 -17.92
N GLU C 155 11.85 -16.59 -18.94
CA GLU C 155 11.59 -18.00 -19.30
C GLU C 155 11.91 -18.96 -18.16
N THR C 156 13.07 -18.80 -17.58
CA THR C 156 13.52 -19.61 -16.46
C THR C 156 12.56 -19.52 -15.29
N MET C 157 12.04 -18.30 -15.00
CA MET C 157 11.09 -18.13 -13.88
C MET C 157 9.84 -18.98 -14.11
N CYS C 158 9.35 -18.97 -15.35
CA CYS C 158 8.20 -19.74 -15.77
C CYS C 158 8.37 -21.26 -15.54
N TYR C 159 9.57 -21.78 -15.79
CA TYR C 159 9.85 -23.18 -15.59
C TYR C 159 10.12 -23.48 -14.13
N ALA C 160 10.58 -22.48 -13.40
CA ALA C 160 10.74 -22.62 -11.98
C ALA C 160 9.37 -22.84 -11.33
N TYR C 161 8.38 -22.10 -11.79
CA TYR C 161 7.03 -22.20 -11.23
C TYR C 161 6.34 -23.46 -11.73
N MET C 162 6.65 -23.86 -12.94
CA MET C 162 6.11 -25.09 -13.46
C MET C 162 6.63 -26.26 -12.62
N LYS C 163 7.95 -26.34 -12.53
CA LYS C 163 8.62 -27.38 -11.74
C LYS C 163 8.25 -27.36 -10.27
N GLN C 164 8.21 -26.18 -9.65
CA GLN C 164 8.08 -26.14 -8.21
C GLN C 164 6.63 -25.94 -7.73
N GLU C 165 5.87 -25.11 -8.42
CA GLU C 165 4.51 -24.78 -8.00
C GLU C 165 3.44 -25.33 -8.92
N GLY C 166 3.86 -26.15 -9.88
CA GLY C 166 2.93 -26.80 -10.78
C GLY C 166 2.14 -25.86 -11.67
N VAL C 167 2.70 -24.70 -11.98
CA VAL C 167 2.01 -23.75 -12.84
C VAL C 167 2.14 -24.15 -14.31
N GLU C 168 1.02 -24.25 -15.02
CA GLU C 168 1.03 -24.51 -16.46
C GLU C 168 1.59 -23.32 -17.23
N VAL C 169 2.76 -23.45 -17.85
CA VAL C 169 3.36 -22.31 -18.56
C VAL C 169 3.60 -22.58 -20.05
N ARG C 170 3.56 -21.52 -20.83
CA ARG C 170 3.87 -21.58 -22.26
C ARG C 170 4.90 -20.51 -22.61
N VAL C 171 5.83 -20.80 -23.51
CA VAL C 171 6.87 -19.85 -23.86
C VAL C 171 6.96 -19.66 -25.36
N ALA C 172 6.59 -18.50 -25.87
CA ALA C 172 6.72 -18.26 -27.30
C ALA C 172 7.98 -17.44 -27.53
N ARG C 173 8.85 -17.92 -28.41
CA ARG C 173 10.01 -17.13 -28.78
C ARG C 173 9.66 -16.42 -30.06
N ILE C 174 9.28 -15.15 -29.91
CA ILE C 174 8.78 -14.35 -31.01
C ILE C 174 9.92 -13.72 -31.82
N PHE C 175 9.79 -13.80 -33.14
CA PHE C 175 10.72 -13.18 -34.05
C PHE C 175 10.10 -11.90 -34.56
N ASN C 176 10.88 -11.12 -35.31
CA ASN C 176 10.45 -9.81 -35.79
C ASN C 176 9.06 -9.82 -36.40
N THR C 177 8.18 -8.96 -35.87
CA THR C 177 6.81 -8.91 -36.33
C THR C 177 6.51 -7.51 -36.76
N PHE C 178 5.75 -7.40 -37.85
CA PHE C 178 5.36 -6.11 -38.38
C PHE C 178 3.86 -6.16 -38.65
N GLY C 179 3.28 -5.00 -38.89
CA GLY C 179 1.86 -4.88 -39.13
C GLY C 179 1.31 -3.57 -38.60
N PRO C 180 -0.01 -3.38 -38.73
CA PRO C 180 -0.64 -2.17 -38.20
C PRO C 180 -0.44 -2.05 -36.69
N ARG C 181 -0.45 -0.82 -36.16
CA ARG C 181 -0.30 -0.51 -34.73
C ARG C 181 1.11 -0.72 -34.19
N MET C 182 2.06 -0.99 -35.05
CA MET C 182 3.44 -1.20 -34.60
C MET C 182 4.21 0.10 -34.37
N HIS C 183 5.25 -0.01 -33.56
CA HIS C 183 6.13 1.11 -33.31
C HIS C 183 6.91 1.43 -34.58
N MET C 184 6.69 2.62 -35.10
CA MET C 184 7.28 3.07 -36.35
C MET C 184 8.75 3.44 -36.23
N ASN C 185 9.16 3.93 -35.08
CA ASN C 185 10.53 4.36 -34.92
C ASN C 185 11.34 3.36 -34.09
N ASP C 186 11.14 2.08 -34.37
CA ASP C 186 11.84 1.03 -33.66
C ASP C 186 13.20 0.72 -34.30
N GLY C 187 13.65 1.55 -35.24
CA GLY C 187 14.98 1.38 -35.81
C GLY C 187 15.11 0.13 -36.65
N ARG C 188 14.00 -0.56 -36.82
CA ARG C 188 13.94 -1.81 -37.57
C ARG C 188 14.09 -1.53 -39.06
N VAL C 189 14.65 -2.48 -39.77
CA VAL C 189 15.03 -2.26 -41.17
C VAL C 189 13.80 -2.06 -42.08
N VAL C 190 12.72 -2.77 -41.79
CA VAL C 190 11.48 -2.60 -42.55
C VAL C 190 10.78 -1.28 -42.18
N SER C 191 10.77 -0.94 -40.89
CA SER C 191 10.13 0.30 -40.45
C SER C 191 10.81 1.49 -41.08
N ASN C 192 12.14 1.48 -41.07
CA ASN C 192 12.88 2.58 -41.64
C ASN C 192 12.64 2.68 -43.13
N PHE C 193 12.51 1.54 -43.81
CA PHE C 193 12.34 1.57 -45.24
C PHE C 193 10.99 2.15 -45.63
N ILE C 194 9.95 1.82 -44.87
CA ILE C 194 8.64 2.39 -45.16
C ILE C 194 8.64 3.90 -44.88
N LEU C 195 9.23 4.30 -43.76
CA LEU C 195 9.30 5.72 -43.39
C LEU C 195 9.97 6.56 -44.47
N GLN C 196 11.21 6.20 -44.78
CA GLN C 196 11.98 6.92 -45.77
C GLN C 196 11.26 6.93 -47.13
N ALA C 197 10.60 5.84 -47.48
CA ALA C 197 9.90 5.78 -48.77
C ALA C 197 8.68 6.69 -48.74
N LEU C 198 7.96 6.69 -47.63
CA LEU C 198 6.77 7.50 -47.53
C LEU C 198 7.11 8.98 -47.50
N GLN C 199 8.29 9.29 -47.03
CA GLN C 199 8.66 10.67 -46.87
C GLN C 199 9.53 11.23 -48.02
N GLY C 200 9.70 10.43 -49.06
CA GLY C 200 10.47 10.81 -50.23
C GLY C 200 11.97 10.86 -49.98
N GLU C 201 12.38 10.42 -48.79
CA GLU C 201 13.78 10.41 -48.42
C GLU C 201 14.51 9.24 -49.06
N PRO C 202 15.83 9.37 -49.22
CA PRO C 202 16.58 8.26 -49.81
C PRO C 202 16.59 7.03 -48.89
N LEU C 203 16.48 5.85 -49.49
CA LEU C 203 16.54 4.61 -48.71
C LEU C 203 17.97 4.20 -48.47
N THR C 204 18.47 4.45 -47.25
CA THR C 204 19.85 4.14 -46.94
C THR C 204 20.04 2.66 -46.64
N VAL C 205 20.95 2.03 -47.40
CA VAL C 205 21.26 0.63 -47.24
C VAL C 205 22.73 0.44 -46.86
N TYR C 206 22.95 -0.07 -45.64
CA TYR C 206 24.28 -0.34 -45.13
C TYR C 206 24.91 -1.58 -45.77
N GLY C 207 26.19 -1.49 -46.12
CA GLY C 207 26.90 -2.57 -46.78
C GLY C 207 26.37 -2.72 -48.18
N SER C 208 26.34 -3.94 -48.70
CA SER C 208 25.80 -4.18 -50.04
C SER C 208 24.33 -4.59 -49.91
N GLY C 209 23.90 -4.83 -48.69
CA GLY C 209 22.51 -5.18 -48.44
C GLY C 209 22.23 -6.62 -48.75
N SER C 210 23.25 -7.43 -48.59
CA SER C 210 23.17 -8.87 -48.86
C SER C 210 22.72 -9.68 -47.63
N GLN C 211 22.73 -9.05 -46.45
CA GLN C 211 22.25 -9.73 -45.25
C GLN C 211 20.74 -9.95 -45.35
N THR C 212 20.27 -11.05 -44.78
CA THR C 212 18.87 -11.45 -44.93
C THR C 212 18.02 -11.26 -43.68
N ARG C 213 16.76 -10.90 -43.89
CA ARG C 213 15.83 -10.65 -42.77
C ARG C 213 14.54 -11.41 -42.95
N ALA C 214 14.04 -11.96 -41.85
CA ALA C 214 12.79 -12.71 -41.83
C ALA C 214 11.70 -11.94 -41.09
N PHE C 215 10.57 -11.72 -41.77
CA PHE C 215 9.51 -10.94 -41.15
C PHE C 215 8.11 -11.56 -41.24
N GLN C 216 7.39 -11.57 -40.12
CA GLN C 216 6.00 -12.07 -40.10
C GLN C 216 4.99 -11.00 -39.81
N TYR C 217 3.83 -11.13 -40.45
CA TYR C 217 2.69 -10.27 -40.22
C TYR C 217 2.09 -10.64 -38.89
N VAL C 218 1.47 -9.68 -38.21
CA VAL C 218 1.05 -9.85 -36.81
C VAL C 218 -0.05 -10.91 -36.62
N SER C 219 -0.94 -11.05 -37.61
CA SER C 219 -2.02 -11.99 -37.46
C SER C 219 -1.48 -13.40 -37.47
N ASP C 220 -0.36 -13.59 -38.14
CA ASP C 220 0.32 -14.87 -38.09
C ASP C 220 0.84 -15.13 -36.68
N LEU C 221 1.54 -14.18 -36.09
CA LEU C 221 2.06 -14.31 -34.73
C LEU C 221 0.95 -14.56 -33.72
N VAL C 222 -0.16 -13.87 -33.87
CA VAL C 222 -1.30 -14.04 -32.96
C VAL C 222 -1.85 -15.47 -32.98
N ASN C 223 -2.06 -16.01 -34.18
CA ASN C 223 -2.56 -17.36 -34.33
C ASN C 223 -1.64 -18.36 -33.66
N GLY C 224 -0.35 -18.12 -33.80
CA GLY C 224 0.64 -18.96 -33.16
C GLY C 224 0.52 -18.92 -31.67
N LEU C 225 0.29 -17.71 -31.13
CA LEU C 225 0.17 -17.52 -29.68
C LEU C 225 -1.05 -18.23 -29.12
N VAL C 226 -2.18 -18.11 -29.81
CA VAL C 226 -3.42 -18.77 -29.37
C VAL C 226 -3.26 -20.31 -29.49
N ALA C 227 -2.62 -20.75 -30.56
CA ALA C 227 -2.30 -22.15 -30.76
C ALA C 227 -1.38 -22.66 -29.66
N LEU C 228 -0.32 -21.92 -29.39
CA LEU C 228 0.63 -22.33 -28.37
C LEU C 228 -0.02 -22.35 -26.98
N MET C 229 -0.92 -21.41 -26.73
CA MET C 229 -1.64 -21.33 -25.45
C MET C 229 -2.55 -22.54 -25.23
N ASN C 230 -3.28 -22.95 -26.27
CA ASN C 230 -4.21 -24.07 -26.15
C ASN C 230 -3.61 -25.44 -26.49
N SER C 231 -2.31 -25.48 -26.73
CA SER C 231 -1.62 -26.73 -26.92
C SER C 231 -1.16 -27.31 -25.57
N ASN C 232 -0.41 -28.41 -25.63
CA ASN C 232 0.13 -29.07 -24.43
C ASN C 232 1.64 -29.01 -24.38
N VAL C 233 2.19 -28.20 -25.28
CA VAL C 233 3.62 -27.98 -25.39
C VAL C 233 4.09 -26.93 -24.40
N SER C 234 4.82 -27.31 -23.35
CA SER C 234 5.27 -26.32 -22.37
C SER C 234 6.72 -25.90 -22.63
N SER C 235 7.42 -26.58 -23.56
CA SER C 235 8.76 -26.14 -23.97
C SER C 235 8.71 -24.91 -24.92
N PRO C 236 9.82 -24.14 -25.02
CA PRO C 236 9.77 -22.91 -25.83
C PRO C 236 9.47 -23.18 -27.30
N VAL C 237 8.71 -22.32 -27.96
CA VAL C 237 8.32 -22.53 -29.36
C VAL C 237 8.56 -21.26 -30.20
N ASN C 238 9.40 -21.36 -31.23
CA ASN C 238 9.66 -20.22 -32.12
C ASN C 238 8.45 -19.86 -32.95
N LEU C 239 8.00 -18.62 -32.89
CA LEU C 239 6.94 -18.21 -33.78
C LEU C 239 7.47 -17.11 -34.70
N GLY C 240 7.85 -17.50 -35.91
CA GLY C 240 8.36 -16.56 -36.89
C GLY C 240 8.15 -17.05 -38.32
N ASN C 241 8.51 -16.20 -39.27
CA ASN C 241 8.34 -16.50 -40.68
C ASN C 241 9.69 -16.88 -41.22
N PRO C 242 9.86 -18.16 -41.60
CA PRO C 242 11.14 -18.74 -42.01
C PRO C 242 11.62 -18.20 -43.34
N GLU C 243 10.69 -17.65 -44.12
CA GLU C 243 10.98 -17.02 -45.42
C GLU C 243 11.79 -15.73 -45.25
N GLU C 244 13.07 -15.79 -45.62
CA GLU C 244 13.97 -14.65 -45.50
C GLU C 244 14.11 -13.89 -46.81
N HIS C 245 14.53 -12.63 -46.72
CA HIS C 245 14.87 -11.81 -47.87
C HIS C 245 16.05 -10.90 -47.54
N THR C 246 16.84 -10.57 -48.55
CA THR C 246 17.98 -9.68 -48.34
C THR C 246 17.49 -8.28 -48.01
N ILE C 247 18.34 -7.51 -47.34
CA ILE C 247 18.02 -6.13 -46.97
C ILE C 247 17.60 -5.35 -48.18
N LEU C 248 18.39 -5.46 -49.24
CA LEU C 248 18.14 -4.72 -50.48
C LEU C 248 16.84 -5.17 -51.13
N GLU C 249 16.45 -6.41 -50.89
CA GLU C 249 15.22 -6.93 -51.48
C GLU C 249 14.00 -6.28 -50.83
N PHE C 250 14.06 -6.09 -49.52
CA PHE C 250 12.98 -5.39 -48.81
C PHE C 250 12.93 -3.94 -49.21
N ALA C 251 14.11 -3.33 -49.33
CA ALA C 251 14.19 -1.93 -49.69
C ALA C 251 13.50 -1.68 -51.02
N GLN C 252 13.85 -2.48 -52.03
CA GLN C 252 13.31 -2.27 -53.37
C GLN C 252 11.85 -2.67 -53.48
N LEU C 253 11.42 -3.65 -52.67
CA LEU C 253 10.02 -4.06 -52.69
C LEU C 253 9.13 -2.99 -52.05
N ILE C 254 9.59 -2.50 -50.90
CA ILE C 254 8.87 -1.46 -50.17
C ILE C 254 8.80 -0.19 -51.01
N LYS C 255 9.93 0.15 -51.65
CA LYS C 255 9.97 1.28 -52.56
C LYS C 255 8.88 1.16 -53.64
N ASN C 256 8.77 -0.01 -54.26
CA ASN C 256 7.78 -0.24 -55.30
C ASN C 256 6.34 -0.18 -54.77
N LEU C 257 6.13 -0.79 -53.58
CA LEU C 257 4.79 -0.91 -53.02
C LEU C 257 4.22 0.42 -52.57
N VAL C 258 5.10 1.37 -52.25
CA VAL C 258 4.69 2.71 -51.82
C VAL C 258 4.34 3.58 -53.02
N GLY C 259 5.15 3.47 -54.07
CA GLY C 259 4.93 4.28 -55.24
C GLY C 259 5.67 5.58 -55.02
N SER C 260 6.89 5.46 -54.53
CA SER C 260 7.69 6.64 -54.25
C SER C 260 8.88 6.73 -55.18
N GLY C 261 9.39 7.94 -55.35
CA GLY C 261 10.58 8.15 -56.15
C GLY C 261 11.81 8.22 -55.28
N SER C 262 11.83 7.42 -54.22
CA SER C 262 12.97 7.46 -53.30
C SER C 262 14.21 6.86 -53.96
N GLU C 263 15.36 7.41 -53.58
CA GLU C 263 16.66 7.02 -54.11
C GLU C 263 17.25 5.95 -53.21
N ILE C 264 18.04 5.04 -53.77
CA ILE C 264 18.71 4.05 -52.93
C ILE C 264 20.20 4.40 -52.73
N GLN C 265 20.61 4.56 -51.48
CA GLN C 265 22.00 4.93 -51.18
C GLN C 265 22.73 3.86 -50.37
N PHE C 266 24.05 3.87 -50.46
CA PHE C 266 24.87 2.81 -49.90
C PHE C 266 25.94 3.28 -48.94
N LEU C 267 26.24 2.45 -47.94
CA LEU C 267 27.22 2.80 -46.93
C LEU C 267 28.15 1.63 -46.61
N LYS C 278 17.95 -16.59 -38.33
CA LYS C 278 16.94 -17.16 -39.23
C LYS C 278 16.01 -18.07 -38.46
N PRO C 279 14.71 -17.74 -38.46
CA PRO C 279 13.73 -18.47 -37.63
C PRO C 279 13.47 -19.89 -38.10
N ASP C 280 13.72 -20.86 -37.22
CA ASP C 280 13.38 -22.24 -37.51
C ASP C 280 12.07 -22.62 -36.84
N ILE C 281 11.02 -22.78 -37.61
CA ILE C 281 9.69 -22.98 -37.03
C ILE C 281 9.12 -24.38 -37.26
N LYS C 282 10.01 -25.36 -37.44
CA LYS C 282 9.58 -26.72 -37.69
C LYS C 282 8.89 -27.30 -36.49
N LYS C 283 9.28 -26.90 -35.29
CA LYS C 283 8.58 -27.35 -34.08
C LYS C 283 7.18 -26.76 -34.01
N ALA C 284 7.04 -25.49 -34.38
CA ALA C 284 5.74 -24.89 -34.45
C ALA C 284 4.90 -25.56 -35.54
N LYS C 285 5.55 -25.88 -36.67
CA LYS C 285 4.91 -26.53 -37.82
C LYS C 285 4.37 -27.90 -37.50
N LEU C 286 5.11 -28.64 -36.68
CA LEU C 286 4.77 -30.03 -36.37
C LEU C 286 3.90 -30.22 -35.12
N MET C 287 4.22 -29.51 -34.05
CA MET C 287 3.52 -29.64 -32.78
C MET C 287 2.17 -28.91 -32.75
N LEU C 288 2.12 -27.75 -33.40
CA LEU C 288 0.94 -26.90 -33.36
C LEU C 288 0.25 -26.96 -34.72
N GLY C 289 0.98 -27.35 -35.75
CA GLY C 289 0.42 -27.32 -37.07
C GLY C 289 0.17 -25.91 -37.49
N TRP C 290 1.08 -25.04 -37.11
CA TRP C 290 0.98 -23.64 -37.42
C TRP C 290 2.08 -23.20 -38.35
N GLU C 291 1.72 -22.30 -39.28
CA GLU C 291 2.69 -21.61 -40.11
C GLU C 291 2.05 -20.35 -40.67
N PRO C 292 2.87 -19.31 -40.86
CA PRO C 292 2.48 -18.03 -41.45
C PRO C 292 1.84 -18.24 -42.80
N VAL C 293 0.65 -17.67 -42.99
CA VAL C 293 -0.09 -17.85 -44.22
C VAL C 293 -0.29 -16.55 -45.01
N VAL C 294 0.11 -15.43 -44.41
CA VAL C 294 -0.06 -14.13 -45.04
C VAL C 294 1.12 -13.75 -45.93
N PRO C 295 0.89 -13.62 -47.26
CA PRO C 295 1.95 -13.24 -48.19
C PRO C 295 2.59 -11.90 -47.82
N LEU C 296 3.86 -11.74 -48.17
CA LEU C 296 4.66 -10.57 -47.79
C LEU C 296 4.11 -9.24 -48.30
N GLU C 297 3.70 -9.22 -49.57
CA GLU C 297 3.14 -8.02 -50.19
C GLU C 297 1.87 -7.63 -49.48
N GLU C 298 1.03 -8.62 -49.19
CA GLU C 298 -0.22 -8.33 -48.47
C GLU C 298 0.06 -7.76 -47.07
N GLY C 299 1.05 -8.35 -46.38
CA GLY C 299 1.41 -7.90 -45.05
C GLY C 299 2.04 -6.52 -45.10
N LEU C 300 2.93 -6.31 -46.06
CA LEU C 300 3.57 -5.02 -46.20
C LEU C 300 2.58 -3.92 -46.57
N ASN C 301 1.64 -4.22 -47.45
CA ASN C 301 0.65 -3.21 -47.83
C ASN C 301 -0.17 -2.70 -46.66
N LYS C 302 -0.61 -3.60 -45.79
CA LYS C 302 -1.39 -3.22 -44.62
C LYS C 302 -0.55 -2.42 -43.63
N ALA C 303 0.73 -2.75 -43.57
CA ALA C 303 1.68 -2.03 -42.72
C ALA C 303 2.00 -0.63 -43.30
N ILE C 304 2.14 -0.56 -44.62
CA ILE C 304 2.38 0.69 -45.34
C ILE C 304 1.18 1.63 -45.15
N HIS C 305 -0.02 1.04 -45.20
CA HIS C 305 -1.24 1.80 -44.97
C HIS C 305 -1.19 2.46 -43.59
N TYR C 306 -0.86 1.67 -42.56
CA TYR C 306 -0.79 2.16 -41.18
C TYR C 306 0.21 3.30 -41.01
N PHE C 307 1.42 3.14 -41.53
CA PHE C 307 2.44 4.18 -41.49
C PHE C 307 1.95 5.43 -42.20
N ARG C 308 1.28 5.23 -43.33
CA ARG C 308 0.82 6.36 -44.11
C ARG C 308 -0.23 7.18 -43.37
N LYS C 309 -1.16 6.49 -42.74
CA LYS C 309 -2.23 7.13 -42.00
C LYS C 309 -1.65 7.92 -40.82
N GLU C 310 -0.59 7.35 -40.24
CA GLU C 310 0.06 7.95 -39.09
C GLU C 310 0.84 9.18 -39.43
N LEU C 311 1.58 9.15 -40.53
CA LEU C 311 2.35 10.33 -40.92
C LEU C 311 1.46 11.51 -41.29
N GLU C 312 0.29 11.23 -41.87
CA GLU C 312 -0.64 12.28 -42.24
C GLU C 312 -1.24 12.89 -41.00
N TYR C 313 -1.37 12.08 -39.95
CA TYR C 313 -1.87 12.58 -38.68
C TYR C 313 -0.80 13.45 -38.03
N GLN C 314 0.44 13.27 -38.45
CA GLN C 314 1.56 14.02 -37.90
C GLN C 314 1.74 15.30 -38.72
N ALA C 315 0.64 15.78 -39.30
CA ALA C 315 0.62 16.99 -40.12
C ALA C 315 -0.48 17.97 -39.69
N ARG D 4 39.90 4.20 5.40
CA ARG D 4 39.24 2.91 5.59
C ARG D 4 37.72 3.04 5.68
N LYS D 5 37.03 2.14 4.98
CA LYS D 5 35.63 2.34 4.58
C LYS D 5 34.57 1.44 5.25
N ARG D 6 33.30 1.78 5.03
CA ARG D 6 32.16 1.06 5.59
C ARG D 6 31.60 0.06 4.57
N ILE D 7 31.96 -1.21 4.73
CA ILE D 7 31.66 -2.16 3.69
C ILE D 7 30.45 -3.05 4.01
N LEU D 8 29.49 -3.07 3.08
CA LEU D 8 28.41 -4.04 3.13
C LEU D 8 28.75 -5.26 2.27
N ILE D 9 28.59 -6.45 2.85
CA ILE D 9 28.79 -7.71 2.14
C ILE D 9 27.58 -8.62 2.21
N THR D 10 26.74 -8.63 1.18
CA THR D 10 25.61 -9.56 1.15
C THR D 10 26.09 -10.96 0.82
N GLY D 11 25.56 -11.94 1.54
CA GLY D 11 26.00 -13.30 1.41
C GLY D 11 27.39 -13.50 1.99
N GLY D 12 27.81 -12.59 2.86
CA GLY D 12 29.12 -12.66 3.46
C GLY D 12 29.32 -13.80 4.46
N ALA D 13 28.33 -14.67 4.62
CA ALA D 13 28.49 -15.78 5.53
C ALA D 13 28.62 -17.06 4.74
N GLY D 14 28.61 -16.94 3.41
CA GLY D 14 28.82 -18.07 2.53
C GLY D 14 30.29 -18.43 2.37
N PHE D 15 30.60 -19.18 1.31
CA PHE D 15 31.97 -19.63 1.04
C PHE D 15 32.86 -18.47 0.66
N VAL D 16 32.56 -17.84 -0.46
CA VAL D 16 33.38 -16.72 -0.91
C VAL D 16 33.16 -15.54 0.01
N GLY D 17 31.89 -15.35 0.40
CA GLY D 17 31.52 -14.22 1.23
C GLY D 17 32.36 -14.13 2.48
N SER D 18 32.54 -15.27 3.16
CA SER D 18 33.18 -15.30 4.49
C SER D 18 34.69 -15.07 4.45
N HIS D 19 35.38 -15.66 3.48
CA HIS D 19 36.81 -15.38 3.33
C HIS D 19 37.06 -13.92 2.99
N LEU D 20 36.16 -13.35 2.21
CA LEU D 20 36.20 -11.92 1.88
C LEU D 20 36.03 -11.02 3.13
N THR D 21 35.14 -11.43 4.02
CA THR D 21 34.92 -10.75 5.28
C THR D 21 36.17 -10.84 6.14
N ASP D 22 36.96 -11.89 5.95
CA ASP D 22 38.14 -12.10 6.78
C ASP D 22 39.20 -11.06 6.44
N LYS D 23 39.43 -10.85 5.15
CA LYS D 23 40.47 -9.93 4.70
C LYS D 23 40.11 -8.50 5.06
N LEU D 24 38.89 -8.12 4.73
CA LEU D 24 38.42 -6.76 4.91
C LEU D 24 38.38 -6.39 6.39
N MET D 25 38.04 -7.36 7.23
CA MET D 25 38.12 -7.14 8.67
C MET D 25 39.57 -7.01 9.13
N MET D 26 40.44 -7.86 8.61
CA MET D 26 41.88 -7.82 8.94
C MET D 26 42.53 -6.52 8.52
N ASP D 27 41.98 -5.87 7.49
CA ASP D 27 42.54 -4.62 6.97
C ASP D 27 42.03 -3.42 7.76
N GLY D 28 41.20 -3.69 8.75
CA GLY D 28 40.73 -2.66 9.67
C GLY D 28 39.58 -1.84 9.13
N HIS D 29 38.66 -2.50 8.44
CA HIS D 29 37.50 -1.84 7.89
C HIS D 29 36.28 -2.05 8.77
N GLU D 30 35.22 -1.30 8.53
CA GLU D 30 33.97 -1.51 9.26
C GLU D 30 33.01 -2.36 8.42
N VAL D 31 33.18 -3.68 8.53
CA VAL D 31 32.43 -4.63 7.72
C VAL D 31 31.06 -4.91 8.33
N THR D 32 30.06 -5.11 7.46
CA THR D 32 28.69 -5.41 7.87
C THR D 32 28.15 -6.52 6.99
N VAL D 33 27.76 -7.63 7.60
CA VAL D 33 27.17 -8.73 6.86
C VAL D 33 25.65 -8.81 6.99
N VAL D 34 24.98 -8.76 5.85
CA VAL D 34 23.53 -8.98 5.74
C VAL D 34 23.28 -10.34 5.09
N ASP D 35 22.65 -11.25 5.82
CA ASP D 35 22.53 -12.62 5.36
C ASP D 35 21.32 -13.34 5.96
N ASN D 36 20.54 -14.02 5.13
CA ASN D 36 19.35 -14.73 5.58
C ASN D 36 19.61 -16.22 5.89
N PHE D 37 20.88 -16.61 5.79
CA PHE D 37 21.33 -17.99 6.05
C PHE D 37 20.69 -19.12 5.20
N PHE D 38 20.36 -18.85 3.93
CA PHE D 38 19.79 -19.88 3.05
C PHE D 38 20.75 -21.05 2.72
N THR D 39 21.99 -20.70 2.43
CA THR D 39 23.10 -21.63 2.15
C THR D 39 24.39 -21.17 2.83
N GLY D 40 24.28 -20.26 3.77
CA GLY D 40 25.46 -19.77 4.46
C GLY D 40 25.36 -20.20 5.89
N ARG D 41 26.45 -20.10 6.64
CA ARG D 41 26.45 -20.64 7.98
C ARG D 41 27.10 -19.63 8.93
N LYS D 42 26.57 -19.51 10.14
CA LYS D 42 27.03 -18.48 11.04
C LYS D 42 28.48 -18.69 11.47
N ARG D 43 28.92 -19.95 11.47
CA ARG D 43 30.25 -20.32 11.95
C ARG D 43 31.35 -19.88 10.98
N ASN D 44 30.95 -19.54 9.76
CA ASN D 44 31.87 -19.06 8.75
C ASN D 44 32.39 -17.67 9.12
N VAL D 45 31.62 -16.94 9.93
CA VAL D 45 31.96 -15.57 10.29
C VAL D 45 31.90 -15.32 11.79
N GLU D 46 31.57 -16.36 12.54
CA GLU D 46 31.51 -16.32 14.00
C GLU D 46 32.78 -15.75 14.64
N HIS D 47 33.92 -15.87 13.97
CA HIS D 47 35.20 -15.38 14.49
C HIS D 47 35.14 -13.88 14.77
N TRP D 48 34.32 -13.17 14.01
CA TRP D 48 34.28 -11.71 14.04
C TRP D 48 33.17 -11.14 14.93
N ILE D 49 32.15 -11.94 15.20
CA ILE D 49 31.03 -11.48 16.02
C ILE D 49 31.51 -10.95 17.36
N GLY D 50 31.09 -9.74 17.71
CA GLY D 50 31.47 -9.13 18.96
C GLY D 50 32.52 -8.05 18.77
N HIS D 51 33.21 -8.09 17.62
CA HIS D 51 34.21 -7.08 17.29
C HIS D 51 33.53 -5.74 17.01
N GLU D 52 34.22 -4.67 17.39
CA GLU D 52 33.73 -3.30 17.24
C GLU D 52 33.44 -2.90 15.79
N ASN D 53 34.14 -3.51 14.83
CA ASN D 53 34.00 -3.14 13.43
C ASN D 53 33.24 -4.17 12.60
N PHE D 54 32.61 -5.13 13.27
CA PHE D 54 31.79 -6.14 12.59
C PHE D 54 30.34 -6.14 13.06
N GLU D 55 29.42 -6.39 12.13
CA GLU D 55 28.01 -6.51 12.47
C GLU D 55 27.30 -7.52 11.58
N LEU D 56 26.65 -8.49 12.22
CA LEU D 56 25.86 -9.50 11.52
C LEU D 56 24.37 -9.16 11.55
N ILE D 57 23.71 -9.33 10.40
CA ILE D 57 22.29 -9.11 10.25
C ILE D 57 21.64 -10.27 9.49
N ASN D 58 20.77 -11.00 10.15
CA ASN D 58 19.95 -12.01 9.49
C ASN D 58 18.88 -11.28 8.66
N HIS D 59 19.19 -11.07 7.38
CA HIS D 59 18.32 -10.29 6.52
C HIS D 59 18.23 -10.88 5.11
N ASP D 60 17.02 -10.95 4.54
CA ASP D 60 16.88 -11.36 3.15
C ASP D 60 16.94 -10.12 2.27
N VAL D 61 17.82 -10.15 1.27
CA VAL D 61 18.01 -9.01 0.36
C VAL D 61 16.79 -8.77 -0.50
N VAL D 62 15.95 -9.79 -0.63
CA VAL D 62 14.68 -9.63 -1.34
C VAL D 62 13.82 -8.60 -0.58
N GLU D 63 14.14 -8.43 0.69
CA GLU D 63 13.53 -7.39 1.46
C GLU D 63 14.45 -6.17 1.45
N PRO D 64 13.88 -4.99 1.20
CA PRO D 64 14.62 -3.72 1.16
C PRO D 64 15.53 -3.53 2.36
N LEU D 65 16.72 -3.03 2.11
CA LEU D 65 17.70 -2.74 3.15
C LEU D 65 18.10 -1.25 3.11
N TYR D 66 18.36 -0.70 4.29
CA TYR D 66 18.67 0.71 4.44
C TYR D 66 19.78 0.90 5.46
N ILE D 67 21.03 0.78 5.01
CA ILE D 67 22.18 1.05 5.86
C ILE D 67 23.07 2.06 5.13
N GLU D 68 23.91 2.80 5.87
CA GLU D 68 24.84 3.74 5.24
C GLU D 68 26.22 3.12 5.08
N VAL D 69 26.50 2.58 3.89
CA VAL D 69 27.80 2.00 3.60
C VAL D 69 28.49 2.71 2.42
N ASP D 70 29.80 2.50 2.31
CA ASP D 70 30.62 3.08 1.25
C ASP D 70 30.71 2.14 0.03
N GLN D 71 31.05 0.88 0.28
CA GLN D 71 31.11 -0.11 -0.79
C GLN D 71 30.21 -1.32 -0.47
N ILE D 72 29.54 -1.85 -1.50
CA ILE D 72 28.68 -3.02 -1.33
C ILE D 72 29.19 -4.22 -2.15
N TYR D 73 29.69 -5.25 -1.46
CA TYR D 73 30.06 -6.51 -2.14
C TYR D 73 28.84 -7.42 -2.25
N HIS D 74 28.22 -7.48 -3.41
CA HIS D 74 26.95 -8.18 -3.56
C HIS D 74 27.22 -9.58 -4.03
N LEU D 75 27.27 -10.49 -3.06
CA LEU D 75 27.62 -11.89 -3.26
C LEU D 75 26.46 -12.84 -2.91
N ALA D 76 25.40 -12.31 -2.33
CA ALA D 76 24.24 -13.10 -1.96
C ALA D 76 23.65 -13.82 -3.16
N SER D 77 23.83 -15.14 -3.20
CA SER D 77 23.32 -15.95 -4.30
C SER D 77 23.69 -17.42 -4.10
N TYR D 86 18.72 -25.55 -6.12
CA TYR D 86 17.95 -26.38 -5.20
C TYR D 86 16.49 -25.92 -5.14
N ASN D 87 16.28 -24.73 -4.57
CA ASN D 87 14.98 -24.05 -4.60
C ASN D 87 15.01 -22.96 -5.67
N PRO D 88 14.53 -23.30 -6.88
CA PRO D 88 14.69 -22.44 -8.07
C PRO D 88 13.98 -21.08 -7.97
N ILE D 89 12.72 -21.05 -7.57
CA ILE D 89 12.00 -19.79 -7.46
C ILE D 89 12.70 -18.77 -6.52
N LYS D 90 13.16 -19.23 -5.36
CA LYS D 90 13.78 -18.32 -4.41
C LYS D 90 15.10 -17.80 -4.97
N THR D 91 15.83 -18.63 -5.71
CA THR D 91 17.10 -18.18 -6.25
C THR D 91 16.89 -17.06 -7.30
N LEU D 92 15.87 -17.22 -8.12
CA LEU D 92 15.64 -16.21 -9.15
C LEU D 92 15.25 -14.91 -8.48
N LYS D 93 14.42 -14.98 -7.45
CA LYS D 93 13.99 -13.78 -6.74
C LYS D 93 15.18 -13.10 -6.07
N THR D 94 16.00 -13.88 -5.39
CA THR D 94 17.23 -13.37 -4.81
C THR D 94 18.15 -12.71 -5.82
N ASN D 95 18.36 -13.31 -7.00
CA ASN D 95 19.31 -12.76 -7.98
C ASN D 95 18.77 -11.56 -8.74
N THR D 96 17.45 -11.41 -8.83
CA THR D 96 16.88 -10.26 -9.52
C THR D 96 16.50 -9.13 -8.54
N ILE D 97 15.41 -9.33 -7.79
CA ILE D 97 14.97 -8.37 -6.79
C ILE D 97 16.07 -8.00 -5.80
N GLY D 98 16.71 -9.03 -5.24
CA GLY D 98 17.84 -8.82 -4.36
C GLY D 98 18.84 -7.84 -4.95
N THR D 99 19.16 -8.01 -6.22
CA THR D 99 20.15 -7.12 -6.82
C THR D 99 19.53 -5.76 -7.02
N LEU D 100 18.28 -5.70 -7.50
CA LEU D 100 17.58 -4.41 -7.63
C LEU D 100 17.60 -3.65 -6.31
N ASN D 101 17.44 -4.34 -5.20
CA ASN D 101 17.43 -3.63 -3.93
C ASN D 101 18.78 -3.02 -3.59
N MET D 102 19.84 -3.78 -3.75
CA MET D 102 21.17 -3.28 -3.45
C MET D 102 21.63 -2.16 -4.42
N LEU D 103 21.21 -2.22 -5.68
CA LEU D 103 21.46 -1.13 -6.58
C LEU D 103 20.65 0.09 -6.12
N GLY D 104 19.42 -0.17 -5.65
CA GLY D 104 18.56 0.84 -5.09
C GLY D 104 19.22 1.45 -3.86
N LEU D 105 19.74 0.58 -3.01
CA LEU D 105 20.45 1.03 -1.83
C LEU D 105 21.63 1.92 -2.21
N ALA D 106 22.35 1.54 -3.26
CA ALA D 106 23.60 2.22 -3.63
C ALA D 106 23.30 3.58 -4.22
N LYS D 107 22.29 3.65 -5.09
CA LYS D 107 21.78 4.90 -5.59
C LYS D 107 21.43 5.85 -4.45
N ARG D 108 20.90 5.29 -3.36
CA ARG D 108 20.37 6.09 -2.26
C ARG D 108 21.46 6.65 -1.37
N VAL D 109 22.45 5.84 -1.02
CA VAL D 109 23.50 6.26 -0.10
C VAL D 109 24.83 6.48 -0.82
N GLY D 110 24.76 6.52 -2.16
CA GLY D 110 25.92 6.70 -3.01
C GLY D 110 27.04 5.72 -2.73
N ALA D 111 26.76 4.43 -2.86
CA ALA D 111 27.80 3.42 -2.66
C ALA D 111 28.23 2.78 -3.97
N ARG D 112 29.48 2.35 -4.00
CA ARG D 112 30.01 1.55 -5.09
C ARG D 112 29.60 0.10 -4.91
N LEU D 113 28.83 -0.45 -5.82
CA LEU D 113 28.44 -1.85 -5.69
C LEU D 113 29.27 -2.76 -6.62
N LEU D 114 29.84 -3.82 -6.06
CA LEU D 114 30.53 -4.84 -6.85
C LEU D 114 29.69 -6.12 -6.94
N LEU D 115 29.30 -6.49 -8.15
CA LEU D 115 28.49 -7.69 -8.37
C LEU D 115 29.37 -8.93 -8.48
N ALA D 116 28.99 -10.00 -7.78
CA ALA D 116 29.77 -11.22 -7.94
C ALA D 116 29.10 -12.07 -8.99
N SER D 117 29.42 -11.82 -10.25
CA SER D 117 28.82 -12.60 -11.33
C SER D 117 29.65 -13.89 -11.60
N THR D 118 29.19 -14.68 -12.55
CA THR D 118 29.83 -15.95 -12.78
C THR D 118 30.35 -16.12 -14.20
N SER D 119 31.04 -17.23 -14.43
CA SER D 119 31.59 -17.58 -15.74
C SER D 119 30.62 -18.41 -16.57
N GLU D 120 29.48 -18.76 -15.99
CA GLU D 120 28.45 -19.50 -16.73
C GLU D 120 27.67 -18.55 -17.62
N VAL D 121 27.94 -17.25 -17.49
CA VAL D 121 27.33 -16.28 -18.39
C VAL D 121 27.84 -16.49 -19.83
N TYR D 122 28.98 -17.19 -19.96
CA TYR D 122 29.54 -17.47 -21.26
C TYR D 122 28.88 -18.69 -21.91
N GLY D 150 19.54 -16.20 -12.67
CA GLY D 150 19.81 -15.13 -13.61
C GLY D 150 20.90 -14.17 -13.13
N LYS D 151 22.15 -14.59 -13.29
CA LYS D 151 23.31 -13.75 -13.00
C LYS D 151 23.66 -12.85 -14.19
N HIS D 152 23.18 -13.20 -15.38
CA HIS D 152 23.44 -12.40 -16.58
C HIS D 152 22.65 -11.11 -16.49
N VAL D 153 21.41 -11.23 -16.02
CA VAL D 153 20.51 -10.10 -15.87
C VAL D 153 20.98 -9.24 -14.69
N ALA D 154 21.59 -9.85 -13.68
CA ALA D 154 22.13 -9.04 -12.59
C ALA D 154 23.22 -8.11 -13.14
N GLU D 155 24.01 -8.62 -14.08
CA GLU D 155 24.98 -7.78 -14.75
C GLU D 155 24.26 -6.61 -15.47
N THR D 156 23.29 -6.96 -16.31
CA THR D 156 22.55 -5.96 -17.08
C THR D 156 21.86 -4.91 -16.21
N MET D 157 21.37 -5.30 -15.04
CA MET D 157 20.81 -4.34 -14.09
C MET D 157 21.88 -3.34 -13.63
N CYS D 158 23.03 -3.84 -13.14
CA CYS D 158 24.17 -3.01 -12.71
C CYS D 158 24.63 -1.98 -13.76
N TYR D 159 24.52 -2.31 -15.04
CA TYR D 159 24.94 -1.39 -16.07
C TYR D 159 23.84 -0.39 -16.45
N ALA D 160 22.58 -0.78 -16.28
CA ALA D 160 21.49 0.20 -16.39
C ALA D 160 21.52 1.22 -15.21
N TYR D 161 21.77 0.77 -13.98
CA TYR D 161 21.94 1.72 -12.89
C TYR D 161 23.20 2.54 -13.03
N MET D 162 24.17 2.06 -13.80
CA MET D 162 25.35 2.88 -14.02
C MET D 162 25.04 3.90 -15.09
N LYS D 163 24.46 3.41 -16.18
CA LYS D 163 24.14 4.27 -17.30
C LYS D 163 23.10 5.33 -16.95
N GLN D 164 22.08 4.96 -16.18
CA GLN D 164 20.90 5.80 -15.98
C GLN D 164 20.87 6.56 -14.65
N GLU D 165 21.45 5.99 -13.59
CA GLU D 165 21.41 6.63 -12.29
C GLU D 165 22.78 6.98 -11.76
N GLY D 166 23.81 6.74 -12.57
CA GLY D 166 25.15 7.12 -12.19
C GLY D 166 25.66 6.38 -10.97
N VAL D 167 25.29 5.10 -10.86
CA VAL D 167 25.75 4.23 -9.79
C VAL D 167 27.10 3.60 -10.12
N GLU D 168 28.15 3.89 -9.34
CA GLU D 168 29.43 3.19 -9.51
C GLU D 168 29.29 1.67 -9.30
N VAL D 169 29.63 0.89 -10.33
CA VAL D 169 29.53 -0.57 -10.27
C VAL D 169 30.80 -1.31 -10.64
N ARG D 170 31.00 -2.48 -10.06
CA ARG D 170 32.11 -3.37 -10.40
C ARG D 170 31.58 -4.78 -10.70
N VAL D 171 31.85 -5.33 -11.88
CA VAL D 171 31.36 -6.68 -12.20
C VAL D 171 32.48 -7.70 -12.36
N ALA D 172 32.60 -8.60 -11.39
CA ALA D 172 33.55 -9.73 -11.44
C ALA D 172 32.90 -10.99 -11.99
N ARG D 173 33.37 -11.46 -13.14
CA ARG D 173 32.92 -12.75 -13.64
C ARG D 173 33.78 -13.85 -13.02
N ILE D 174 33.20 -14.52 -12.02
CA ILE D 174 33.95 -15.41 -11.15
C ILE D 174 33.95 -16.82 -11.74
N PHE D 175 35.08 -17.50 -11.61
CA PHE D 175 35.27 -18.84 -12.16
C PHE D 175 35.35 -19.82 -11.00
N ASN D 176 35.37 -21.11 -11.31
CA ASN D 176 35.24 -22.14 -10.28
C ASN D 176 36.26 -22.01 -9.15
N THR D 177 35.74 -21.96 -7.92
CA THR D 177 36.57 -21.74 -6.74
C THR D 177 36.38 -22.86 -5.70
N PHE D 178 37.44 -23.08 -4.93
CA PHE D 178 37.44 -24.10 -3.90
C PHE D 178 38.34 -23.64 -2.77
N GLY D 179 38.25 -24.31 -1.63
CA GLY D 179 39.03 -23.96 -0.47
C GLY D 179 38.20 -24.22 0.77
N PRO D 180 38.73 -23.83 1.95
CA PRO D 180 38.02 -23.89 3.23
C PRO D 180 36.61 -23.33 3.12
N ARG D 181 35.72 -23.77 4.00
CA ARG D 181 34.36 -23.27 4.13
C ARG D 181 33.52 -23.43 2.87
N MET D 182 34.02 -24.16 1.88
CA MET D 182 33.22 -24.44 0.67
C MET D 182 32.21 -25.54 0.98
N HIS D 183 31.18 -25.64 0.13
CA HIS D 183 30.07 -26.54 0.32
C HIS D 183 30.38 -27.96 -0.09
N MET D 184 30.49 -28.83 0.91
CA MET D 184 30.87 -30.20 0.68
C MET D 184 29.88 -30.91 -0.24
N ASN D 185 28.59 -30.73 0.02
CA ASN D 185 27.60 -31.48 -0.72
C ASN D 185 26.93 -30.67 -1.83
N ASP D 186 27.66 -29.75 -2.45
CA ASP D 186 27.11 -28.97 -3.55
C ASP D 186 27.03 -29.82 -4.81
N GLY D 187 27.94 -30.77 -4.93
CA GLY D 187 27.96 -31.69 -6.07
C GLY D 187 28.97 -31.38 -7.16
N ARG D 188 29.85 -30.39 -6.92
CA ARG D 188 30.83 -30.03 -7.93
C ARG D 188 31.95 -31.07 -7.99
N VAL D 189 32.73 -31.03 -9.07
CA VAL D 189 33.70 -32.07 -9.36
C VAL D 189 34.82 -32.14 -8.30
N VAL D 190 35.07 -31.06 -7.57
CA VAL D 190 36.18 -31.04 -6.61
C VAL D 190 35.75 -31.51 -5.23
N SER D 191 34.52 -31.20 -4.85
CA SER D 191 34.00 -31.64 -3.57
C SER D 191 33.76 -33.16 -3.58
N ASN D 192 33.14 -33.65 -4.64
CA ASN D 192 32.87 -35.07 -4.77
C ASN D 192 34.16 -35.86 -4.81
N PHE D 193 35.19 -35.27 -5.39
CA PHE D 193 36.46 -35.96 -5.49
C PHE D 193 37.23 -35.91 -4.17
N ILE D 194 36.83 -35.07 -3.22
CA ILE D 194 37.47 -35.10 -1.92
C ILE D 194 36.64 -35.94 -0.98
N LEU D 195 35.33 -35.70 -1.02
CA LEU D 195 34.40 -36.56 -0.31
C LEU D 195 34.68 -38.04 -0.57
N GLN D 196 34.50 -38.47 -1.82
CA GLN D 196 34.62 -39.88 -2.15
C GLN D 196 36.02 -40.41 -1.88
N ALA D 197 37.03 -39.54 -2.00
CA ALA D 197 38.39 -39.95 -1.66
C ALA D 197 38.48 -40.20 -0.15
N LEU D 198 38.04 -39.22 0.63
CA LEU D 198 38.11 -39.31 2.09
C LEU D 198 37.26 -40.43 2.67
N GLN D 199 36.14 -40.72 2.03
CA GLN D 199 35.22 -41.75 2.51
C GLN D 199 35.73 -43.13 2.15
N GLY D 200 36.43 -43.21 1.02
CA GLY D 200 36.94 -44.48 0.52
C GLY D 200 36.11 -44.93 -0.67
N GLU D 201 35.01 -44.22 -0.91
CA GLU D 201 34.08 -44.54 -1.99
C GLU D 201 34.73 -44.25 -3.36
N PRO D 202 34.21 -44.86 -4.44
CA PRO D 202 34.89 -44.65 -5.72
C PRO D 202 34.68 -43.24 -6.26
N LEU D 203 35.74 -42.63 -6.77
CA LEU D 203 35.64 -41.35 -7.46
C LEU D 203 34.83 -41.54 -8.73
N THR D 204 33.60 -41.04 -8.72
CA THR D 204 32.71 -41.16 -9.87
C THR D 204 33.09 -40.17 -10.97
N VAL D 205 33.42 -40.70 -12.15
CA VAL D 205 33.77 -39.88 -13.31
C VAL D 205 32.80 -40.15 -14.46
N TYR D 206 32.22 -39.07 -14.99
CA TYR D 206 31.25 -39.14 -16.07
C TYR D 206 31.89 -39.49 -17.40
N SER D 210 37.67 -36.65 -19.62
CA SER D 210 38.47 -36.13 -20.73
C SER D 210 38.34 -34.62 -20.95
N GLN D 211 37.16 -34.06 -20.68
CA GLN D 211 36.97 -32.61 -20.77
C GLN D 211 37.66 -31.88 -19.64
N THR D 212 38.02 -30.63 -19.90
CA THR D 212 38.90 -29.89 -19.01
C THR D 212 38.18 -28.91 -18.11
N ARG D 213 38.72 -28.72 -16.90
CA ARG D 213 38.23 -27.69 -15.99
C ARG D 213 39.39 -26.91 -15.36
N ALA D 214 39.18 -25.65 -15.06
CA ALA D 214 40.16 -24.88 -14.33
C ALA D 214 39.60 -24.35 -12.99
N PHE D 215 40.38 -24.51 -11.93
CA PHE D 215 39.99 -24.12 -10.57
C PHE D 215 41.02 -23.25 -9.87
N GLN D 216 40.56 -22.12 -9.32
CA GLN D 216 41.38 -21.21 -8.52
C GLN D 216 41.12 -21.38 -7.01
N TYR D 217 42.13 -21.12 -6.18
CA TYR D 217 41.96 -21.15 -4.73
C TYR D 217 41.20 -19.91 -4.28
N VAL D 218 40.56 -19.97 -3.10
CA VAL D 218 39.72 -18.88 -2.63
C VAL D 218 40.52 -17.63 -2.24
N SER D 219 41.67 -17.75 -1.59
CA SER D 219 42.36 -16.53 -1.17
C SER D 219 42.76 -15.69 -2.38
N ASP D 220 42.85 -16.35 -3.54
CA ASP D 220 43.10 -15.69 -4.80
C ASP D 220 41.85 -15.00 -5.36
N LEU D 221 40.66 -15.54 -5.15
CA LEU D 221 39.49 -14.84 -5.64
C LEU D 221 39.18 -13.61 -4.78
N VAL D 222 39.60 -13.64 -3.52
CA VAL D 222 39.28 -12.56 -2.59
C VAL D 222 40.22 -11.39 -2.83
N ASN D 223 41.50 -11.70 -3.02
CA ASN D 223 42.49 -10.70 -3.38
C ASN D 223 42.12 -9.95 -4.65
N GLY D 224 41.49 -10.66 -5.59
CA GLY D 224 41.10 -10.07 -6.85
C GLY D 224 39.74 -9.42 -6.78
N LEU D 225 39.01 -9.62 -5.69
CA LEU D 225 37.68 -9.02 -5.55
C LEU D 225 37.84 -7.63 -4.99
N VAL D 226 38.73 -7.52 -4.01
CA VAL D 226 39.05 -6.23 -3.41
C VAL D 226 39.75 -5.35 -4.42
N ALA D 227 40.61 -5.97 -5.24
CA ALA D 227 41.37 -5.23 -6.25
C ALA D 227 40.49 -4.68 -7.36
N LEU D 228 39.31 -5.25 -7.53
CA LEU D 228 38.43 -4.79 -8.58
C LEU D 228 37.53 -3.71 -8.02
N MET D 229 37.11 -3.87 -6.77
CA MET D 229 36.29 -2.88 -6.09
C MET D 229 36.96 -1.50 -6.15
N ASN D 230 38.20 -1.44 -5.67
CA ASN D 230 38.97 -0.20 -5.64
C ASN D 230 39.72 0.14 -6.91
N SER D 231 39.09 -0.12 -8.04
CA SER D 231 39.67 0.20 -9.29
C SER D 231 38.67 1.02 -10.04
N ASN D 232 39.04 1.42 -11.25
CA ASN D 232 38.17 2.24 -12.07
C ASN D 232 37.65 1.47 -13.27
N VAL D 233 37.48 0.16 -13.11
CA VAL D 233 36.99 -0.62 -14.24
C VAL D 233 35.51 -0.93 -14.07
N SER D 234 34.73 -0.51 -15.03
CA SER D 234 33.29 -0.66 -14.96
C SER D 234 32.94 -1.99 -15.61
N SER D 235 33.59 -2.24 -16.75
CA SER D 235 33.39 -3.45 -17.54
C SER D 235 33.71 -4.72 -16.76
N PRO D 236 33.11 -5.87 -17.16
CA PRO D 236 33.30 -7.10 -16.38
C PRO D 236 34.75 -7.61 -16.42
N VAL D 237 35.23 -8.21 -15.33
CA VAL D 237 36.59 -8.73 -15.28
C VAL D 237 36.64 -10.18 -14.77
N ASN D 238 37.22 -11.08 -15.57
CA ASN D 238 37.34 -12.50 -15.26
C ASN D 238 38.22 -12.75 -14.03
N LEU D 239 37.66 -13.41 -13.03
CA LEU D 239 38.47 -13.85 -11.91
C LEU D 239 38.55 -15.40 -11.87
N GLY D 240 39.63 -15.94 -12.43
CA GLY D 240 39.81 -17.38 -12.51
C GLY D 240 41.27 -17.81 -12.55
N ASN D 241 41.50 -19.11 -12.65
CA ASN D 241 42.86 -19.64 -12.77
C ASN D 241 43.02 -20.28 -14.13
N PRO D 242 43.87 -19.71 -14.99
CA PRO D 242 44.02 -20.13 -16.38
C PRO D 242 44.86 -21.40 -16.53
N GLU D 243 44.66 -22.34 -15.63
CA GLU D 243 45.37 -23.61 -15.69
C GLU D 243 44.36 -24.75 -15.69
N GLU D 244 43.96 -25.17 -16.89
CA GLU D 244 43.05 -26.30 -17.10
C GLU D 244 43.64 -27.66 -16.73
N HIS D 245 42.83 -28.50 -16.09
CA HIS D 245 43.15 -29.90 -15.95
C HIS D 245 41.92 -30.69 -16.36
N THR D 246 42.13 -31.85 -16.96
CA THR D 246 41.01 -32.70 -17.37
C THR D 246 40.29 -33.25 -16.15
N ILE D 247 39.04 -33.67 -16.34
CA ILE D 247 38.26 -34.29 -15.27
C ILE D 247 38.97 -35.51 -14.66
N LEU D 248 39.47 -36.41 -15.50
CA LEU D 248 40.14 -37.60 -14.99
C LEU D 248 41.44 -37.24 -14.26
N GLU D 249 42.12 -36.20 -14.73
CA GLU D 249 43.33 -35.70 -14.07
C GLU D 249 43.08 -35.31 -12.61
N PHE D 250 41.97 -34.61 -12.36
CA PHE D 250 41.58 -34.19 -11.03
C PHE D 250 41.31 -35.37 -10.10
N ALA D 251 40.71 -36.43 -10.62
CA ALA D 251 40.37 -37.59 -9.80
C ALA D 251 41.61 -38.34 -9.27
N GLN D 252 42.64 -38.49 -10.11
CA GLN D 252 43.86 -39.19 -9.68
C GLN D 252 44.77 -38.24 -8.89
N LEU D 253 44.65 -36.96 -9.15
CA LEU D 253 45.44 -35.97 -8.42
C LEU D 253 45.08 -35.96 -6.93
N ILE D 254 43.78 -35.82 -6.66
CA ILE D 254 43.28 -35.68 -5.30
C ILE D 254 43.51 -36.95 -4.49
N LYS D 255 43.43 -38.09 -5.16
CA LYS D 255 43.75 -39.37 -4.54
C LYS D 255 45.15 -39.35 -3.91
N ASN D 256 46.17 -38.96 -4.66
CA ASN D 256 47.55 -38.91 -4.15
C ASN D 256 47.78 -37.85 -3.07
N LEU D 257 46.77 -37.02 -2.83
CA LEU D 257 46.82 -36.02 -1.76
C LEU D 257 46.11 -36.55 -0.53
N VAL D 258 44.97 -37.21 -0.74
CA VAL D 258 44.25 -37.88 0.32
C VAL D 258 45.01 -39.14 0.75
N GLY D 259 45.56 -39.86 -0.22
CA GLY D 259 46.35 -41.05 0.06
C GLY D 259 45.52 -42.14 0.71
N SER D 260 44.32 -42.33 0.18
CA SER D 260 43.38 -43.34 0.68
C SER D 260 43.12 -44.44 -0.35
N GLY D 261 42.63 -45.58 0.11
CA GLY D 261 42.29 -46.66 -0.79
C GLY D 261 40.99 -46.40 -1.55
N SER D 262 41.07 -45.58 -2.59
CA SER D 262 39.90 -45.27 -3.41
C SER D 262 40.17 -45.51 -4.88
N GLU D 263 39.19 -46.06 -5.59
CA GLU D 263 39.36 -46.34 -7.01
C GLU D 263 38.56 -45.39 -7.88
N ILE D 264 38.92 -45.33 -9.15
CA ILE D 264 38.21 -44.54 -10.15
C ILE D 264 37.33 -45.45 -11.01
N GLN D 265 36.09 -45.04 -11.25
CA GLN D 265 35.18 -45.82 -12.09
C GLN D 265 34.34 -44.94 -13.02
N PHE D 266 34.41 -45.24 -14.31
CA PHE D 266 33.74 -44.45 -15.35
C PHE D 266 32.23 -44.73 -15.42
N LEU D 267 31.53 -43.87 -16.16
CA LEU D 267 30.08 -44.00 -16.32
C LEU D 267 29.70 -44.07 -17.79
N ARG D 277 35.25 -23.71 -20.50
CA ARG D 277 35.51 -22.29 -20.73
C ARG D 277 36.79 -21.85 -20.02
N LYS D 278 37.89 -21.77 -20.76
CA LYS D 278 39.20 -21.51 -20.15
C LYS D 278 39.35 -20.04 -19.76
N PRO D 279 39.56 -19.77 -18.47
CA PRO D 279 39.57 -18.37 -17.97
C PRO D 279 40.72 -17.54 -18.53
N ASP D 280 40.37 -16.46 -19.24
CA ASP D 280 41.36 -15.48 -19.68
C ASP D 280 41.42 -14.34 -18.65
N ILE D 281 42.59 -14.04 -18.12
CA ILE D 281 42.70 -13.07 -17.04
C ILE D 281 43.70 -11.95 -17.34
N LYS D 282 43.88 -11.66 -18.63
CA LYS D 282 44.84 -10.66 -19.05
C LYS D 282 44.35 -9.28 -18.65
N LYS D 283 43.04 -9.06 -18.75
CA LYS D 283 42.49 -7.78 -18.34
C LYS D 283 42.66 -7.53 -16.84
N ALA D 284 42.50 -8.56 -16.03
CA ALA D 284 42.73 -8.39 -14.61
C ALA D 284 44.22 -8.21 -14.31
N LYS D 285 45.06 -8.76 -15.17
CA LYS D 285 46.50 -8.67 -14.97
C LYS D 285 46.99 -7.23 -15.03
N LEU D 286 46.61 -6.55 -16.11
CA LEU D 286 47.16 -5.24 -16.44
C LEU D 286 46.45 -4.09 -15.70
N MET D 287 45.15 -4.25 -15.46
CA MET D 287 44.39 -3.23 -14.77
C MET D 287 44.61 -3.33 -13.25
N LEU D 288 44.45 -4.55 -12.72
CA LEU D 288 44.45 -4.81 -11.28
C LEU D 288 45.78 -5.29 -10.72
N GLY D 289 46.69 -5.73 -11.60
CA GLY D 289 47.94 -6.30 -11.12
C GLY D 289 47.67 -7.52 -10.26
N TRP D 290 46.68 -8.32 -10.68
CA TRP D 290 46.27 -9.49 -9.92
C TRP D 290 46.41 -10.77 -10.73
N GLU D 291 46.86 -11.82 -10.07
CA GLU D 291 46.93 -13.14 -10.67
C GLU D 291 46.96 -14.20 -9.57
N PRO D 292 46.48 -15.44 -9.87
CA PRO D 292 46.58 -16.53 -8.89
C PRO D 292 48.04 -16.80 -8.52
N VAL D 293 48.33 -16.76 -7.23
CA VAL D 293 49.69 -16.94 -6.73
C VAL D 293 49.86 -18.27 -5.98
N VAL D 294 48.72 -18.91 -5.70
CA VAL D 294 48.67 -20.14 -4.90
C VAL D 294 48.74 -21.37 -5.80
N PRO D 295 49.76 -22.22 -5.59
CA PRO D 295 49.81 -23.43 -6.41
C PRO D 295 48.62 -24.34 -6.14
N LEU D 296 48.23 -25.08 -7.17
CA LEU D 296 47.10 -25.98 -7.09
C LEU D 296 47.28 -27.02 -6.00
N GLU D 297 48.51 -27.51 -5.86
CA GLU D 297 48.78 -28.56 -4.90
C GLU D 297 48.52 -28.09 -3.48
N GLU D 298 49.05 -26.92 -3.14
CA GLU D 298 48.87 -26.35 -1.82
C GLU D 298 47.39 -26.04 -1.58
N GLY D 299 46.71 -25.58 -2.63
CA GLY D 299 45.30 -25.27 -2.55
C GLY D 299 44.44 -26.45 -2.13
N LEU D 300 44.56 -27.54 -2.88
CA LEU D 300 43.78 -28.76 -2.67
C LEU D 300 44.00 -29.38 -1.30
N ASN D 301 45.23 -29.23 -0.79
CA ASN D 301 45.58 -29.73 0.53
C ASN D 301 44.82 -29.01 1.61
N LYS D 302 44.79 -27.68 1.51
CA LYS D 302 44.11 -26.83 2.46
C LYS D 302 42.60 -27.14 2.45
N ALA D 303 42.06 -27.42 1.25
CA ALA D 303 40.66 -27.81 1.08
C ALA D 303 40.34 -29.20 1.65
N ILE D 304 41.24 -30.17 1.44
CA ILE D 304 41.06 -31.49 2.01
C ILE D 304 41.10 -31.38 3.54
N HIS D 305 41.92 -30.48 4.05
CA HIS D 305 42.04 -30.29 5.49
C HIS D 305 40.73 -29.72 6.09
N TYR D 306 39.98 -28.96 5.30
CA TYR D 306 38.63 -28.52 5.70
C TYR D 306 37.67 -29.70 5.73
N PHE D 307 37.59 -30.43 4.62
CA PHE D 307 36.66 -31.56 4.46
C PHE D 307 36.89 -32.65 5.50
N ARG D 308 38.16 -32.99 5.73
CA ARG D 308 38.54 -34.06 6.65
C ARG D 308 38.22 -33.68 8.11
N LYS D 309 38.38 -32.40 8.46
CA LYS D 309 38.05 -31.89 9.79
C LYS D 309 36.56 -31.94 10.04
N GLU D 310 35.79 -31.42 9.08
CA GLU D 310 34.33 -31.49 9.13
C GLU D 310 33.86 -32.93 9.39
N LEU D 311 34.10 -33.85 8.47
CA LEU D 311 33.74 -35.26 8.66
C LEU D 311 34.40 -35.90 9.89
N ARG E 6 0.59 -32.11 12.99
CA ARG E 6 1.26 -30.87 12.57
C ARG E 6 1.73 -30.03 13.76
N ILE E 7 3.04 -30.04 13.99
CA ILE E 7 3.61 -29.38 15.16
C ILE E 7 4.58 -28.28 14.76
N LEU E 8 4.49 -27.15 15.47
CA LEU E 8 5.36 -26.00 15.25
C LEU E 8 6.23 -25.74 16.46
N ILE E 9 7.55 -25.72 16.25
CA ILE E 9 8.49 -25.50 17.34
C ILE E 9 9.26 -24.21 17.12
N THR E 10 8.91 -23.15 17.85
CA THR E 10 9.70 -21.93 17.73
C THR E 10 10.97 -22.10 18.54
N GLY E 11 12.08 -21.66 17.95
CA GLY E 11 13.38 -21.71 18.59
C GLY E 11 13.85 -23.14 18.63
N GLY E 12 13.38 -23.92 17.66
CA GLY E 12 13.68 -25.34 17.59
C GLY E 12 15.05 -25.67 17.05
N ALA E 13 15.81 -24.66 16.66
CA ALA E 13 17.21 -24.87 16.27
C ALA E 13 18.12 -24.63 17.47
N GLY E 14 17.57 -24.78 18.67
CA GLY E 14 18.33 -24.50 19.88
C GLY E 14 18.79 -25.73 20.61
N PHE E 15 19.26 -25.53 21.82
CA PHE E 15 19.62 -26.60 22.73
C PHE E 15 18.46 -27.56 22.94
N VAL E 16 17.33 -27.05 23.41
CA VAL E 16 16.24 -27.95 23.78
C VAL E 16 15.38 -28.21 22.56
N GLY E 17 15.24 -27.19 21.71
CA GLY E 17 14.36 -27.25 20.57
C GLY E 17 14.75 -28.34 19.59
N SER E 18 16.05 -28.57 19.44
CA SER E 18 16.56 -29.48 18.41
C SER E 18 16.45 -30.93 18.85
N HIS E 19 16.66 -31.20 20.14
CA HIS E 19 16.37 -32.52 20.65
C HIS E 19 14.86 -32.75 20.65
N LEU E 20 14.10 -31.68 20.87
CA LEU E 20 12.65 -31.76 20.80
C LEU E 20 12.22 -32.05 19.37
N THR E 21 12.87 -31.37 18.43
CA THR E 21 12.65 -31.54 17.00
C THR E 21 12.87 -32.99 16.53
N ASP E 22 13.95 -33.62 17.01
CA ASP E 22 14.28 -35.00 16.62
C ASP E 22 13.20 -35.96 17.10
N LYS E 23 12.86 -35.89 18.38
CA LYS E 23 11.88 -36.81 18.94
C LYS E 23 10.54 -36.73 18.25
N LEU E 24 10.15 -35.53 17.83
CA LEU E 24 8.85 -35.39 17.20
C LEU E 24 8.90 -35.81 15.74
N MET E 25 10.09 -35.71 15.14
CA MET E 25 10.28 -36.16 13.76
C MET E 25 10.41 -37.69 13.71
N MET E 26 10.88 -38.30 14.79
CA MET E 26 10.93 -39.78 14.90
C MET E 26 9.53 -40.41 14.97
N ASP E 27 8.59 -39.69 15.60
CA ASP E 27 7.19 -40.13 15.75
C ASP E 27 6.36 -39.82 14.50
N GLY E 28 6.96 -39.07 13.57
CA GLY E 28 6.37 -38.82 12.27
C GLY E 28 5.42 -37.65 12.17
N HIS E 29 5.60 -36.65 13.04
CA HIS E 29 4.76 -35.45 13.02
C HIS E 29 5.31 -34.46 12.02
N GLU E 30 4.43 -33.68 11.39
CA GLU E 30 4.88 -32.69 10.43
C GLU E 30 5.52 -31.52 11.16
N VAL E 31 6.75 -31.69 11.63
CA VAL E 31 7.41 -30.63 12.40
C VAL E 31 7.75 -29.45 11.53
N THR E 32 7.44 -28.24 12.01
CA THR E 32 7.95 -27.02 11.40
C THR E 32 8.78 -26.24 12.39
N VAL E 33 10.05 -26.03 12.09
CA VAL E 33 10.84 -25.25 13.03
C VAL E 33 11.01 -23.82 12.56
N VAL E 34 10.57 -22.90 13.41
CA VAL E 34 10.72 -21.48 13.16
C VAL E 34 11.86 -20.96 14.01
N ASP E 35 12.86 -20.34 13.39
CA ASP E 35 13.99 -19.81 14.13
C ASP E 35 14.71 -18.65 13.41
N ASN E 36 15.43 -17.84 14.18
CA ASN E 36 16.09 -16.65 13.64
C ASN E 36 17.63 -16.76 13.78
N PHE E 37 18.05 -17.88 14.34
CA PHE E 37 19.45 -18.24 14.53
C PHE E 37 20.21 -17.24 15.36
N PHE E 38 19.50 -16.38 16.09
CA PHE E 38 20.15 -15.40 16.96
C PHE E 38 21.09 -16.11 17.94
N THR E 39 20.61 -17.19 18.57
CA THR E 39 21.46 -18.05 19.40
C THR E 39 21.48 -19.51 18.91
N GLY E 40 20.52 -19.86 18.07
CA GLY E 40 20.40 -21.23 17.57
C GLY E 40 21.18 -21.52 16.30
N ARG E 41 21.87 -22.65 16.31
CA ARG E 41 22.69 -23.08 15.20
C ARG E 41 21.91 -24.00 14.27
N LYS E 42 21.85 -23.65 12.99
CA LYS E 42 21.17 -24.44 11.97
C LYS E 42 21.70 -25.87 11.87
N ARG E 43 22.91 -26.12 12.40
CA ARG E 43 23.53 -27.46 12.38
C ARG E 43 22.76 -28.45 13.26
N ASN E 44 22.10 -27.91 14.27
CA ASN E 44 21.36 -28.69 15.25
C ASN E 44 20.22 -29.49 14.62
N VAL E 45 19.70 -29.03 13.50
CA VAL E 45 18.52 -29.64 12.92
C VAL E 45 18.68 -29.95 11.43
N GLU E 46 19.87 -29.72 10.90
CA GLU E 46 20.08 -29.79 9.46
C GLU E 46 19.93 -31.23 8.94
N HIS E 47 20.08 -32.20 9.82
CA HIS E 47 19.97 -33.61 9.46
C HIS E 47 18.52 -34.02 9.17
N TRP E 48 17.59 -33.09 9.35
CA TRP E 48 16.19 -33.35 9.04
C TRP E 48 15.77 -32.64 7.76
N ILE E 49 16.59 -31.70 7.31
CA ILE E 49 16.21 -30.90 6.15
C ILE E 49 16.14 -31.79 4.91
N GLY E 50 14.99 -31.80 4.26
CA GLY E 50 14.82 -32.55 3.03
C GLY E 50 13.67 -33.53 3.11
N HIS E 51 13.39 -34.01 4.32
CA HIS E 51 12.34 -35.00 4.53
C HIS E 51 10.97 -34.35 4.42
N GLU E 52 9.95 -35.18 4.20
CA GLU E 52 8.62 -34.66 3.94
C GLU E 52 8.00 -34.01 5.17
N ASN E 53 8.35 -34.49 6.35
CA ASN E 53 7.74 -34.03 7.60
C ASN E 53 8.37 -32.76 8.17
N PHE E 54 9.63 -32.51 7.83
CA PHE E 54 10.34 -31.38 8.41
C PHE E 54 10.32 -30.15 7.51
N GLU E 55 10.31 -28.98 8.14
CA GLU E 55 10.41 -27.72 7.43
C GLU E 55 11.09 -26.71 8.33
N LEU E 56 12.10 -26.04 7.79
CA LEU E 56 12.86 -25.00 8.50
C LEU E 56 12.61 -23.64 7.87
N ILE E 57 12.19 -22.70 8.72
CA ILE E 57 11.78 -21.36 8.29
C ILE E 57 12.62 -20.32 9.00
N ASN E 58 13.37 -19.51 8.24
CA ASN E 58 14.09 -18.39 8.83
C ASN E 58 13.15 -17.23 9.13
N HIS E 59 12.76 -17.10 10.40
CA HIS E 59 11.71 -16.17 10.81
C HIS E 59 11.88 -15.70 12.25
N ASP E 60 11.61 -14.41 12.49
CA ASP E 60 11.74 -13.79 13.81
C ASP E 60 10.34 -13.71 14.41
N VAL E 61 10.15 -14.10 15.67
CA VAL E 61 8.78 -14.27 16.16
C VAL E 61 8.05 -12.93 16.32
N VAL E 62 8.81 -11.84 16.44
CA VAL E 62 8.28 -10.48 16.57
C VAL E 62 7.54 -10.05 15.29
N GLU E 63 7.84 -10.75 14.21
CA GLU E 63 7.08 -10.61 12.98
C GLU E 63 6.00 -11.66 12.99
N PRO E 64 4.77 -11.26 12.68
CA PRO E 64 3.63 -12.20 12.70
C PRO E 64 3.89 -13.37 11.76
N LEU E 65 3.51 -14.55 12.23
CA LEU E 65 3.68 -15.80 11.51
C LEU E 65 2.33 -16.44 11.21
N TYR E 66 2.02 -16.64 9.93
CA TYR E 66 0.75 -17.25 9.57
C TYR E 66 0.96 -18.65 8.98
N ILE E 67 0.87 -19.66 9.84
CA ILE E 67 1.05 -21.05 9.44
C ILE E 67 -0.11 -21.85 10.02
N GLU E 68 -0.30 -23.08 9.56
CA GLU E 68 -1.42 -23.93 9.98
C GLU E 68 -0.94 -25.14 10.78
N VAL E 69 -0.91 -25.05 12.11
CA VAL E 69 -0.42 -26.16 12.93
C VAL E 69 -1.39 -26.58 14.03
N ASP E 70 -1.08 -27.66 14.71
CA ASP E 70 -2.00 -28.24 15.70
C ASP E 70 -1.50 -27.93 17.10
N GLN E 71 -0.19 -28.03 17.26
CA GLN E 71 0.46 -27.77 18.52
C GLN E 71 1.56 -26.75 18.29
N ILE E 72 1.87 -25.96 19.32
CA ILE E 72 2.95 -24.98 19.20
C ILE E 72 3.88 -25.10 20.39
N TYR E 73 5.09 -25.59 20.16
CA TYR E 73 6.06 -25.64 21.24
C TYR E 73 6.84 -24.33 21.23
N HIS E 74 6.27 -23.29 21.85
CA HIS E 74 6.90 -21.97 21.84
C HIS E 74 8.10 -21.91 22.79
N LEU E 75 9.29 -22.12 22.22
CA LEU E 75 10.54 -22.16 22.97
C LEU E 75 11.47 -21.03 22.60
N ALA E 76 10.98 -20.07 21.83
CA ALA E 76 11.82 -18.98 21.36
C ALA E 76 12.18 -18.01 22.49
N SER E 77 13.47 -18.01 22.86
CA SER E 77 14.03 -17.08 23.83
C SER E 77 15.57 -17.10 23.79
N PRO E 78 16.18 -15.96 23.45
CA PRO E 78 17.63 -15.84 23.36
C PRO E 78 18.32 -15.92 24.73
N ASN E 87 22.57 -8.11 24.66
CA ASN E 87 21.49 -7.43 23.96
C ASN E 87 20.16 -7.71 24.63
N PRO E 88 19.88 -7.02 25.74
CA PRO E 88 18.68 -7.31 26.54
C PRO E 88 17.36 -6.85 25.91
N ILE E 89 17.41 -5.84 25.04
CA ILE E 89 16.19 -5.29 24.43
C ILE E 89 15.49 -6.24 23.47
N LYS E 90 16.26 -6.89 22.60
CA LYS E 90 15.70 -7.89 21.68
C LYS E 90 15.16 -9.09 22.46
N THR E 91 15.78 -9.39 23.60
CA THR E 91 15.30 -10.52 24.40
C THR E 91 13.93 -10.22 25.01
N LEU E 92 13.70 -8.95 25.35
CA LEU E 92 12.42 -8.54 25.92
C LEU E 92 11.34 -8.45 24.84
N LYS E 93 11.70 -7.99 23.64
CA LYS E 93 10.73 -7.94 22.56
C LYS E 93 10.32 -9.36 22.15
N THR E 94 11.27 -10.29 22.21
CA THR E 94 10.98 -11.68 21.87
C THR E 94 10.03 -12.33 22.88
N ASN E 95 10.34 -12.18 24.16
CA ASN E 95 9.54 -12.79 25.19
C ASN E 95 8.12 -12.23 25.24
N THR E 96 7.97 -10.93 24.98
CA THR E 96 6.66 -10.30 25.06
C THR E 96 5.88 -10.38 23.74
N ILE E 97 6.34 -9.67 22.71
CA ILE E 97 5.64 -9.64 21.45
C ILE E 97 5.58 -11.01 20.78
N GLY E 98 6.75 -11.66 20.70
CA GLY E 98 6.85 -12.98 20.11
C GLY E 98 5.87 -13.98 20.69
N THR E 99 5.71 -13.95 22.00
CA THR E 99 4.71 -14.77 22.68
C THR E 99 3.28 -14.31 22.30
N LEU E 100 3.05 -13.01 22.27
CA LEU E 100 1.74 -12.49 21.85
C LEU E 100 1.42 -12.86 20.42
N ASN E 101 2.45 -13.08 19.60
CA ASN E 101 2.21 -13.49 18.23
C ASN E 101 1.89 -14.98 18.09
N MET E 102 2.39 -15.82 19.00
CA MET E 102 2.08 -17.24 18.93
C MET E 102 0.71 -17.52 19.56
N LEU E 103 0.37 -16.81 20.63
CA LEU E 103 -0.96 -16.95 21.23
C LEU E 103 -2.02 -16.44 20.26
N GLY E 104 -1.63 -15.46 19.45
CA GLY E 104 -2.50 -15.00 18.41
C GLY E 104 -2.60 -16.03 17.30
N LEU E 105 -1.51 -16.74 17.04
CA LEU E 105 -1.53 -17.80 16.02
C LEU E 105 -2.36 -18.98 16.54
N ALA E 106 -2.06 -19.38 17.77
CA ALA E 106 -2.84 -20.36 18.48
C ALA E 106 -4.36 -20.04 18.37
N LYS E 107 -4.76 -18.85 18.85
CA LYS E 107 -6.17 -18.46 18.83
C LYS E 107 -6.79 -18.49 17.44
N ARG E 108 -5.96 -18.31 16.42
CA ARG E 108 -6.41 -18.14 15.05
C ARG E 108 -6.62 -19.48 14.38
N VAL E 109 -5.78 -20.45 14.74
CA VAL E 109 -5.83 -21.75 14.09
C VAL E 109 -6.17 -22.86 15.07
N GLY E 110 -6.70 -22.45 16.22
CA GLY E 110 -7.08 -23.38 17.25
C GLY E 110 -5.96 -24.36 17.56
N ALA E 111 -4.77 -23.83 17.77
CA ALA E 111 -3.64 -24.67 18.12
C ALA E 111 -3.40 -24.66 19.63
N ARG E 112 -3.02 -25.81 20.17
CA ARG E 112 -2.65 -25.92 21.57
C ARG E 112 -1.24 -25.39 21.76
N LEU E 113 -1.05 -24.50 22.75
CA LEU E 113 0.25 -23.87 22.91
C LEU E 113 0.99 -24.31 24.17
N LEU E 114 2.25 -24.72 24.01
CA LEU E 114 3.06 -24.97 25.19
C LEU E 114 4.10 -23.86 25.31
N LEU E 115 4.09 -23.18 26.45
CA LEU E 115 5.11 -22.20 26.76
C LEU E 115 6.30 -22.89 27.39
N ALA E 116 7.51 -22.36 27.14
CA ALA E 116 8.68 -22.89 27.80
C ALA E 116 9.18 -21.92 28.86
N SER E 117 8.46 -21.79 29.97
CA SER E 117 8.90 -20.86 31.01
C SER E 117 10.10 -21.40 31.81
N THR E 118 10.66 -20.57 32.68
CA THR E 118 11.83 -20.98 33.44
C THR E 118 11.54 -21.22 34.91
N SER E 119 12.51 -21.75 35.63
CA SER E 119 12.43 -21.84 37.07
C SER E 119 12.73 -20.48 37.70
N VAL E 153 5.90 -13.37 33.03
CA VAL E 153 5.20 -12.40 32.17
C VAL E 153 4.55 -13.04 30.95
N ALA E 154 5.31 -13.89 30.26
CA ALA E 154 4.73 -14.60 29.13
C ALA E 154 3.64 -15.56 29.65
N GLU E 155 3.89 -16.18 30.81
CA GLU E 155 2.89 -17.03 31.48
C GLU E 155 1.54 -16.33 31.59
N THR E 156 1.56 -15.10 32.12
CA THR E 156 0.34 -14.33 32.31
C THR E 156 -0.43 -14.13 31.01
N MET E 157 0.29 -13.98 29.90
CA MET E 157 -0.37 -13.77 28.62
C MET E 157 -1.03 -15.06 28.20
N CYS E 158 -0.33 -16.17 28.45
CA CYS E 158 -0.81 -17.51 28.13
C CYS E 158 -2.09 -17.86 28.88
N TYR E 159 -2.20 -17.46 30.15
CA TYR E 159 -3.44 -17.69 30.90
C TYR E 159 -4.47 -16.62 30.61
N ALA E 160 -4.03 -15.55 29.98
CA ALA E 160 -4.97 -14.52 29.58
C ALA E 160 -5.76 -14.97 28.36
N TYR E 161 -5.09 -15.65 27.45
CA TYR E 161 -5.70 -16.07 26.19
C TYR E 161 -6.57 -17.29 26.39
N MET E 162 -6.25 -18.06 27.44
CA MET E 162 -7.08 -19.20 27.82
C MET E 162 -8.40 -18.73 28.42
N LYS E 163 -8.34 -17.93 29.48
CA LYS E 163 -9.54 -17.39 30.07
C LYS E 163 -10.40 -16.61 29.04
N GLN E 164 -9.76 -15.73 28.27
CA GLN E 164 -10.49 -14.77 27.43
C GLN E 164 -10.84 -15.26 26.02
N GLU E 165 -9.94 -16.01 25.41
CA GLU E 165 -10.11 -16.46 24.02
C GLU E 165 -10.14 -17.96 23.91
N GLY E 166 -10.12 -18.63 25.06
CA GLY E 166 -10.22 -20.08 25.11
C GLY E 166 -9.10 -20.86 24.45
N VAL E 167 -7.88 -20.33 24.50
CA VAL E 167 -6.70 -21.00 23.95
C VAL E 167 -6.25 -22.13 24.87
N GLU E 168 -6.02 -23.33 24.32
CA GLU E 168 -5.47 -24.42 25.15
C GLU E 168 -4.00 -24.16 25.37
N VAL E 169 -3.58 -24.04 26.62
CA VAL E 169 -2.18 -23.74 26.86
C VAL E 169 -1.52 -24.70 27.83
N ARG E 170 -0.20 -24.78 27.71
CA ARG E 170 0.60 -25.64 28.57
C ARG E 170 1.82 -24.84 28.98
N VAL E 171 2.02 -24.68 30.28
CA VAL E 171 3.17 -23.93 30.73
C VAL E 171 4.07 -24.84 31.56
N ALA E 172 5.30 -24.98 31.07
CA ALA E 172 6.33 -25.80 31.70
C ALA E 172 7.44 -24.93 32.27
N ARG E 173 7.57 -24.92 33.58
CA ARG E 173 8.66 -24.22 34.22
C ARG E 173 9.91 -25.10 34.14
N ILE E 174 10.68 -24.89 33.08
CA ILE E 174 11.85 -25.70 32.80
C ILE E 174 12.96 -25.38 33.79
N PHE E 175 13.65 -26.41 34.27
CA PHE E 175 14.79 -26.23 35.14
C PHE E 175 16.10 -26.42 34.38
N ASN E 176 17.22 -26.41 35.11
CA ASN E 176 18.54 -26.51 34.51
C ASN E 176 18.82 -27.83 33.78
N THR E 177 19.03 -27.71 32.46
CA THR E 177 19.23 -28.87 31.61
C THR E 177 20.63 -28.88 30.99
N PHE E 178 21.15 -30.07 30.68
CA PHE E 178 22.47 -30.23 30.10
C PHE E 178 22.41 -31.32 29.02
N GLN E 216 19.58 -32.13 35.12
CA GLN E 216 18.63 -32.79 34.22
C GLN E 216 19.25 -32.98 32.83
N TYR E 217 18.93 -34.10 32.18
CA TYR E 217 19.42 -34.37 30.82
C TYR E 217 18.37 -34.02 29.77
N VAL E 218 18.82 -33.66 28.57
CA VAL E 218 17.95 -33.09 27.54
C VAL E 218 16.93 -34.08 26.96
N SER E 219 17.26 -35.36 26.98
CA SER E 219 16.36 -36.38 26.42
C SER E 219 15.13 -36.58 27.28
N ASP E 220 15.33 -36.43 28.59
CA ASP E 220 14.26 -36.57 29.56
C ASP E 220 13.41 -35.31 29.63
N LEU E 221 14.03 -34.16 29.36
CA LEU E 221 13.29 -32.91 29.29
C LEU E 221 12.33 -32.96 28.11
N VAL E 222 12.77 -33.56 27.01
CA VAL E 222 11.90 -33.65 25.84
C VAL E 222 10.75 -34.59 26.15
N ASN E 223 11.06 -35.70 26.80
CA ASN E 223 10.06 -36.60 27.33
C ASN E 223 9.05 -35.85 28.20
N GLY E 224 9.52 -34.94 29.03
CA GLY E 224 8.64 -34.12 29.87
C GLY E 224 7.80 -33.08 29.15
N LEU E 225 8.40 -32.42 28.16
CA LEU E 225 7.71 -31.41 27.39
C LEU E 225 6.67 -32.06 26.49
N VAL E 226 7.04 -33.13 25.80
CA VAL E 226 6.10 -33.85 24.94
C VAL E 226 4.93 -34.44 25.76
N ALA E 227 5.24 -34.95 26.95
CA ALA E 227 4.21 -35.49 27.84
C ALA E 227 3.27 -34.37 28.28
N LEU E 228 3.84 -33.22 28.61
CA LEU E 228 3.04 -32.11 29.14
C LEU E 228 2.12 -31.53 28.07
N MET E 229 2.59 -31.43 26.83
CA MET E 229 1.72 -31.00 25.74
C MET E 229 0.50 -31.90 25.58
N ASN E 230 0.71 -33.20 25.52
CA ASN E 230 -0.43 -34.09 25.30
C ASN E 230 -1.06 -34.59 26.60
N SER E 231 -1.38 -33.66 27.47
CA SER E 231 -2.03 -33.96 28.73
C SER E 231 -3.17 -32.95 28.93
N ASN E 232 -3.72 -32.86 30.14
CA ASN E 232 -4.86 -31.97 30.38
C ASN E 232 -4.55 -30.90 31.42
N VAL E 233 -3.30 -30.85 31.87
CA VAL E 233 -2.92 -29.89 32.89
C VAL E 233 -2.66 -28.50 32.30
N SER E 234 -3.52 -27.55 32.62
CA SER E 234 -3.34 -26.20 32.12
C SER E 234 -2.33 -25.43 32.96
N SER E 235 -2.42 -25.57 34.27
CA SER E 235 -1.58 -24.85 35.22
C SER E 235 -0.09 -25.14 34.99
N PRO E 236 0.81 -24.45 35.72
CA PRO E 236 2.25 -24.69 35.51
C PRO E 236 2.74 -26.04 36.03
N VAL E 237 3.72 -26.62 35.35
CA VAL E 237 4.32 -27.87 35.78
C VAL E 237 5.84 -27.82 35.66
N ASN E 238 6.55 -27.97 36.78
CA ASN E 238 8.01 -28.00 36.79
C ASN E 238 8.55 -29.25 36.09
N LEU E 239 9.71 -29.13 35.44
CA LEU E 239 10.33 -30.29 34.81
C LEU E 239 11.82 -30.36 35.15
N ASP E 280 10.68 -29.67 42.25
CA ASP E 280 9.54 -30.38 42.79
C ASP E 280 8.64 -30.95 41.69
N ILE E 281 9.00 -32.11 41.17
CA ILE E 281 8.26 -32.73 40.06
C ILE E 281 7.16 -33.66 40.57
N LYS E 282 6.69 -33.41 41.78
CA LYS E 282 5.64 -34.24 42.37
C LYS E 282 4.40 -34.22 41.50
N LYS E 283 4.17 -33.09 40.82
CA LYS E 283 2.98 -32.88 40.02
C LYS E 283 3.05 -33.57 38.64
N ALA E 284 4.24 -33.59 38.05
CA ALA E 284 4.41 -34.16 36.72
C ALA E 284 4.37 -35.68 36.76
N LYS E 285 5.01 -36.23 37.79
CA LYS E 285 5.04 -37.66 38.03
C LYS E 285 3.63 -38.20 38.22
N LEU E 286 2.78 -37.49 38.96
CA LEU E 286 1.42 -37.97 39.24
C LEU E 286 0.43 -37.67 38.11
N MET E 287 0.66 -36.55 37.41
CA MET E 287 -0.16 -36.19 36.26
C MET E 287 0.56 -36.56 34.96
N GLY F 11 -1.40 8.58 28.78
CA GLY F 11 -2.44 8.08 29.68
C GLY F 11 -3.04 9.15 30.55
N GLY F 12 -3.18 10.35 29.99
CA GLY F 12 -3.54 11.52 30.77
C GLY F 12 -5.03 11.79 30.94
N ALA F 13 -5.87 10.92 30.38
CA ALA F 13 -7.30 11.12 30.50
C ALA F 13 -7.87 10.36 31.71
N GLY F 14 -6.97 9.93 32.59
CA GLY F 14 -7.35 9.07 33.71
C GLY F 14 -7.37 9.75 35.06
N PHE F 15 -7.37 8.94 36.12
CA PHE F 15 -7.34 9.43 37.48
C PHE F 15 -6.05 10.20 37.73
N VAL F 16 -4.95 9.49 37.82
CA VAL F 16 -3.66 10.12 38.03
C VAL F 16 -3.27 10.95 36.81
N GLY F 17 -3.80 10.60 35.65
CA GLY F 17 -3.40 11.25 34.41
C GLY F 17 -3.89 12.68 34.33
N SER F 18 -5.13 12.87 34.75
CA SER F 18 -5.78 14.17 34.74
C SER F 18 -5.18 15.14 35.76
N HIS F 19 -4.91 14.63 36.96
CA HIS F 19 -4.30 15.44 38.02
C HIS F 19 -2.85 15.78 37.69
N LEU F 20 -2.24 14.98 36.82
CA LEU F 20 -0.87 15.23 36.42
C LEU F 20 -0.87 16.19 35.24
N THR F 21 -1.91 16.11 34.43
CA THR F 21 -2.10 17.07 33.36
C THR F 21 -2.37 18.45 33.94
N ASP F 22 -3.20 18.49 34.99
CA ASP F 22 -3.57 19.74 35.66
C ASP F 22 -2.36 20.49 36.21
N LYS F 23 -1.51 19.81 36.98
CA LYS F 23 -0.35 20.43 37.61
C LYS F 23 0.62 21.02 36.59
N LEU F 24 0.71 20.40 35.42
CA LEU F 24 1.71 20.79 34.44
C LEU F 24 1.23 21.95 33.55
N MET F 25 0.06 22.50 33.86
CA MET F 25 -0.46 23.66 33.15
C MET F 25 -0.49 24.91 34.04
N VAL F 34 -2.64 12.06 24.92
CA VAL F 34 -2.72 10.74 24.24
C VAL F 34 -3.41 9.65 25.08
N ASP F 35 -4.59 9.23 24.61
CA ASP F 35 -5.45 8.34 25.39
C ASP F 35 -6.54 7.70 24.52
N ASN F 36 -6.90 6.45 24.78
CA ASN F 36 -7.95 5.81 24.00
C ASN F 36 -9.32 5.73 24.68
N PHE F 37 -9.43 6.34 25.86
CA PHE F 37 -10.69 6.42 26.61
C PHE F 37 -11.24 5.04 26.93
N PHE F 38 -10.35 4.10 27.17
CA PHE F 38 -10.76 2.75 27.51
C PHE F 38 -11.24 2.78 28.95
N THR F 39 -10.38 3.28 29.83
CA THR F 39 -10.71 3.47 31.23
C THR F 39 -10.55 4.94 31.64
N GLY F 40 -10.34 5.81 30.65
CA GLY F 40 -10.28 7.24 30.88
C GLY F 40 -11.51 7.93 30.31
N ARG F 41 -11.68 9.21 30.63
CA ARG F 41 -12.83 10.00 30.15
C ARG F 41 -12.38 11.39 29.73
N LYS F 42 -13.06 11.97 28.73
CA LYS F 42 -12.73 13.30 28.23
C LYS F 42 -12.99 14.42 29.25
N ARG F 43 -14.01 14.22 30.09
CA ARG F 43 -14.37 15.19 31.12
C ARG F 43 -13.25 15.47 32.11
N ASN F 44 -12.23 14.60 32.12
CA ASN F 44 -11.13 14.69 33.08
C ASN F 44 -10.07 15.68 32.64
N VAL F 45 -10.12 16.03 31.35
CA VAL F 45 -9.17 16.97 30.75
C VAL F 45 -9.84 17.91 29.75
N GLU F 46 -11.16 17.95 29.69
CA GLU F 46 -11.82 18.72 28.64
C GLU F 46 -11.73 20.22 28.87
N HIS F 47 -11.37 20.61 30.10
CA HIS F 47 -11.19 22.02 30.45
C HIS F 47 -9.88 22.58 29.91
N TRP F 48 -9.13 21.76 29.19
CA TRP F 48 -7.87 22.19 28.59
C TRP F 48 -7.97 22.17 27.08
N ILE F 49 -9.13 21.80 26.55
CA ILE F 49 -9.27 21.71 25.11
C ILE F 49 -9.63 23.06 24.51
N ILE F 57 -5.24 13.82 21.69
CA ILE F 57 -5.24 12.83 20.61
C ILE F 57 -5.82 11.47 21.04
N ASN F 58 -6.74 10.95 20.24
CA ASN F 58 -7.33 9.63 20.44
C ASN F 58 -6.44 8.54 19.90
N HIS F 59 -5.42 8.16 20.67
CA HIS F 59 -4.45 7.17 20.19
C HIS F 59 -4.20 6.00 21.16
N ASP F 60 -4.23 4.78 20.64
CA ASP F 60 -3.85 3.59 21.39
C ASP F 60 -2.33 3.40 21.38
N VAL F 61 -1.68 3.39 22.55
CA VAL F 61 -0.22 3.31 22.63
C VAL F 61 0.37 2.02 22.06
N VAL F 62 -0.48 1.04 21.77
CA VAL F 62 -0.03 -0.18 21.11
C VAL F 62 0.48 0.14 19.71
N GLU F 63 -0.23 1.03 19.01
CA GLU F 63 0.23 1.56 17.72
C GLU F 63 1.37 2.54 17.93
N PRO F 64 2.39 2.49 17.06
CA PRO F 64 3.55 3.40 17.09
C PRO F 64 3.14 4.86 17.00
N LEU F 65 3.70 5.71 17.87
CA LEU F 65 3.34 7.13 17.88
C LEU F 65 4.55 8.03 17.64
N TYR F 66 4.37 9.03 16.79
CA TYR F 66 5.48 9.93 16.41
C TYR F 66 5.17 11.40 16.67
N ILE F 67 5.57 11.88 17.85
CA ILE F 67 5.52 13.31 18.16
C ILE F 67 6.75 13.73 18.97
N GLU F 68 7.24 14.94 18.71
CA GLU F 68 8.47 15.44 19.33
C GLU F 68 8.23 16.01 20.72
N VAL F 69 8.84 15.40 21.72
CA VAL F 69 8.68 15.81 23.11
C VAL F 69 9.99 15.73 23.89
N ASP F 70 9.93 16.10 25.16
CA ASP F 70 11.10 16.05 26.01
C ASP F 70 10.95 14.94 27.05
N GLN F 71 9.94 15.06 27.91
CA GLN F 71 9.68 14.06 28.95
C GLN F 71 8.45 13.24 28.63
N TYR F 86 -10.37 -7.12 34.00
CA TYR F 86 -11.56 -7.26 33.16
C TYR F 86 -11.18 -7.78 31.77
N ASN F 87 -10.42 -6.99 31.03
CA ASN F 87 -9.89 -7.45 29.75
C ASN F 87 -8.38 -7.55 29.85
N PRO F 88 -7.87 -8.75 30.17
CA PRO F 88 -6.45 -8.89 30.53
C PRO F 88 -5.52 -8.84 29.31
N ILE F 89 -6.00 -9.33 28.17
CA ILE F 89 -5.20 -9.28 26.96
C ILE F 89 -4.86 -7.82 26.60
N LYS F 90 -5.89 -7.00 26.45
CA LYS F 90 -5.69 -5.58 26.15
C LYS F 90 -4.80 -4.88 27.21
N THR F 91 -5.03 -5.17 28.47
CA THR F 91 -4.15 -4.71 29.55
C THR F 91 -2.70 -5.16 29.36
N LEU F 92 -2.47 -6.40 28.93
CA LEU F 92 -1.10 -6.92 28.80
C LEU F 92 -0.40 -6.39 27.55
N LYS F 93 -1.14 -6.35 26.45
CA LYS F 93 -0.67 -5.75 25.23
C LYS F 93 -0.37 -4.24 25.49
N THR F 94 -1.20 -3.56 26.29
CA THR F 94 -0.95 -2.14 26.53
C THR F 94 0.34 -1.90 27.30
N ASN F 95 0.52 -2.65 28.39
CA ASN F 95 1.68 -2.46 29.24
C ASN F 95 3.00 -2.85 28.57
N THR F 96 2.95 -3.80 27.63
CA THR F 96 4.19 -4.24 26.97
C THR F 96 4.46 -3.54 25.63
N ILE F 97 3.70 -3.91 24.60
CA ILE F 97 3.80 -3.26 23.30
C ILE F 97 3.72 -1.72 23.42
N GLY F 98 2.91 -1.23 24.35
CA GLY F 98 2.78 0.20 24.54
C GLY F 98 4.06 0.82 25.07
N THR F 99 4.59 0.24 26.14
CA THR F 99 5.76 0.78 26.81
C THR F 99 6.97 0.69 25.89
N LEU F 100 6.96 -0.33 25.04
CA LEU F 100 7.98 -0.51 24.01
C LEU F 100 7.98 0.66 23.05
N ASN F 101 6.78 1.08 22.63
CA ASN F 101 6.62 2.24 21.77
C ASN F 101 7.11 3.56 22.37
N MET F 102 6.73 3.82 23.61
CA MET F 102 7.08 5.08 24.23
C MET F 102 8.58 5.12 24.43
N LEU F 103 9.19 3.95 24.61
CA LEU F 103 10.64 3.83 24.69
C LEU F 103 11.26 3.88 23.27
N GLY F 104 10.49 3.48 22.27
CA GLY F 104 10.92 3.63 20.89
C GLY F 104 10.72 5.07 20.42
N LEU F 105 9.83 5.79 21.09
CA LEU F 105 9.63 7.21 20.82
C LEU F 105 10.66 8.04 21.58
N ALA F 106 10.86 7.70 22.85
CA ALA F 106 11.83 8.39 23.69
C ALA F 106 13.23 8.29 23.10
N LYS F 107 13.54 7.13 22.54
CA LYS F 107 14.85 6.91 21.94
C LYS F 107 14.99 7.73 20.68
N ARG F 108 13.90 7.82 19.90
CA ARG F 108 13.93 8.55 18.64
C ARG F 108 14.08 10.07 18.85
N VAL F 109 13.34 10.62 19.82
CA VAL F 109 13.35 12.06 20.07
C VAL F 109 14.17 12.44 21.28
N GLY F 110 14.98 11.50 21.77
CA GLY F 110 15.82 11.75 22.92
C GLY F 110 15.05 11.94 24.21
N VAL F 153 7.43 -5.79 34.57
CA VAL F 153 8.26 -6.13 33.41
C VAL F 153 8.55 -4.92 32.50
N ALA F 154 7.74 -3.88 32.61
CA ALA F 154 7.94 -2.69 31.80
C ALA F 154 9.11 -1.90 32.39
N GLU F 155 9.33 -2.10 33.68
CA GLU F 155 10.49 -1.54 34.34
C GLU F 155 11.77 -2.04 33.69
N THR F 156 11.83 -3.34 33.43
CA THR F 156 13.04 -3.96 32.88
C THR F 156 13.35 -3.40 31.49
N MET F 157 12.30 -3.15 30.71
CA MET F 157 12.47 -2.58 29.38
C MET F 157 13.04 -1.16 29.43
N CYS F 158 12.74 -0.44 30.51
CA CYS F 158 13.30 0.90 30.69
C CYS F 158 14.80 0.83 30.91
N TYR F 159 15.21 -0.13 31.72
CA TYR F 159 16.62 -0.30 32.07
C TYR F 159 17.41 -0.95 30.94
N ALA F 160 16.70 -1.69 30.08
CA ALA F 160 17.29 -2.27 28.87
C ALA F 160 17.60 -1.18 27.87
N TYR F 161 16.70 -0.22 27.74
CA TYR F 161 16.92 0.92 26.86
C TYR F 161 17.98 1.85 27.43
N MET F 162 17.99 1.99 28.75
CA MET F 162 18.99 2.83 29.40
C MET F 162 20.39 2.27 29.16
N LYS F 163 20.56 1.00 29.49
CA LYS F 163 21.86 0.34 29.42
C LYS F 163 22.36 0.25 27.99
N GLN F 164 21.42 0.04 27.06
CA GLN F 164 21.77 -0.23 25.68
C GLN F 164 21.62 0.99 24.76
N GLU F 165 20.50 1.72 24.86
CA GLU F 165 20.23 2.85 23.96
C GLU F 165 20.35 4.25 24.61
N GLY F 166 20.89 4.31 25.83
CA GLY F 166 21.17 5.57 26.50
C GLY F 166 19.94 6.42 26.80
N VAL F 167 18.77 5.80 26.84
CA VAL F 167 17.54 6.52 27.16
C VAL F 167 17.38 6.70 28.68
N GLU F 168 17.07 7.92 29.10
CA GLU F 168 16.94 8.24 30.51
C GLU F 168 15.57 7.84 31.05
N THR F 177 -3.60 4.77 46.28
CA THR F 177 -3.77 6.17 45.96
C THR F 177 -5.22 6.54 45.63
N PHE F 178 -5.79 7.48 46.37
CA PHE F 178 -7.17 7.91 46.16
C PHE F 178 -7.30 9.41 45.92
N GLY F 179 -8.45 9.83 45.38
CA GLY F 179 -8.75 11.24 45.13
C GLY F 179 -9.95 11.35 44.20
N PRO F 180 -10.33 12.58 43.80
CA PRO F 180 -11.38 12.77 42.79
C PRO F 180 -10.99 12.16 41.43
N ARG F 181 -11.98 11.92 40.57
CA ARG F 181 -11.74 11.32 39.24
C ARG F 181 -11.20 9.89 39.33
N MET F 182 -11.37 9.25 40.48
CA MET F 182 -10.87 7.90 40.64
C MET F 182 -11.93 6.87 40.29
N HIS F 183 -11.49 5.63 40.13
CA HIS F 183 -12.40 4.52 39.90
C HIS F 183 -13.11 4.20 41.18
N MET F 184 -14.44 4.24 41.15
CA MET F 184 -15.24 4.02 42.34
C MET F 184 -15.49 2.53 42.57
N ASN F 185 -15.71 1.82 41.46
CA ASN F 185 -16.08 0.42 41.51
C ASN F 185 -14.88 -0.53 41.38
N ASP F 186 -13.68 -0.05 41.70
CA ASP F 186 -12.48 -0.87 41.62
C ASP F 186 -12.50 -2.03 42.61
N GLY F 187 -12.91 -1.75 43.85
CA GLY F 187 -13.05 -2.77 44.87
C GLY F 187 -12.15 -2.49 46.07
N ARG F 188 -11.56 -1.30 46.06
CA ARG F 188 -10.65 -0.87 47.11
C ARG F 188 -11.37 -0.75 48.45
N VAL F 189 -10.67 -1.02 49.53
CA VAL F 189 -11.27 -1.03 50.87
C VAL F 189 -11.90 0.33 51.23
N VAL F 190 -11.14 1.40 51.03
CA VAL F 190 -11.61 2.75 51.30
C VAL F 190 -12.81 3.09 50.42
N SER F 191 -12.64 2.86 49.11
CA SER F 191 -13.71 3.10 48.14
C SER F 191 -15.01 2.38 48.48
N ASN F 192 -14.90 1.13 48.93
CA ASN F 192 -16.08 0.35 49.25
C ASN F 192 -16.85 0.98 50.39
N PHE F 193 -16.11 1.43 51.41
CA PHE F 193 -16.72 2.04 52.59
C PHE F 193 -17.49 3.30 52.27
N ILE F 194 -16.97 4.10 51.33
CA ILE F 194 -17.60 5.35 50.93
C ILE F 194 -18.93 5.10 50.21
N LEU F 195 -18.93 4.14 49.28
CA LEU F 195 -20.14 3.75 48.59
C LEU F 195 -21.22 3.21 49.54
N GLN F 196 -20.79 2.42 50.51
CA GLN F 196 -21.70 1.86 51.50
C GLN F 196 -22.20 2.95 52.45
N ALA F 197 -21.35 3.95 52.71
CA ALA F 197 -21.72 5.01 53.65
C ALA F 197 -22.66 5.99 52.99
N LEU F 198 -22.44 6.26 51.71
CA LEU F 198 -23.29 7.16 50.95
C LEU F 198 -24.63 6.50 50.65
N GLN F 199 -24.70 5.21 50.90
CA GLN F 199 -25.95 4.48 50.75
C GLN F 199 -26.31 3.70 52.02
N VAL F 218 -3.93 12.45 46.56
CA VAL F 218 -3.50 12.19 45.19
C VAL F 218 -2.61 13.30 44.63
N SER F 219 -2.86 14.54 45.04
CA SER F 219 -2.01 15.65 44.59
C SER F 219 -0.57 15.43 45.04
N ASP F 220 -0.41 14.66 46.13
CA ASP F 220 0.91 14.31 46.64
C ASP F 220 1.60 13.28 45.74
N LEU F 221 0.81 12.48 45.03
CA LEU F 221 1.39 11.56 44.05
C LEU F 221 1.85 12.33 42.82
N VAL F 222 1.09 13.35 42.46
CA VAL F 222 1.43 14.21 41.33
C VAL F 222 2.77 14.94 41.55
N ASN F 223 3.03 15.31 42.81
CA ASN F 223 4.28 15.96 43.17
C ASN F 223 5.44 14.97 43.15
N GLY F 224 5.18 13.76 43.62
CA GLY F 224 6.19 12.71 43.65
C GLY F 224 6.60 12.18 42.29
N LEU F 225 5.70 12.29 41.31
CA LEU F 225 6.03 11.94 39.92
C LEU F 225 6.88 13.04 39.30
N VAL F 226 6.56 14.29 39.61
CA VAL F 226 7.31 15.43 39.08
C VAL F 226 8.70 15.48 39.70
N ALA F 227 8.78 15.23 41.01
CA ALA F 227 10.05 15.27 41.74
C ALA F 227 11.03 14.19 41.28
N LEU F 228 10.54 12.98 40.99
CA LEU F 228 11.39 11.91 40.48
C LEU F 228 11.77 12.18 39.03
N MET F 229 10.90 12.89 38.33
CA MET F 229 11.11 13.16 36.92
C MET F 229 12.32 14.07 36.72
N ASN F 230 12.33 15.21 37.41
CA ASN F 230 13.38 16.22 37.22
C ASN F 230 14.62 15.99 38.08
N SER F 231 14.68 14.82 38.71
CA SER F 231 15.84 14.39 39.46
C SER F 231 16.67 13.38 38.65
N ASN F 232 17.84 13.04 39.16
CA ASN F 232 18.74 12.13 38.47
C ASN F 232 18.73 10.72 39.04
N VAL F 233 17.65 10.37 39.75
CA VAL F 233 17.52 9.03 40.34
C VAL F 233 16.63 8.14 39.47
N SER F 234 17.27 7.30 38.66
CA SER F 234 16.57 6.40 37.76
C SER F 234 16.18 5.09 38.45
N SER F 235 16.85 4.79 39.55
CA SER F 235 16.53 3.58 40.31
C SER F 235 15.07 3.66 40.78
N PRO F 236 14.42 2.51 40.96
CA PRO F 236 13.02 2.52 41.38
C PRO F 236 12.85 3.27 42.70
N VAL F 237 11.79 4.06 42.83
CA VAL F 237 11.54 4.82 44.05
C VAL F 237 10.08 4.66 44.49
N ASN F 238 9.85 4.18 45.71
CA ASN F 238 8.48 3.99 46.19
C ASN F 238 7.81 5.32 46.48
N LEU F 239 6.58 5.47 46.00
CA LEU F 239 5.78 6.67 46.30
C LEU F 239 4.51 6.29 47.08
N THR F 246 -5.56 1.21 60.07
CA THR F 246 -6.46 0.08 60.32
C THR F 246 -7.69 0.19 59.46
N ILE F 247 -8.41 -0.92 59.33
CA ILE F 247 -9.63 -0.94 58.55
C ILE F 247 -10.78 -0.27 59.32
N LEU F 248 -10.85 -0.50 60.62
CA LEU F 248 -11.94 0.03 61.43
C LEU F 248 -11.93 1.55 61.44
N GLU F 249 -10.74 2.15 61.57
CA GLU F 249 -10.64 3.59 61.76
C GLU F 249 -11.05 4.34 60.50
N PHE F 250 -10.86 3.70 59.35
CA PHE F 250 -11.36 4.24 58.10
C PHE F 250 -12.88 4.21 58.08
N ALA F 251 -13.44 3.09 58.51
CA ALA F 251 -14.88 2.93 58.56
C ALA F 251 -15.55 3.96 59.45
N GLN F 252 -14.95 4.21 60.62
CA GLN F 252 -15.53 5.15 61.59
C GLN F 252 -15.31 6.62 61.20
N LEU F 253 -14.31 6.87 60.36
CA LEU F 253 -14.04 8.22 59.87
C LEU F 253 -14.89 8.57 58.65
N ILE F 254 -15.02 7.62 57.73
CA ILE F 254 -15.84 7.83 56.53
C ILE F 254 -17.33 7.95 56.93
N LYS F 255 -17.71 7.26 58.00
CA LYS F 255 -19.09 7.34 58.49
C LYS F 255 -19.39 8.72 59.08
N ASN F 256 -18.41 9.29 59.77
CA ASN F 256 -18.52 10.64 60.32
C ASN F 256 -18.64 11.71 59.24
N LEU F 257 -17.80 11.61 58.21
CA LEU F 257 -17.77 12.64 57.16
C LEU F 257 -18.95 12.51 56.19
N VAL F 258 -19.71 11.42 56.32
CA VAL F 258 -20.92 11.22 55.52
C VAL F 258 -22.17 11.22 56.42
N ASP F 280 7.14 1.76 52.58
CA ASP F 280 8.39 2.44 52.93
C ASP F 280 8.83 3.44 51.86
N ILE F 281 8.86 4.72 52.24
CA ILE F 281 9.19 5.79 51.32
C ILE F 281 10.41 6.55 51.79
N LYS F 282 11.27 5.88 52.56
CA LYS F 282 12.47 6.53 53.07
C LYS F 282 13.41 6.95 51.94
N LYS F 283 13.33 6.23 50.82
CA LYS F 283 14.18 6.51 49.66
C LYS F 283 13.77 7.82 48.98
N ALA F 284 12.48 8.14 49.08
CA ALA F 284 11.95 9.39 48.53
C ALA F 284 12.19 10.56 49.50
N LYS F 285 12.67 10.25 50.70
CA LYS F 285 12.93 11.27 51.71
C LYS F 285 14.40 11.71 51.74
N LEU F 286 15.25 10.96 51.05
CA LEU F 286 16.69 11.25 51.01
C LEU F 286 17.18 11.58 49.60
N MET F 287 16.69 10.84 48.60
CA MET F 287 17.09 11.07 47.21
C MET F 287 16.27 12.21 46.58
N LEU F 288 15.07 12.45 47.13
CA LEU F 288 14.11 13.41 46.58
C LEU F 288 13.76 14.53 47.56
N GLY F 289 13.73 14.18 48.84
CA GLY F 289 13.35 15.13 49.87
C GLY F 289 11.86 15.35 49.87
N TRP F 290 11.14 14.44 49.21
CA TRP F 290 9.69 14.55 49.08
C TRP F 290 8.97 13.74 50.15
N GLU F 291 7.82 14.25 50.57
CA GLU F 291 6.95 13.52 51.48
C GLU F 291 5.50 13.94 51.27
N PRO F 292 4.55 13.02 51.48
CA PRO F 292 3.12 13.37 51.45
C PRO F 292 2.77 14.40 52.52
N VAL F 293 2.17 15.53 52.14
CA VAL F 293 1.91 16.62 53.09
C VAL F 293 0.43 16.85 53.35
N VAL F 294 -0.43 16.19 52.59
CA VAL F 294 -1.88 16.32 52.76
C VAL F 294 -2.38 15.34 53.80
N PRO F 295 -2.97 15.84 54.90
CA PRO F 295 -3.52 14.98 55.96
C PRO F 295 -4.63 14.04 55.46
N LEU F 296 -5.05 13.13 56.31
CA LEU F 296 -6.03 12.11 55.93
C LEU F 296 -7.43 12.66 55.72
N GLU F 297 -7.90 13.50 56.64
CA GLU F 297 -9.23 14.07 56.57
C GLU F 297 -9.40 15.03 55.40
N GLU F 298 -8.35 15.77 55.06
CA GLU F 298 -8.37 16.64 53.89
C GLU F 298 -8.49 15.81 52.60
N GLY F 299 -7.93 14.60 52.62
CA GLY F 299 -7.93 13.74 51.45
C GLY F 299 -9.22 12.97 51.23
N LEU F 300 -9.86 12.58 52.33
CA LEU F 300 -11.10 11.83 52.20
C LEU F 300 -12.28 12.73 51.82
N ASN F 301 -12.41 13.88 52.50
CA ASN F 301 -13.52 14.79 52.21
C ASN F 301 -13.55 15.21 50.73
N LYS F 302 -12.38 15.50 50.17
CA LYS F 302 -12.28 15.84 48.75
C LYS F 302 -12.69 14.67 47.86
N ALA F 303 -12.44 13.46 48.35
CA ALA F 303 -12.78 12.24 47.61
C ALA F 303 -14.27 11.94 47.77
N ILE F 304 -14.79 12.11 48.98
CA ILE F 304 -16.20 11.92 49.28
C ILE F 304 -17.08 12.83 48.44
N HIS F 305 -16.66 14.09 48.31
CA HIS F 305 -17.37 15.04 47.48
C HIS F 305 -17.56 14.50 46.07
N TYR F 306 -16.49 13.92 45.51
CA TYR F 306 -16.51 13.36 44.15
C TYR F 306 -17.43 12.16 44.04
N PHE F 307 -17.34 11.25 45.01
CA PHE F 307 -18.20 10.06 45.03
C PHE F 307 -19.68 10.44 45.11
N ARG F 308 -20.01 11.39 45.98
CA ARG F 308 -21.39 11.86 46.12
C ARG F 308 -21.88 12.48 44.80
N LYS F 309 -21.07 13.37 44.25
CA LYS F 309 -21.36 14.03 42.97
C LYS F 309 -21.73 13.03 41.88
N GLU F 310 -20.99 11.92 41.80
CA GLU F 310 -21.23 10.88 40.80
C GLU F 310 -22.52 10.07 41.04
N LEU F 311 -22.81 9.74 42.29
CA LEU F 311 -23.99 8.96 42.63
C LEU F 311 -25.28 9.72 42.39
N GLU F 312 -25.24 11.04 42.58
CA GLU F 312 -26.41 11.86 42.28
C GLU F 312 -26.65 11.90 40.78
N TYR F 313 -25.56 11.87 40.02
CA TYR F 313 -25.59 11.83 38.55
C TYR F 313 -26.15 10.51 38.03
N GLN F 314 -26.10 9.47 38.86
CA GLN F 314 -26.60 8.16 38.47
C GLN F 314 -28.07 8.01 38.82
N ALA F 315 -28.80 9.14 38.86
CA ALA F 315 -30.19 9.13 39.30
C ALA F 315 -31.02 10.20 38.59
#